data_8RWN
#
_entry.id   8RWN
#
_cell.length_a   1.00
_cell.length_b   1.00
_cell.length_c   1.00
_cell.angle_alpha   90.00
_cell.angle_beta   90.00
_cell.angle_gamma   90.00
#
_symmetry.space_group_name_H-M   'P 1'
#
loop_
_entity.id
_entity.type
_entity.pdbx_description
1 polymer 'H(2):CoB-CoM heterodisulfide,ferredoxin reductase subunit B'
2 polymer 'H(2):CoB-CoM heterodisulfide,ferredoxin reductase subunit C'
3 polymer 'H(2):CoB-CoM heterodisulfide,ferredoxin reductase subunit A'
4 non-polymer 'Non-cubane [4Fe-4S]-cluster'
5 non-polymer 'IRON/SULFUR CLUSTER'
6 non-polymer 'FLAVIN-ADENINE DINUCLEOTIDE'
7 water water
#
loop_
_entity_poly.entity_id
_entity_poly.type
_entity_poly.pdbx_seq_one_letter_code
_entity_poly.pdbx_strand_id
1 'polypeptide(L)'
;MEIAYFLGCIMNNRYPGIEKATRVLFDKLGIELKDMEGASCCPAPGVFGSFDKTTWAAIAARNITIAEDMGADIMTECNG
CFGSLFETNHLLKEDEEMKAKINEILKETGREYKGEVNVRHFAEVLYNDVGLDKLSELVEKPLNLNVAVHYGCHFLKPSD
EINIDNPERPTILDEIVEVTGAKSVEYKDKMMCCGAGGGVRSRDLDVALDFTREKLTNMKEAGVDAIVNVCPFCHLQFDV
GQMEIKDKFGEEFDIPVLHLAQLLGLAMGLPKEDLVVDAHQVCVDECLEKLEELDRLAPGSG
;
b,B
2 'polypeptide(L)'
;MTLLQREENIIRKGNIDKEFSEKIKAAGGDSLEYCFQCGTCTGSCPSGRRTPYRVRQIIRKANVGLKDEIISDPTLWMCT
TCYSCQERCPRKVKIVDVVKLARNEAAKAGFMAPAHKAVGSFVIKTGHGVPINDATMELRKAVGLGELPPTTHQFPEALE
EVQKIIKATGFDQLIGYNWETGELE
;
c,C
3 'polypeptide(L)'
;MAEEKKETMEEPKIGVYVCHCGVNIGGVVDVEAVRDYAAKLPNVVIAKDYKYYCSDPGQLEIQKDIKELGINRVVVAACS
PRLHEPTFRRCVEEAGLNQFLFEFANIREHDSWVHMDNPEGATEKAKDLVRMAVAKARLLEPLEASKVSVDDKALVIGGG
VAGIQAALDLADMGFKTYMVEKRPSISGRMGQLDKTFPTLDCSMCILAPKMVDVGKHDNIELITYAEVKEVDGYIGNFKV
KIEKKPRYIDEELCTGCGSCVEVCPIEMPNYFDEGIGMTKAVYIPFPQAVPLCATIDKDYCIECMLCDEVCERGAVKHDQ
EPEEIEIEVGTIIVATGYDAYDPTEKLEYGYGRHTNVITGLELERMINASGPTDGKVLKPSDGEKPKRVAFIHCVGSRDE
QIGKPYCSRVCCMYIMKNAQLIKDKMPDTEVTLYYMDIRAFGKGFEEFYKRSQEKYGIKFIRGRPAEVIENPDLTLTVRS
EDTLLGKVTEYDYDMVVLGVGLVPPEGAETLRQTIGLSKSADGFLMEAHPKLRPVDTLTDGVYLAGVAQGPKDIPDAVAQ
ASGAAARAAIPMVKGEVEIEPIIAVTDSDVCGGCEVCIELCPFGAISIEEGHANVNVALCKGCGTCVAACPSGAMDQQHF
KTEQIMAQIEAALNEPASK
;
A,a
#
loop_
_chem_comp.id
_chem_comp.type
_chem_comp.name
_chem_comp.formula
9S8 non-polymer 'Non-cubane [4Fe-4S]-cluster' 'Fe4 S4'
FAD non-polymer 'FLAVIN-ADENINE DINUCLEOTIDE' 'C27 H33 N9 O15 P2'
SF4 non-polymer 'IRON/SULFUR CLUSTER' 'Fe4 S4'
#
# COMPACT_ATOMS: atom_id res chain seq x y z
N MET A 1 -25.05 0.38 -51.30
CA MET A 1 -24.94 -0.98 -50.68
C MET A 1 -26.22 -1.36 -49.95
N GLU A 2 -26.19 -2.50 -49.28
CA GLU A 2 -27.34 -2.99 -48.53
C GLU A 2 -26.90 -3.31 -47.11
N ILE A 3 -27.79 -3.07 -46.16
CA ILE A 3 -27.50 -3.33 -44.75
C ILE A 3 -28.81 -3.63 -44.03
N ALA A 4 -28.79 -4.64 -43.17
CA ALA A 4 -29.97 -4.96 -42.37
C ALA A 4 -30.18 -3.88 -41.30
N TYR A 5 -31.44 -3.52 -41.11
CA TYR A 5 -31.82 -2.38 -40.27
C TYR A 5 -32.49 -2.91 -39.00
N PHE A 6 -31.78 -2.83 -37.88
CA PHE A 6 -32.33 -3.21 -36.58
C PHE A 6 -32.85 -1.96 -35.88
N LEU A 7 -34.10 -2.04 -35.40
CA LEU A 7 -34.79 -0.90 -34.83
C LEU A 7 -34.73 -0.86 -33.31
N GLY A 8 -34.80 -2.01 -32.65
CA GLY A 8 -34.86 -2.02 -31.20
C GLY A 8 -36.29 -1.85 -30.70
N CYS A 9 -36.42 -1.09 -29.62
CA CYS A 9 -37.72 -0.76 -29.05
C CYS A 9 -37.99 0.73 -29.01
N ILE A 10 -37.09 1.51 -28.41
CA ILE A 10 -37.42 2.89 -28.06
C ILE A 10 -37.61 3.73 -29.31
N MET A 11 -36.75 3.54 -30.32
CA MET A 11 -36.90 4.33 -31.54
C MET A 11 -38.22 4.00 -32.24
N ASN A 12 -38.53 2.72 -32.41
CA ASN A 12 -39.71 2.34 -33.17
C ASN A 12 -41.00 2.47 -32.36
N ASN A 13 -40.91 2.60 -31.05
CA ASN A 13 -42.09 2.57 -30.19
C ASN A 13 -42.30 3.83 -29.35
N ARG A 14 -41.36 4.75 -29.31
CA ARG A 14 -41.55 6.00 -28.57
C ARG A 14 -41.13 7.21 -29.38
N TYR A 15 -40.13 7.05 -30.25
CA TYR A 15 -39.57 8.15 -31.03
C TYR A 15 -39.43 7.71 -32.49
N PRO A 16 -40.55 7.52 -33.20
CA PRO A 16 -40.46 7.14 -34.62
C PRO A 16 -39.86 8.22 -35.51
N GLY A 17 -39.77 9.46 -35.04
CA GLY A 17 -39.11 10.48 -35.83
C GLY A 17 -37.66 10.14 -36.13
N ILE A 18 -36.97 9.52 -35.17
CA ILE A 18 -35.61 9.09 -35.40
C ILE A 18 -35.57 8.08 -36.55
N GLU A 19 -36.50 7.12 -36.54
CA GLU A 19 -36.56 6.12 -37.61
C GLU A 19 -36.87 6.76 -38.96
N LYS A 20 -37.82 7.70 -39.00
CA LYS A 20 -38.17 8.32 -40.28
C LYS A 20 -37.03 9.15 -40.83
N ALA A 21 -36.37 9.93 -39.97
CA ALA A 21 -35.22 10.70 -40.42
C ALA A 21 -34.11 9.77 -40.91
N THR A 22 -33.87 8.66 -40.21
CA THR A 22 -32.86 7.71 -40.65
C THR A 22 -33.21 7.14 -42.02
N ARG A 23 -34.47 6.77 -42.21
CA ARG A 23 -34.87 6.17 -43.48
C ARG A 23 -34.70 7.15 -44.63
N VAL A 24 -35.14 8.39 -44.45
CA VAL A 24 -34.98 9.39 -45.50
C VAL A 24 -33.51 9.65 -45.77
N LEU A 25 -32.71 9.80 -44.72
CA LEU A 25 -31.29 10.07 -44.89
C LEU A 25 -30.62 8.96 -45.69
N PHE A 26 -30.86 7.71 -45.30
CA PHE A 26 -30.20 6.59 -45.97
C PHE A 26 -30.72 6.43 -47.40
N ASP A 27 -31.99 6.77 -47.65
CA ASP A 27 -32.47 6.77 -49.03
C ASP A 27 -31.74 7.80 -49.87
N LYS A 28 -31.45 8.97 -49.30
CA LYS A 28 -30.70 9.97 -50.05
C LYS A 28 -29.28 9.52 -50.34
N LEU A 29 -28.72 8.66 -49.50
CA LEU A 29 -27.32 8.25 -49.61
C LEU A 29 -27.12 7.03 -50.48
N GLY A 30 -28.17 6.47 -51.07
CA GLY A 30 -28.02 5.30 -51.90
C GLY A 30 -27.73 4.02 -51.15
N ILE A 31 -28.09 3.96 -49.87
CA ILE A 31 -27.92 2.77 -49.06
C ILE A 31 -29.29 2.15 -48.82
N GLU A 32 -29.42 0.88 -49.18
CA GLU A 32 -30.69 0.17 -49.03
C GLU A 32 -30.80 -0.34 -47.61
N LEU A 33 -31.81 0.13 -46.88
CA LEU A 33 -32.11 -0.38 -45.55
C LEU A 33 -33.11 -1.52 -45.68
N LYS A 34 -32.69 -2.72 -45.28
CA LYS A 34 -33.53 -3.91 -45.35
C LYS A 34 -34.07 -4.24 -43.97
N ASP A 35 -35.39 -4.36 -43.87
CA ASP A 35 -36.02 -4.62 -42.58
C ASP A 35 -35.64 -6.00 -42.06
N MET A 36 -35.55 -6.09 -40.73
CA MET A 36 -35.29 -7.36 -40.05
C MET A 36 -36.61 -7.89 -39.50
N GLU A 37 -37.37 -8.52 -40.38
CA GLU A 37 -38.71 -8.96 -40.02
C GLU A 37 -38.66 -9.94 -38.85
N GLY A 38 -39.56 -9.74 -37.89
CA GLY A 38 -39.63 -10.61 -36.73
C GLY A 38 -38.62 -10.30 -35.64
N ALA A 39 -37.86 -9.21 -35.78
CA ALA A 39 -36.90 -8.85 -34.75
C ALA A 39 -37.61 -8.48 -33.45
N SER A 40 -36.92 -8.69 -32.34
CA SER A 40 -37.43 -8.42 -31.00
C SER A 40 -36.52 -7.41 -30.30
N CYS A 41 -36.77 -7.21 -29.01
CA CYS A 41 -35.80 -6.51 -28.18
C CYS A 41 -34.43 -7.16 -28.37
N CYS A 42 -33.37 -6.34 -28.32
CA CYS A 42 -32.06 -6.81 -28.77
C CYS A 42 -31.54 -8.05 -28.03
N PRO A 43 -31.77 -8.27 -26.71
CA PRO A 43 -32.55 -7.53 -25.71
C PRO A 43 -31.72 -6.58 -24.87
N ALA A 44 -32.35 -5.58 -24.27
CA ALA A 44 -31.66 -4.53 -23.51
C ALA A 44 -30.63 -5.13 -22.58
N PRO A 45 -29.35 -4.81 -22.73
CA PRO A 45 -28.33 -5.46 -21.89
C PRO A 45 -28.53 -5.20 -20.41
N GLY A 46 -29.01 -4.02 -20.03
CA GLY A 46 -29.06 -3.66 -18.62
C GLY A 46 -29.85 -4.66 -17.79
N VAL A 47 -31.02 -5.07 -18.26
CA VAL A 47 -31.88 -5.97 -17.50
C VAL A 47 -31.51 -7.42 -17.83
N PHE A 48 -31.61 -7.79 -19.10
CA PHE A 48 -31.44 -9.20 -19.46
C PHE A 48 -30.02 -9.68 -19.20
N GLY A 49 -29.01 -8.88 -19.57
CA GLY A 49 -27.65 -9.26 -19.28
C GLY A 49 -27.39 -9.39 -17.79
N SER A 50 -28.03 -8.53 -16.99
CA SER A 50 -27.87 -8.61 -15.54
C SER A 50 -28.57 -9.83 -14.96
N PHE A 51 -29.68 -10.26 -15.57
CA PHE A 51 -30.48 -11.34 -15.01
C PHE A 51 -29.96 -12.72 -15.44
N ASP A 52 -29.80 -12.94 -16.74
CA ASP A 52 -29.38 -14.23 -17.26
C ASP A 52 -28.60 -14.01 -18.54
N LYS A 53 -27.31 -14.36 -18.52
CA LYS A 53 -26.48 -14.18 -19.71
C LYS A 53 -26.99 -15.04 -20.86
N THR A 54 -27.42 -16.28 -20.57
CA THR A 54 -27.82 -17.20 -21.63
C THR A 54 -29.04 -16.68 -22.37
N THR A 55 -30.04 -16.18 -21.66
CA THR A 55 -31.23 -15.65 -22.31
C THR A 55 -30.89 -14.44 -23.17
N TRP A 56 -30.12 -13.51 -22.62
CA TRP A 56 -29.69 -12.34 -23.38
C TRP A 56 -29.00 -12.75 -24.67
N ALA A 57 -28.03 -13.66 -24.56
CA ALA A 57 -27.27 -14.09 -25.72
C ALA A 57 -28.15 -14.82 -26.74
N ALA A 58 -29.07 -15.67 -26.27
CA ALA A 58 -29.89 -16.42 -27.21
C ALA A 58 -30.82 -15.49 -27.99
N ILE A 59 -31.45 -14.53 -27.30
CA ILE A 59 -32.31 -13.58 -28.00
C ILE A 59 -31.50 -12.77 -29.00
N ALA A 60 -30.32 -12.29 -28.57
CA ALA A 60 -29.49 -11.51 -29.49
C ALA A 60 -29.06 -12.35 -30.69
N ALA A 61 -28.77 -13.63 -30.46
CA ALA A 61 -28.35 -14.51 -31.55
C ALA A 61 -29.49 -14.73 -32.54
N ARG A 62 -30.73 -14.86 -32.05
CA ARG A 62 -31.87 -14.93 -32.95
C ARG A 62 -31.97 -13.66 -33.79
N ASN A 63 -31.81 -12.50 -33.16
CA ASN A 63 -31.83 -11.24 -33.91
C ASN A 63 -30.74 -11.24 -34.98
N ILE A 64 -29.58 -11.80 -34.66
CA ILE A 64 -28.47 -11.82 -35.62
C ILE A 64 -28.77 -12.79 -36.77
N THR A 65 -29.38 -13.94 -36.46
CA THR A 65 -29.71 -14.88 -37.52
C THR A 65 -30.73 -14.30 -38.49
N ILE A 66 -31.60 -13.41 -38.00
CA ILE A 66 -32.53 -12.75 -38.92
C ILE A 66 -31.76 -12.06 -40.04
N ALA A 67 -30.70 -11.33 -39.69
CA ALA A 67 -29.87 -10.68 -40.70
C ALA A 67 -29.02 -11.68 -41.47
N GLU A 68 -28.49 -12.70 -40.80
CA GLU A 68 -27.69 -13.70 -41.49
C GLU A 68 -28.48 -14.34 -42.62
N ASP A 69 -29.78 -14.53 -42.43
CA ASP A 69 -30.62 -15.09 -43.49
C ASP A 69 -30.62 -14.18 -44.72
N MET A 70 -30.69 -12.86 -44.51
CA MET A 70 -30.62 -11.91 -45.61
C MET A 70 -29.21 -11.75 -46.17
N GLY A 71 -28.20 -12.29 -45.49
CA GLY A 71 -26.83 -12.13 -45.96
C GLY A 71 -26.36 -10.68 -45.98
N ALA A 72 -26.69 -9.91 -44.93
CA ALA A 72 -26.28 -8.52 -44.84
C ALA A 72 -25.81 -8.21 -43.42
N ASP A 73 -24.95 -7.20 -43.32
CA ASP A 73 -24.54 -6.69 -42.03
C ASP A 73 -25.71 -5.99 -41.35
N ILE A 74 -25.63 -5.87 -40.03
CA ILE A 74 -26.65 -5.20 -39.25
C ILE A 74 -26.20 -3.77 -38.98
N MET A 75 -27.13 -2.84 -39.11
CA MET A 75 -26.90 -1.44 -38.75
C MET A 75 -27.83 -1.10 -37.61
N THR A 76 -27.27 -0.56 -36.53
CA THR A 76 -28.06 -0.08 -35.40
C THR A 76 -27.72 1.37 -35.13
N GLU A 77 -28.74 2.18 -34.85
CA GLU A 77 -28.53 3.55 -34.41
C GLU A 77 -28.81 3.72 -32.92
N CYS A 78 -28.75 2.64 -32.15
CA CYS A 78 -28.88 2.70 -30.70
C CYS A 78 -27.60 2.16 -30.07
N ASN A 79 -26.99 2.96 -29.18
CA ASN A 79 -25.84 2.47 -28.43
C ASN A 79 -26.18 1.20 -27.67
N GLY A 80 -27.36 1.14 -27.04
CA GLY A 80 -27.71 -0.04 -26.27
C GLY A 80 -27.82 -1.28 -27.14
N CYS A 81 -28.59 -1.17 -28.23
CA CYS A 81 -28.75 -2.30 -29.14
C CYS A 81 -27.43 -2.67 -29.79
N PHE A 82 -26.63 -1.67 -30.20
CA PHE A 82 -25.33 -1.96 -30.76
C PHE A 82 -24.46 -2.74 -29.77
N GLY A 83 -24.41 -2.27 -28.52
CA GLY A 83 -23.61 -2.98 -27.53
C GLY A 83 -24.06 -4.41 -27.36
N SER A 84 -25.38 -4.61 -27.22
CA SER A 84 -25.90 -5.95 -27.02
C SER A 84 -25.57 -6.86 -28.20
N LEU A 85 -25.91 -6.43 -29.42
CA LEU A 85 -25.74 -7.29 -30.59
C LEU A 85 -24.26 -7.50 -30.91
N PHE A 86 -23.46 -6.44 -30.85
CA PHE A 86 -22.03 -6.57 -31.14
C PHE A 86 -21.36 -7.49 -30.13
N GLU A 87 -21.67 -7.32 -28.84
CA GLU A 87 -21.08 -8.18 -27.84
C GLU A 87 -21.49 -9.63 -28.07
N THR A 88 -22.77 -9.88 -28.32
CA THR A 88 -23.21 -11.26 -28.57
C THR A 88 -22.49 -11.85 -29.77
N ASN A 89 -22.36 -11.06 -30.85
CA ASN A 89 -21.72 -11.54 -32.05
C ASN A 89 -20.28 -11.94 -31.78
N HIS A 90 -19.51 -11.08 -31.11
CA HIS A 90 -18.10 -11.41 -30.91
C HIS A 90 -17.93 -12.48 -29.84
N LEU A 91 -18.89 -12.63 -28.92
CA LEU A 91 -18.82 -13.73 -27.96
C LEU A 91 -19.05 -15.06 -28.64
N LEU A 92 -20.09 -15.15 -29.48
CA LEU A 92 -20.38 -16.43 -30.13
C LEU A 92 -19.33 -16.79 -31.17
N LYS A 93 -18.80 -15.80 -31.89
CA LYS A 93 -17.78 -16.10 -32.89
C LYS A 93 -16.51 -16.64 -32.24
N GLU A 94 -16.14 -16.13 -31.07
CA GLU A 94 -14.86 -16.44 -30.45
C GLU A 94 -14.93 -17.56 -29.43
N ASP A 95 -16.08 -18.18 -29.22
CA ASP A 95 -16.23 -19.25 -28.23
C ASP A 95 -17.13 -20.33 -28.82
N GLU A 96 -16.56 -21.51 -29.06
CA GLU A 96 -17.31 -22.57 -29.72
C GLU A 96 -18.34 -23.21 -28.79
N GLU A 97 -17.99 -23.41 -27.52
CA GLU A 97 -18.90 -24.07 -26.59
C GLU A 97 -20.16 -23.24 -26.40
N MET A 98 -20.01 -21.94 -26.20
CA MET A 98 -21.17 -21.07 -26.05
C MET A 98 -22.01 -21.04 -27.31
N LYS A 99 -21.36 -21.02 -28.48
CA LYS A 99 -22.10 -21.07 -29.73
C LYS A 99 -22.92 -22.35 -29.82
N ALA A 100 -22.34 -23.48 -29.42
CA ALA A 100 -23.08 -24.73 -29.41
C ALA A 100 -24.28 -24.67 -28.47
N LYS A 101 -24.08 -24.11 -27.28
CA LYS A 101 -25.20 -24.00 -26.33
C LYS A 101 -26.32 -23.12 -26.88
N ILE A 102 -25.95 -21.96 -27.44
CA ILE A 102 -26.96 -21.05 -27.97
C ILE A 102 -27.69 -21.69 -29.14
N ASN A 103 -26.96 -22.37 -30.01
CA ASN A 103 -27.63 -23.04 -31.14
C ASN A 103 -28.52 -24.17 -30.67
N GLU A 104 -28.13 -24.88 -29.61
CA GLU A 104 -28.99 -25.89 -29.04
C GLU A 104 -30.30 -25.28 -28.56
N ILE A 105 -30.22 -24.10 -27.94
CA ILE A 105 -31.44 -23.40 -27.55
C ILE A 105 -32.24 -22.99 -28.79
N LEU A 106 -31.54 -22.52 -29.83
CA LEU A 106 -32.20 -22.00 -31.03
C LEU A 106 -32.79 -23.11 -31.90
N LYS A 107 -32.47 -24.37 -31.65
CA LYS A 107 -33.02 -25.45 -32.47
C LYS A 107 -34.53 -25.39 -32.54
N GLU A 108 -35.18 -25.03 -31.42
CA GLU A 108 -36.64 -25.00 -31.39
C GLU A 108 -37.20 -24.00 -32.40
N THR A 109 -36.57 -22.82 -32.49
CA THR A 109 -37.06 -21.80 -33.40
C THR A 109 -36.87 -22.20 -34.86
N GLY A 110 -36.01 -23.17 -35.11
CA GLY A 110 -35.64 -23.52 -36.47
C GLY A 110 -34.53 -22.68 -37.06
N ARG A 111 -33.82 -21.91 -36.23
CA ARG A 111 -32.73 -21.06 -36.68
C ARG A 111 -31.41 -21.61 -36.15
N GLU A 112 -30.32 -21.14 -36.73
CA GLU A 112 -28.98 -21.51 -36.29
C GLU A 112 -28.04 -20.33 -36.51
N TYR A 113 -27.35 -19.93 -35.45
CA TYR A 113 -26.35 -18.87 -35.56
C TYR A 113 -25.11 -19.41 -36.25
N LYS A 114 -24.63 -18.67 -37.26
CA LYS A 114 -23.49 -19.10 -38.05
C LYS A 114 -22.26 -18.22 -37.93
N GLY A 115 -22.42 -16.99 -37.41
CA GLY A 115 -21.30 -16.07 -37.33
C GLY A 115 -20.85 -15.58 -38.69
N GLU A 116 -21.79 -15.09 -39.51
CA GLU A 116 -21.52 -14.72 -40.89
C GLU A 116 -21.66 -13.23 -41.18
N VAL A 117 -22.16 -12.43 -40.23
CA VAL A 117 -22.41 -11.01 -40.47
C VAL A 117 -21.77 -10.20 -39.36
N ASN A 118 -21.60 -8.90 -39.64
CA ASN A 118 -21.05 -7.95 -38.70
C ASN A 118 -22.15 -7.04 -38.16
N VAL A 119 -21.95 -6.54 -36.94
CA VAL A 119 -22.83 -5.54 -36.34
C VAL A 119 -22.12 -4.20 -36.40
N ARG A 120 -22.82 -3.18 -36.88
CA ARG A 120 -22.22 -1.87 -37.12
C ARG A 120 -23.11 -0.78 -36.55
N HIS A 121 -22.46 0.25 -36.03
CA HIS A 121 -23.16 1.40 -35.47
C HIS A 121 -23.45 2.42 -36.56
N PHE A 122 -24.58 3.11 -36.39
CA PHE A 122 -25.03 4.10 -37.36
C PHE A 122 -23.95 5.14 -37.64
N ALA A 123 -23.32 5.68 -36.59
CA ALA A 123 -22.29 6.69 -36.76
C ALA A 123 -21.06 6.13 -37.46
N GLU A 124 -20.66 4.90 -37.13
CA GLU A 124 -19.51 4.30 -37.80
C GLU A 124 -19.79 4.11 -39.28
N VAL A 125 -21.00 3.66 -39.62
CA VAL A 125 -21.37 3.50 -41.03
C VAL A 125 -21.31 4.84 -41.74
N LEU A 126 -21.88 5.88 -41.13
CA LEU A 126 -21.85 7.20 -41.76
C LEU A 126 -20.41 7.67 -41.96
N TYR A 127 -19.56 7.51 -40.94
CA TYR A 127 -18.22 8.06 -40.99
C TYR A 127 -17.35 7.33 -42.00
N ASN A 128 -17.48 6.00 -42.09
CA ASN A 128 -16.58 5.19 -42.90
C ASN A 128 -17.12 4.91 -44.30
N ASP A 129 -18.37 4.44 -44.40
CA ASP A 129 -18.92 4.08 -45.69
C ASP A 129 -19.27 5.30 -46.53
N VAL A 130 -19.73 6.37 -45.90
CA VAL A 130 -20.16 7.57 -46.63
C VAL A 130 -19.04 8.59 -46.65
N GLY A 131 -18.55 8.97 -45.48
CA GLY A 131 -17.51 9.97 -45.37
C GLY A 131 -18.07 11.37 -45.16
N LEU A 132 -17.24 12.23 -44.59
CA LEU A 132 -17.68 13.57 -44.25
C LEU A 132 -17.96 14.42 -45.48
N ASP A 133 -17.28 14.15 -46.59
CA ASP A 133 -17.44 15.00 -47.78
C ASP A 133 -18.82 14.84 -48.39
N LYS A 134 -19.30 13.60 -48.54
CA LYS A 134 -20.63 13.39 -49.11
C LYS A 134 -21.71 13.96 -48.20
N LEU A 135 -21.56 13.77 -46.89
CA LEU A 135 -22.51 14.36 -45.95
C LEU A 135 -22.52 15.87 -46.07
N SER A 136 -21.34 16.49 -46.17
CA SER A 136 -21.28 17.93 -46.35
C SER A 136 -21.97 18.34 -47.65
N GLU A 137 -21.81 17.55 -48.70
CA GLU A 137 -22.49 17.84 -49.96
C GLU A 137 -24.00 17.83 -49.79
N LEU A 138 -24.52 16.88 -49.00
CA LEU A 138 -25.97 16.74 -48.90
C LEU A 138 -26.59 17.82 -48.02
N VAL A 139 -25.77 18.67 -47.41
CA VAL A 139 -26.30 19.74 -46.55
C VAL A 139 -26.95 20.80 -47.42
N GLU A 140 -28.19 21.17 -47.08
CA GLU A 140 -28.91 22.23 -47.78
C GLU A 140 -28.97 23.53 -46.98
N LYS A 141 -28.91 23.46 -45.66
CA LYS A 141 -28.97 24.65 -44.82
C LYS A 141 -28.05 24.48 -43.62
N PRO A 142 -26.91 25.16 -43.57
CA PRO A 142 -26.06 25.07 -42.37
C PRO A 142 -26.83 25.54 -41.14
N LEU A 143 -26.61 24.86 -40.03
CA LEU A 143 -27.33 25.12 -38.78
C LEU A 143 -26.53 26.07 -37.91
N ASN A 144 -27.22 27.06 -37.35
CA ASN A 144 -26.62 27.97 -36.37
C ASN A 144 -27.06 27.51 -34.98
N LEU A 145 -26.34 26.52 -34.46
CA LEU A 145 -26.76 25.84 -33.23
C LEU A 145 -25.55 25.44 -32.41
N ASN A 146 -25.61 25.72 -31.11
CA ASN A 146 -24.60 25.25 -30.17
C ASN A 146 -25.09 23.94 -29.57
N VAL A 147 -24.33 22.86 -29.80
CA VAL A 147 -24.79 21.51 -29.50
C VAL A 147 -23.90 20.89 -28.44
N ALA A 148 -24.51 20.18 -27.51
CA ALA A 148 -23.81 19.31 -26.57
C ALA A 148 -23.94 17.88 -27.07
N VAL A 149 -22.83 17.29 -27.50
CA VAL A 149 -22.83 15.92 -28.00
C VAL A 149 -22.76 14.97 -26.82
N HIS A 150 -23.73 14.08 -26.70
CA HIS A 150 -23.69 13.00 -25.72
C HIS A 150 -23.32 11.72 -26.47
N TYR A 151 -22.08 11.25 -26.28
CA TYR A 151 -21.65 10.03 -26.94
C TYR A 151 -22.42 8.82 -26.43
N GLY A 152 -22.68 8.75 -25.13
CA GLY A 152 -23.19 7.53 -24.55
C GLY A 152 -22.10 6.49 -24.42
N CYS A 153 -22.19 5.63 -23.41
CA CYS A 153 -21.05 4.79 -23.05
C CYS A 153 -20.84 3.65 -24.04
N HIS A 154 -21.91 3.07 -24.56
CA HIS A 154 -21.78 1.81 -25.28
C HIS A 154 -21.54 1.99 -26.77
N PHE A 155 -21.42 3.24 -27.24
CA PHE A 155 -20.94 3.49 -28.59
C PHE A 155 -19.50 3.03 -28.76
N LEU A 156 -18.62 3.46 -27.85
CA LEU A 156 -17.19 3.24 -27.99
C LEU A 156 -16.62 2.24 -27.00
N LYS A 157 -17.33 1.92 -25.92
CA LYS A 157 -16.76 1.08 -24.88
C LYS A 157 -17.48 -0.26 -24.80
N PRO A 158 -16.76 -1.36 -24.52
CA PRO A 158 -15.31 -1.45 -24.28
C PRO A 158 -14.51 -1.23 -25.57
N SER A 159 -13.53 -0.31 -25.53
CA SER A 159 -12.81 0.05 -26.73
C SER A 159 -11.93 -1.07 -27.24
N ASP A 160 -11.44 -1.93 -26.34
CA ASP A 160 -10.64 -3.07 -26.78
C ASP A 160 -11.37 -3.89 -27.83
N GLU A 161 -12.66 -4.12 -27.63
CA GLU A 161 -13.46 -4.91 -28.56
C GLU A 161 -14.03 -4.08 -29.70
N ILE A 162 -14.47 -2.86 -29.42
CA ILE A 162 -15.19 -2.08 -30.42
C ILE A 162 -14.23 -1.39 -31.38
N ASN A 163 -13.20 -0.74 -30.83
CA ASN A 163 -12.13 -0.13 -31.64
C ASN A 163 -12.68 0.83 -32.69
N ILE A 164 -13.53 1.76 -32.26
CA ILE A 164 -14.08 2.78 -33.14
C ILE A 164 -13.35 4.12 -32.96
N ASP A 165 -13.17 4.54 -31.72
CA ASP A 165 -12.50 5.80 -31.42
C ASP A 165 -12.00 5.74 -29.98
N ASN A 166 -11.17 6.71 -29.62
CA ASN A 166 -10.64 6.78 -28.27
C ASN A 166 -11.75 7.15 -27.30
N PRO A 167 -12.05 6.33 -26.30
CA PRO A 167 -13.20 6.64 -25.42
C PRO A 167 -13.01 7.90 -24.60
N GLU A 168 -11.77 8.23 -24.21
CA GLU A 168 -11.57 9.38 -23.35
C GLU A 168 -11.82 10.69 -24.08
N ARG A 169 -11.25 10.85 -25.27
CA ARG A 169 -11.38 12.08 -26.07
C ARG A 169 -11.69 11.71 -27.52
N PRO A 170 -12.90 11.25 -27.80
CA PRO A 170 -13.27 10.95 -29.19
C PRO A 170 -13.61 12.22 -29.96
N THR A 171 -13.62 12.09 -31.29
CA THR A 171 -13.98 13.19 -32.17
C THR A 171 -14.99 12.83 -33.25
N ILE A 172 -15.29 11.55 -33.47
CA ILE A 172 -16.07 11.13 -34.63
C ILE A 172 -17.43 11.81 -34.64
N LEU A 173 -18.16 11.74 -33.52
CA LEU A 173 -19.48 12.36 -33.47
C LEU A 173 -19.38 13.87 -33.61
N ASP A 174 -18.37 14.47 -33.00
CA ASP A 174 -18.19 15.92 -33.11
C ASP A 174 -17.98 16.33 -34.57
N GLU A 175 -17.16 15.56 -35.30
CA GLU A 175 -16.92 15.89 -36.70
C GLU A 175 -18.19 15.72 -37.54
N ILE A 176 -18.93 14.63 -37.32
CA ILE A 176 -20.19 14.46 -38.05
C ILE A 176 -21.13 15.61 -37.76
N VAL A 177 -21.20 16.04 -36.49
CA VAL A 177 -22.11 17.12 -36.12
C VAL A 177 -21.67 18.43 -36.78
N GLU A 178 -20.37 18.72 -36.77
CA GLU A 178 -19.91 19.98 -37.34
C GLU A 178 -20.01 20.00 -38.85
N VAL A 179 -20.09 18.83 -39.50
CA VAL A 179 -20.37 18.81 -40.93
C VAL A 179 -21.67 19.54 -41.24
N THR A 180 -22.60 19.57 -40.27
CA THR A 180 -23.89 20.21 -40.49
C THR A 180 -23.86 21.71 -40.24
N GLY A 181 -22.72 22.27 -39.83
CA GLY A 181 -22.65 23.67 -39.46
C GLY A 181 -22.91 23.95 -38.00
N ALA A 182 -23.49 23.00 -37.27
CA ALA A 182 -23.62 23.15 -35.83
C ALA A 182 -22.26 23.06 -35.16
N LYS A 183 -22.15 23.66 -33.99
CA LYS A 183 -20.91 23.69 -33.23
C LYS A 183 -21.04 22.77 -32.02
N SER A 184 -20.09 21.84 -31.90
CA SER A 184 -20.02 20.96 -30.74
C SER A 184 -19.30 21.69 -29.63
N VAL A 185 -20.00 21.97 -28.54
CA VAL A 185 -19.46 22.75 -27.43
C VAL A 185 -18.91 21.82 -26.37
N GLU A 186 -17.67 22.03 -25.98
CA GLU A 186 -17.09 21.25 -24.89
C GLU A 186 -17.72 21.65 -23.57
N TYR A 187 -17.97 20.66 -22.72
CA TYR A 187 -18.56 20.90 -21.41
C TYR A 187 -17.99 19.90 -20.43
N LYS A 188 -18.12 20.22 -19.14
CA LYS A 188 -17.50 19.43 -18.09
C LYS A 188 -18.06 18.02 -18.07
N ASP A 189 -17.18 17.04 -17.84
CA ASP A 189 -17.56 15.64 -17.73
C ASP A 189 -18.39 15.21 -18.94
N LYS A 190 -17.90 15.59 -20.12
CA LYS A 190 -18.63 15.36 -21.36
C LYS A 190 -18.88 13.88 -21.60
N MET A 191 -17.94 13.02 -21.23
CA MET A 191 -18.03 11.59 -21.49
C MET A 191 -18.81 10.84 -20.42
N MET A 192 -19.35 11.53 -19.44
CA MET A 192 -20.06 10.87 -18.35
C MET A 192 -21.32 10.17 -18.85
N CYS A 193 -21.69 9.09 -18.16
CA CYS A 193 -22.90 8.35 -18.47
C CYS A 193 -24.13 9.21 -18.19
N CYS A 194 -25.21 8.92 -18.92
CA CYS A 194 -26.48 9.59 -18.68
C CYS A 194 -27.24 9.01 -17.47
N GLY A 195 -26.79 7.88 -16.93
CA GLY A 195 -27.39 7.26 -15.77
C GLY A 195 -28.43 6.20 -16.06
N ALA A 196 -28.82 6.01 -17.32
CA ALA A 196 -29.89 5.06 -17.64
C ALA A 196 -29.39 3.65 -17.90
N GLY A 197 -28.10 3.45 -18.12
CA GLY A 197 -27.61 2.13 -18.47
C GLY A 197 -27.62 1.16 -17.29
N GLY A 198 -27.40 -0.12 -17.62
CA GLY A 198 -27.27 -1.15 -16.61
C GLY A 198 -28.52 -1.42 -15.81
N GLY A 199 -29.68 -0.98 -16.30
CA GLY A 199 -30.92 -1.12 -15.57
C GLY A 199 -31.15 -0.09 -14.49
N VAL A 200 -30.26 0.88 -14.35
CA VAL A 200 -30.35 1.83 -13.24
C VAL A 200 -31.59 2.71 -13.37
N ARG A 201 -31.97 3.07 -14.60
CA ARG A 201 -33.13 3.94 -14.76
C ARG A 201 -34.38 3.31 -14.15
N SER A 202 -34.59 2.02 -14.38
CA SER A 202 -35.76 1.34 -13.83
C SER A 202 -35.56 0.92 -12.37
N ARG A 203 -34.33 0.62 -11.96
CA ARG A 203 -34.12 0.17 -10.58
C ARG A 203 -34.19 1.34 -9.59
N ASP A 204 -33.46 2.42 -9.87
CA ASP A 204 -33.38 3.58 -8.96
C ASP A 204 -33.47 4.81 -9.85
N LEU A 205 -34.69 5.29 -10.07
CA LEU A 205 -34.89 6.43 -10.96
C LEU A 205 -34.18 7.67 -10.43
N ASP A 206 -34.13 7.84 -9.11
CA ASP A 206 -33.51 9.03 -8.54
C ASP A 206 -32.02 9.09 -8.86
N VAL A 207 -31.32 7.96 -8.78
CA VAL A 207 -29.89 7.94 -9.10
C VAL A 207 -29.65 8.29 -10.57
N ALA A 208 -30.41 7.64 -11.46
CA ALA A 208 -30.25 7.92 -12.88
C ALA A 208 -30.56 9.39 -13.19
N LEU A 209 -31.62 9.92 -12.59
CA LEU A 209 -31.93 11.33 -12.78
C LEU A 209 -30.84 12.21 -12.21
N ASP A 210 -30.13 11.77 -11.16
CA ASP A 210 -29.03 12.58 -10.66
C ASP A 210 -27.89 12.63 -11.67
N PHE A 211 -27.60 11.50 -12.32
CA PHE A 211 -26.67 11.53 -13.45
C PHE A 211 -27.10 12.59 -14.46
N THR A 212 -28.36 12.50 -14.88
CA THR A 212 -28.87 13.39 -15.93
C THR A 212 -28.82 14.84 -15.48
N ARG A 213 -29.14 15.10 -14.21
CA ARG A 213 -29.13 16.47 -13.69
C ARG A 213 -27.72 17.04 -13.67
N GLU A 214 -26.74 16.24 -13.25
CA GLU A 214 -25.35 16.68 -13.30
C GLU A 214 -24.96 17.03 -14.73
N LYS A 215 -25.30 16.15 -15.68
CA LYS A 215 -24.97 16.39 -17.07
C LYS A 215 -25.66 17.65 -17.60
N LEU A 216 -26.92 17.84 -17.24
CA LEU A 216 -27.66 19.00 -17.71
C LEU A 216 -27.12 20.29 -17.12
N THR A 217 -26.71 20.26 -15.86
CA THR A 217 -26.05 21.43 -15.27
C THR A 217 -24.78 21.77 -16.04
N ASN A 218 -23.96 20.76 -16.33
CA ASN A 218 -22.72 21.03 -17.04
C ASN A 218 -22.99 21.54 -18.46
N MET A 219 -24.01 20.99 -19.13
CA MET A 219 -24.35 21.49 -20.46
C MET A 219 -24.86 22.92 -20.40
N LYS A 220 -25.70 23.23 -19.41
CA LYS A 220 -26.26 24.57 -19.30
C LYS A 220 -25.18 25.61 -19.04
N GLU A 221 -24.23 25.30 -18.16
CA GLU A 221 -23.15 26.26 -17.92
C GLU A 221 -22.31 26.48 -19.18
N ALA A 222 -22.34 25.56 -20.14
CA ALA A 222 -21.65 25.70 -21.40
C ALA A 222 -22.47 26.45 -22.45
N GLY A 223 -23.71 26.80 -22.16
CA GLY A 223 -24.52 27.60 -23.05
C GLY A 223 -24.84 26.95 -24.38
N VAL A 224 -25.26 25.69 -24.35
CA VAL A 224 -25.61 24.98 -25.58
C VAL A 224 -27.09 25.16 -25.86
N ASP A 225 -27.46 24.95 -27.12
CA ASP A 225 -28.85 25.06 -27.56
C ASP A 225 -29.59 23.73 -27.59
N ALA A 226 -28.87 22.61 -27.72
CA ALA A 226 -29.53 21.31 -27.81
C ALA A 226 -28.53 20.21 -27.47
N ILE A 227 -29.06 19.03 -27.18
CA ILE A 227 -28.27 17.82 -26.96
C ILE A 227 -28.40 16.94 -28.19
N VAL A 228 -27.28 16.36 -28.62
CA VAL A 228 -27.26 15.42 -29.74
C VAL A 228 -26.73 14.09 -29.24
N ASN A 229 -27.45 13.02 -29.54
CA ASN A 229 -27.11 11.69 -29.07
C ASN A 229 -27.24 10.69 -30.22
N VAL A 230 -26.66 9.51 -30.02
CA VAL A 230 -26.78 8.40 -30.96
C VAL A 230 -27.37 7.20 -30.24
N CYS A 231 -28.24 7.46 -29.27
CA CYS A 231 -28.82 6.37 -28.48
C CYS A 231 -30.25 6.70 -28.08
N PRO A 232 -31.25 6.01 -28.63
CA PRO A 232 -32.63 6.25 -28.15
C PRO A 232 -32.78 6.01 -26.66
N PHE A 233 -31.98 5.13 -26.06
CA PHE A 233 -32.00 4.99 -24.60
C PHE A 233 -31.55 6.29 -23.93
N CYS A 234 -30.42 6.84 -24.36
CA CYS A 234 -29.98 8.14 -23.85
C CYS A 234 -30.99 9.23 -24.21
N HIS A 235 -31.54 9.16 -25.43
CA HIS A 235 -32.53 10.14 -25.86
C HIS A 235 -33.71 10.17 -24.90
N LEU A 236 -34.25 9.01 -24.57
CA LEU A 236 -35.38 8.92 -23.65
C LEU A 236 -34.96 9.41 -22.27
N GLN A 237 -33.79 9.00 -21.78
CA GLN A 237 -33.37 9.47 -20.47
C GLN A 237 -33.37 10.99 -20.43
N PHE A 238 -32.71 11.64 -21.38
CA PHE A 238 -32.65 13.10 -21.36
C PHE A 238 -34.04 13.72 -21.51
N ASP A 239 -34.82 13.25 -22.48
CA ASP A 239 -36.11 13.87 -22.78
C ASP A 239 -37.08 13.72 -21.62
N VAL A 240 -37.43 12.48 -21.27
CA VAL A 240 -38.39 12.25 -20.20
C VAL A 240 -37.82 12.70 -18.86
N GLY A 241 -36.51 12.55 -18.65
CA GLY A 241 -35.92 12.90 -17.37
C GLY A 241 -35.85 14.39 -17.13
N GLN A 242 -35.83 15.20 -18.18
CA GLN A 242 -35.96 16.64 -17.96
C GLN A 242 -37.32 16.96 -17.35
N MET A 243 -38.38 16.33 -17.86
CA MET A 243 -39.70 16.50 -17.27
C MET A 243 -39.74 15.95 -15.84
N GLU A 244 -39.13 14.79 -15.62
CA GLU A 244 -39.14 14.20 -14.28
C GLU A 244 -38.36 15.06 -13.29
N ILE A 245 -37.23 15.63 -13.72
CA ILE A 245 -36.46 16.54 -12.88
C ILE A 245 -37.27 17.78 -12.57
N LYS A 246 -37.93 18.35 -13.57
CA LYS A 246 -38.77 19.52 -13.32
C LYS A 246 -39.87 19.20 -12.32
N ASP A 247 -40.48 18.03 -12.44
CA ASP A 247 -41.55 17.66 -11.52
C ASP A 247 -41.03 17.41 -10.12
N LYS A 248 -39.84 16.81 -9.98
CA LYS A 248 -39.36 16.39 -8.67
C LYS A 248 -38.70 17.53 -7.91
N PHE A 249 -37.78 18.25 -8.56
CA PHE A 249 -37.00 19.28 -7.88
C PHE A 249 -37.31 20.69 -8.38
N GLY A 250 -38.07 20.85 -9.45
CA GLY A 250 -38.36 22.16 -9.97
C GLY A 250 -37.28 22.74 -10.84
N GLU A 251 -36.18 22.02 -11.09
CA GLU A 251 -35.16 22.50 -12.01
C GLU A 251 -35.71 22.50 -13.43
N GLU A 252 -35.43 23.58 -14.17
CA GLU A 252 -35.95 23.78 -15.51
C GLU A 252 -34.78 24.00 -16.47
N PHE A 253 -34.34 22.93 -17.13
CA PHE A 253 -33.25 23.05 -18.09
C PHE A 253 -33.78 23.40 -19.48
N ASP A 254 -34.81 22.69 -19.94
CA ASP A 254 -35.48 23.00 -21.20
C ASP A 254 -34.52 22.96 -22.38
N ILE A 255 -33.71 21.90 -22.46
CA ILE A 255 -32.74 21.72 -23.53
C ILE A 255 -33.26 20.65 -24.47
N PRO A 256 -33.55 20.97 -25.74
CA PRO A 256 -34.05 19.95 -26.67
C PRO A 256 -33.07 18.80 -26.85
N VAL A 257 -33.62 17.62 -27.10
CA VAL A 257 -32.84 16.40 -27.28
C VAL A 257 -33.08 15.91 -28.71
N LEU A 258 -32.01 15.81 -29.48
CA LEU A 258 -32.08 15.39 -30.88
C LEU A 258 -31.17 14.19 -31.09
N HIS A 259 -31.69 13.17 -31.76
CA HIS A 259 -30.84 12.11 -32.27
C HIS A 259 -30.01 12.65 -33.43
N LEU A 260 -28.84 12.04 -33.64
CA LEU A 260 -27.95 12.52 -34.70
C LEU A 260 -28.65 12.50 -36.06
N ALA A 261 -29.48 11.48 -36.28
CA ALA A 261 -30.24 11.40 -37.53
C ALA A 261 -31.14 12.61 -37.71
N GLN A 262 -31.82 13.04 -36.63
CA GLN A 262 -32.69 14.20 -36.72
C GLN A 262 -31.89 15.47 -37.01
N LEU A 263 -30.73 15.62 -36.38
CA LEU A 263 -29.88 16.78 -36.67
C LEU A 263 -29.47 16.79 -38.14
N LEU A 264 -29.05 15.64 -38.66
CA LEU A 264 -28.65 15.56 -40.07
C LEU A 264 -29.83 15.89 -40.97
N GLY A 265 -31.02 15.38 -40.65
CA GLY A 265 -32.19 15.72 -41.44
C GLY A 265 -32.51 17.20 -41.42
N LEU A 266 -32.37 17.83 -40.25
CA LEU A 266 -32.58 19.27 -40.16
C LEU A 266 -31.61 20.02 -41.05
N ALA A 267 -30.33 19.63 -41.03
CA ALA A 267 -29.35 20.27 -41.90
C ALA A 267 -29.61 19.94 -43.36
N MET A 268 -30.25 18.81 -43.62
CA MET A 268 -30.51 18.30 -44.96
C MET A 268 -31.83 18.78 -45.54
N GLY A 269 -32.53 19.66 -44.84
CA GLY A 269 -33.77 20.21 -45.36
C GLY A 269 -34.88 19.18 -45.49
N LEU A 270 -35.05 18.32 -44.49
CA LEU A 270 -36.16 17.38 -44.51
C LEU A 270 -37.41 18.04 -43.94
N PRO A 271 -38.60 17.54 -44.29
CA PRO A 271 -39.83 18.14 -43.76
C PRO A 271 -39.87 18.06 -42.24
N LYS A 272 -40.44 19.10 -41.62
CA LYS A 272 -40.52 19.14 -40.17
C LYS A 272 -41.35 17.99 -39.63
N GLU A 273 -42.44 17.64 -40.31
CA GLU A 273 -43.28 16.55 -39.85
C GLU A 273 -42.52 15.22 -39.82
N ASP A 274 -41.55 15.05 -40.71
CA ASP A 274 -40.77 13.81 -40.72
C ASP A 274 -39.90 13.65 -39.48
N LEU A 275 -39.58 14.75 -38.79
CA LEU A 275 -38.81 14.65 -37.55
C LEU A 275 -39.67 14.19 -36.38
N VAL A 276 -40.99 14.34 -36.46
CA VAL A 276 -41.91 13.83 -35.45
C VAL A 276 -41.49 14.32 -34.07
N VAL A 277 -41.20 15.62 -33.97
CA VAL A 277 -40.86 16.22 -32.68
C VAL A 277 -42.03 16.21 -31.72
N ASP A 278 -43.24 15.90 -32.20
CA ASP A 278 -44.38 15.75 -31.30
C ASP A 278 -44.15 14.65 -30.28
N ALA A 279 -43.26 13.70 -30.58
CA ALA A 279 -42.97 12.63 -29.63
C ALA A 279 -42.11 13.11 -28.47
N HIS A 280 -41.31 14.16 -28.68
CA HIS A 280 -40.42 14.62 -27.64
C HIS A 280 -41.20 15.32 -26.52
N GLN A 281 -40.95 14.90 -25.28
CA GLN A 281 -41.56 15.57 -24.14
C GLN A 281 -41.04 16.98 -23.98
N VAL A 282 -39.75 17.18 -24.23
CA VAL A 282 -39.16 18.53 -24.22
C VAL A 282 -39.43 19.15 -25.58
N CYS A 283 -40.04 20.33 -25.58
CA CYS A 283 -40.42 20.99 -26.82
C CYS A 283 -39.18 21.31 -27.67
N MET B 1 7.54 1.83 57.17
CA MET B 1 7.18 2.58 55.93
C MET B 1 5.78 3.20 56.06
N GLU B 2 5.61 4.38 55.48
CA GLU B 2 4.34 5.08 55.47
C GLU B 2 3.96 5.38 54.02
N ILE B 3 2.66 5.33 53.74
CA ILE B 3 2.17 5.63 52.40
C ILE B 3 0.75 6.17 52.50
N ALA B 4 0.49 7.24 51.75
CA ALA B 4 -0.87 7.75 51.65
C ALA B 4 -1.74 6.74 50.92
N TYR B 5 -3.00 6.63 51.34
CA TYR B 5 -3.91 5.59 50.86
C TYR B 5 -5.05 6.25 50.11
N PHE B 6 -5.09 6.10 48.78
CA PHE B 6 -6.20 6.63 48.00
C PHE B 6 -7.23 5.54 47.78
N LEU B 7 -8.49 5.85 48.09
CA LEU B 7 -9.58 4.89 48.06
C LEU B 7 -10.36 4.92 46.74
N GLY B 8 -10.61 6.09 46.19
CA GLY B 8 -11.43 6.21 45.00
C GLY B 8 -12.91 6.27 45.33
N CYS B 9 -13.73 5.61 44.52
CA CYS B 9 -15.17 5.56 44.77
C CYS B 9 -15.67 4.13 44.97
N ILE B 10 -15.39 3.24 44.03
CA ILE B 10 -16.07 1.94 43.99
C ILE B 10 -15.71 1.09 45.19
N MET B 11 -14.42 1.07 45.56
CA MET B 11 -14.02 0.25 46.69
C MET B 11 -14.64 0.77 47.99
N ASN B 12 -14.54 2.07 48.24
CA ASN B 12 -15.05 2.61 49.49
C ASN B 12 -16.56 2.74 49.52
N ASN B 13 -17.22 2.69 48.37
CA ASN B 13 -18.65 2.95 48.28
C ASN B 13 -19.48 1.78 47.75
N ARG B 14 -18.86 0.72 47.24
CA ARG B 14 -19.63 -0.43 46.78
C ARG B 14 -19.05 -1.75 47.29
N TYR B 15 -17.73 -1.81 47.48
CA TYR B 15 -17.05 -3.03 47.90
C TYR B 15 -16.07 -2.69 49.02
N PRO B 16 -16.58 -2.36 50.21
CA PRO B 16 -15.68 -2.07 51.34
C PRO B 16 -14.91 -3.28 51.83
N GLY B 17 -15.31 -4.50 51.45
CA GLY B 17 -14.51 -5.67 51.78
C GLY B 17 -13.10 -5.57 51.25
N ILE B 18 -12.93 -5.03 50.05
CA ILE B 18 -11.60 -4.84 49.49
C ILE B 18 -10.79 -3.91 50.38
N GLU B 19 -11.40 -2.81 50.83
CA GLU B 19 -10.70 -1.87 51.69
C GLU B 19 -10.32 -2.51 53.02
N LYS B 20 -11.24 -3.27 53.62
CA LYS B 20 -10.96 -3.90 54.91
C LYS B 20 -9.83 -4.92 54.78
N ALA B 21 -9.88 -5.76 53.75
CA ALA B 21 -8.81 -6.72 53.53
C ALA B 21 -7.47 -6.02 53.32
N THR B 22 -7.47 -4.93 52.54
CA THR B 22 -6.24 -4.18 52.32
C THR B 22 -5.70 -3.63 53.63
N ARG B 23 -6.57 -3.05 54.45
CA ARG B 23 -6.11 -2.45 55.70
C ARG B 23 -5.51 -3.51 56.61
N VAL B 24 -6.18 -4.65 56.74
CA VAL B 24 -5.65 -5.72 57.60
C VAL B 24 -4.33 -6.23 57.05
N LEU B 25 -4.26 -6.43 55.73
CA LEU B 25 -3.03 -6.94 55.11
C LEU B 25 -1.86 -6.00 55.38
N PHE B 26 -2.05 -4.71 55.12
CA PHE B 26 -0.95 -3.76 55.29
C PHE B 26 -0.60 -3.59 56.76
N ASP B 27 -1.57 -3.74 57.67
CA ASP B 27 -1.23 -3.74 59.08
C ASP B 27 -0.36 -4.94 59.44
N LYS B 28 -0.65 -6.10 58.85
CA LYS B 28 0.20 -7.26 59.06
C LYS B 28 1.60 -7.10 58.47
N LEU B 29 1.76 -6.22 57.48
CA LEU B 29 3.04 -6.06 56.79
C LEU B 29 3.89 -4.93 57.36
N GLY B 30 3.41 -4.23 58.38
CA GLY B 30 4.18 -3.14 58.94
C GLY B 30 4.24 -1.89 58.10
N ILE B 31 3.27 -1.68 57.22
CA ILE B 31 3.18 -0.48 56.39
C ILE B 31 2.04 0.38 56.91
N GLU B 32 2.33 1.64 57.20
CA GLU B 32 1.35 2.57 57.74
C GLU B 32 0.56 3.19 56.60
N LEU B 33 -0.71 2.83 56.48
CA LEU B 33 -1.61 3.46 55.53
C LEU B 33 -2.18 4.74 56.15
N LYS B 34 -1.88 5.88 55.55
CA LYS B 34 -2.33 7.17 56.05
C LYS B 34 -3.47 7.68 55.17
N ASP B 35 -4.60 7.99 55.79
CA ASP B 35 -5.78 8.41 55.05
C ASP B 35 -5.53 9.74 54.33
N MET B 36 -6.15 9.87 53.15
CA MET B 36 -6.08 11.10 52.37
C MET B 36 -7.38 11.86 52.61
N GLU B 37 -7.43 12.57 53.72
CA GLU B 37 -8.66 13.25 54.13
C GLU B 37 -9.09 14.26 53.08
N GLY B 38 -10.38 14.27 52.77
CA GLY B 38 -10.92 15.18 51.80
C GLY B 38 -10.73 14.77 50.35
N ALA B 39 -10.22 13.57 50.10
CA ALA B 39 -10.05 13.10 48.74
C ALA B 39 -11.40 12.90 48.07
N SER B 40 -11.41 13.01 46.75
CA SER B 40 -12.61 12.89 45.93
C SER B 40 -12.41 11.82 44.87
N CYS B 41 -13.34 11.74 43.93
CA CYS B 41 -13.13 10.96 42.72
C CYS B 41 -11.77 11.35 42.12
N CYS B 42 -11.07 10.38 41.53
CA CYS B 42 -9.67 10.61 41.19
C CYS B 42 -9.42 11.76 40.22
N PRO B 43 -10.30 12.10 39.25
CA PRO B 43 -11.60 11.56 38.86
C PRO B 43 -11.52 10.51 37.76
N ALA B 44 -12.55 9.68 37.60
CA ALA B 44 -12.50 8.55 36.71
C ALA B 44 -12.09 9.01 35.31
N PRO B 45 -11.01 8.46 34.74
CA PRO B 45 -10.54 8.96 33.44
C PRO B 45 -11.55 8.81 32.33
N GLY B 46 -12.36 7.76 32.34
CA GLY B 46 -13.23 7.49 31.21
C GLY B 46 -14.16 8.65 30.88
N VAL B 47 -14.80 9.22 31.90
CA VAL B 47 -15.77 10.29 31.68
C VAL B 47 -15.05 11.63 31.69
N PHE B 48 -14.38 11.96 32.79
CA PHE B 48 -13.80 13.30 32.94
C PHE B 48 -12.70 13.54 31.91
N GLY B 49 -11.79 12.58 31.73
CA GLY B 49 -10.77 12.73 30.71
C GLY B 49 -11.34 12.89 29.32
N SER B 50 -12.45 12.20 29.04
CA SER B 50 -13.09 12.32 27.73
C SER B 50 -13.79 13.66 27.57
N PHE B 51 -14.29 14.24 28.66
CA PHE B 51 -15.07 15.48 28.57
C PHE B 51 -14.19 16.71 28.57
N ASP B 52 -13.30 16.83 29.57
CA ASP B 52 -12.46 18.03 29.71
C ASP B 52 -11.17 17.61 30.39
N LYS B 53 -10.06 17.73 29.66
CA LYS B 53 -8.76 17.37 30.21
C LYS B 53 -8.41 18.25 31.41
N THR B 54 -8.72 19.55 31.33
CA THR B 54 -8.32 20.47 32.40
C THR B 54 -9.01 20.13 33.71
N THR B 55 -10.30 19.83 33.68
CA THR B 55 -11.02 19.48 34.90
C THR B 55 -10.46 18.18 35.49
N TRP B 56 -10.28 17.17 34.65
CA TRP B 56 -9.72 15.90 35.11
C TRP B 56 -8.38 16.13 35.80
N ALA B 57 -7.49 16.88 35.13
CA ALA B 57 -6.16 17.12 35.67
C ALA B 57 -6.22 17.92 36.97
N ALA B 58 -7.08 18.95 37.04
CA ALA B 58 -7.13 19.77 38.25
C ALA B 58 -7.62 18.96 39.44
N ILE B 59 -8.67 18.16 39.25
CA ILE B 59 -9.16 17.33 40.35
C ILE B 59 -8.08 16.34 40.79
N ALA B 60 -7.42 15.70 39.82
CA ALA B 60 -6.37 14.76 40.17
C ALA B 60 -5.23 15.46 40.90
N ALA B 61 -4.89 16.67 40.49
CA ALA B 61 -3.81 17.42 41.14
C ALA B 61 -4.17 17.77 42.57
N ARG B 62 -5.44 18.12 42.82
CA ARG B 62 -5.87 18.33 44.21
C ARG B 62 -5.71 17.05 45.03
N ASN B 63 -6.12 15.92 44.47
CA ASN B 63 -5.93 14.65 45.17
C ASN B 63 -4.46 14.41 45.48
N ILE B 64 -3.57 14.78 44.55
CA ILE B 64 -2.15 14.57 44.75
C ILE B 64 -1.61 15.54 45.81
N THR B 65 -2.11 16.77 45.83
CA THR B 65 -1.65 17.73 46.84
C THR B 65 -2.02 17.28 48.24
N ILE B 66 -3.11 16.54 48.39
CA ILE B 66 -3.43 15.99 49.71
C ILE B 66 -2.27 15.15 50.23
N ALA B 67 -1.79 14.21 49.41
CA ALA B 67 -0.64 13.40 49.79
C ALA B 67 0.62 14.24 49.94
N GLU B 68 0.82 15.22 49.05
CA GLU B 68 2.01 16.06 49.15
C GLU B 68 2.04 16.78 50.49
N ASP B 69 0.91 17.30 50.94
CA ASP B 69 0.82 17.88 52.27
C ASP B 69 1.14 16.84 53.34
N MET B 70 0.63 15.62 53.16
CA MET B 70 0.98 14.56 54.10
C MET B 70 2.43 14.11 53.97
N GLY B 71 3.12 14.50 52.91
CA GLY B 71 4.51 14.13 52.73
C GLY B 71 4.77 12.65 52.52
N ALA B 72 3.95 11.99 51.68
CA ALA B 72 4.12 10.58 51.42
C ALA B 72 3.68 10.25 50.00
N ASP B 73 4.18 9.14 49.49
CA ASP B 73 3.73 8.62 48.22
C ASP B 73 2.27 8.15 48.32
N ILE B 74 1.62 8.05 47.18
CA ILE B 74 0.23 7.60 47.09
C ILE B 74 0.23 6.13 46.69
N MET B 75 -0.62 5.35 47.35
CA MET B 75 -0.86 3.96 46.99
C MET B 75 -2.32 3.86 46.58
N THR B 76 -2.56 3.30 45.40
CA THR B 76 -3.89 3.09 44.89
C THR B 76 -4.10 1.61 44.62
N GLU B 77 -5.30 1.13 44.97
CA GLU B 77 -5.69 -0.25 44.73
C GLU B 77 -6.54 -0.40 43.48
N CYS B 78 -6.72 0.67 42.70
CA CYS B 78 -7.57 0.65 41.52
C CYS B 78 -6.75 0.98 40.28
N ASN B 79 -6.84 0.12 39.27
CA ASN B 79 -6.22 0.44 37.99
C ASN B 79 -6.71 1.78 37.46
N GLY B 80 -8.01 2.04 37.56
CA GLY B 80 -8.53 3.30 37.02
C GLY B 80 -7.96 4.50 37.74
N CYS B 81 -8.03 4.48 39.07
CA CYS B 81 -7.53 5.59 39.86
C CYS B 81 -6.00 5.72 39.74
N PHE B 82 -5.30 4.58 39.70
CA PHE B 82 -3.87 4.63 39.48
C PHE B 82 -3.55 5.28 38.14
N GLY B 83 -4.23 4.88 37.07
CA GLY B 83 -3.98 5.48 35.78
C GLY B 83 -4.23 6.97 35.79
N SER B 84 -5.36 7.39 36.36
CA SER B 84 -5.68 8.82 36.41
C SER B 84 -4.61 9.59 37.18
N LEU B 85 -4.30 9.16 38.41
CA LEU B 85 -3.38 9.91 39.25
C LEU B 85 -1.95 9.87 38.71
N PHE B 86 -1.49 8.70 38.27
CA PHE B 86 -0.14 8.58 37.73
C PHE B 86 0.02 9.42 36.47
N GLU B 87 -0.97 9.37 35.57
CA GLU B 87 -0.88 10.18 34.37
C GLU B 87 -0.85 11.66 34.72
N THR B 88 -1.74 12.11 35.61
CA THR B 88 -1.73 13.52 35.99
C THR B 88 -0.40 13.91 36.60
N ASN B 89 0.14 13.06 37.46
CA ASN B 89 1.41 13.37 38.12
C ASN B 89 2.52 13.57 37.10
N HIS B 90 2.68 12.62 36.17
CA HIS B 90 3.80 12.76 35.24
C HIS B 90 3.55 13.86 34.21
N LEU B 91 2.28 14.10 33.86
CA LEU B 91 1.99 15.22 32.96
C LEU B 91 2.37 16.55 33.60
N LEU B 92 1.98 16.77 34.86
CA LEU B 92 2.30 18.03 35.50
C LEU B 92 3.79 18.16 35.79
N LYS B 93 4.47 17.05 36.10
CA LYS B 93 5.90 17.12 36.34
C LYS B 93 6.67 17.43 35.06
N GLU B 94 6.25 16.87 33.93
CA GLU B 94 7.00 17.02 32.68
C GLU B 94 6.59 18.24 31.87
N ASP B 95 5.64 19.05 32.32
CA ASP B 95 5.15 20.19 31.55
C ASP B 95 4.91 21.36 32.48
N GLU B 96 5.69 22.43 32.31
CA GLU B 96 5.60 23.58 33.21
C GLU B 96 4.35 24.42 32.96
N GLU B 97 4.00 24.64 31.70
CA GLU B 97 2.86 25.50 31.39
C GLU B 97 1.56 24.92 31.94
N MET B 98 1.37 23.61 31.75
CA MET B 98 0.18 22.97 32.29
C MET B 98 0.16 23.01 33.80
N LYS B 99 1.33 22.82 34.43
CA LYS B 99 1.41 22.95 35.88
C LYS B 99 0.99 24.34 36.33
N ALA B 100 1.42 25.37 35.60
CA ALA B 100 1.02 26.73 35.94
C ALA B 100 -0.48 26.91 35.81
N LYS B 101 -1.08 26.38 34.73
CA LYS B 101 -2.52 26.50 34.56
C LYS B 101 -3.26 25.79 35.70
N ILE B 102 -2.85 24.58 36.03
CA ILE B 102 -3.53 23.80 37.07
C ILE B 102 -3.39 24.51 38.41
N ASN B 103 -2.20 25.05 38.71
CA ASN B 103 -2.02 25.74 39.98
C ASN B 103 -2.81 27.04 40.02
N GLU B 104 -2.96 27.71 38.87
CA GLU B 104 -3.83 28.88 38.83
C GLU B 104 -5.26 28.50 39.18
N ILE B 105 -5.72 27.36 38.68
CA ILE B 105 -7.06 26.88 39.05
C ILE B 105 -7.10 26.53 40.54
N LEU B 106 -6.06 25.88 41.05
CA LEU B 106 -6.05 25.39 42.42
C LEU B 106 -5.90 26.50 43.44
N LYS B 107 -5.39 27.67 43.03
CA LYS B 107 -5.18 28.76 43.98
C LYS B 107 -6.46 29.13 44.71
N GLU B 108 -7.61 28.94 44.09
CA GLU B 108 -8.87 29.25 44.75
C GLU B 108 -9.11 28.35 45.96
N THR B 109 -8.58 27.13 45.93
CA THR B 109 -8.77 26.18 47.02
C THR B 109 -7.74 26.32 48.12
N GLY B 110 -6.74 27.18 47.95
CA GLY B 110 -5.66 27.26 48.92
C GLY B 110 -4.65 26.15 48.81
N ARG B 111 -4.51 25.53 47.64
CA ARG B 111 -3.61 24.42 47.42
C ARG B 111 -2.67 24.75 46.26
N GLU B 112 -1.57 24.00 46.18
CA GLU B 112 -0.59 24.22 45.14
C GLU B 112 0.11 22.89 44.86
N TYR B 113 0.04 22.43 43.61
CA TYR B 113 0.74 21.22 43.22
C TYR B 113 2.23 21.50 43.09
N LYS B 114 3.05 20.65 43.72
CA LYS B 114 4.48 20.84 43.74
C LYS B 114 5.25 19.76 42.99
N GLY B 115 4.64 18.61 42.73
CA GLY B 115 5.34 17.50 42.10
C GLY B 115 6.39 16.88 43.00
N GLU B 116 5.99 16.52 44.22
CA GLU B 116 6.92 16.04 45.24
C GLU B 116 6.71 14.58 45.64
N VAL B 117 5.65 13.92 45.16
CA VAL B 117 5.35 12.55 45.55
C VAL B 117 5.14 11.70 44.32
N ASN B 118 5.21 10.39 44.52
CA ASN B 118 4.99 9.40 43.47
C ASN B 118 3.65 8.72 43.67
N VAL B 119 3.08 8.24 42.57
CA VAL B 119 1.86 7.45 42.58
C VAL B 119 2.24 6.00 42.31
N ARG B 120 1.76 5.09 43.14
CA ARG B 120 2.16 3.69 43.08
C ARG B 120 0.94 2.79 43.15
N HIS B 121 1.02 1.69 42.41
CA HIS B 121 -0.04 0.70 42.37
C HIS B 121 0.14 -0.31 43.50
N PHE B 122 -0.98 -0.78 44.02
CA PHE B 122 -0.99 -1.72 45.13
C PHE B 122 -0.13 -2.95 44.83
N ALA B 123 -0.29 -3.53 43.64
CA ALA B 123 0.49 -4.71 43.25
C ALA B 123 1.97 -4.39 43.15
N GLU B 124 2.32 -3.24 42.59
CA GLU B 124 3.73 -2.87 42.50
C GLU B 124 4.34 -2.72 43.89
N VAL B 125 3.62 -2.08 44.80
CA VAL B 125 4.11 -1.93 46.17
C VAL B 125 4.32 -3.30 46.81
N LEU B 126 3.34 -4.19 46.67
CA LEU B 126 3.50 -5.53 47.23
C LEU B 126 4.72 -6.23 46.64
N TYR B 127 4.86 -6.19 45.31
CA TYR B 127 5.91 -6.97 44.66
C TYR B 127 7.29 -6.44 45.00
N ASN B 128 7.46 -5.12 45.05
CA ASN B 128 8.78 -4.53 45.20
C ASN B 128 9.15 -4.23 46.65
N ASP B 129 8.26 -3.57 47.41
CA ASP B 129 8.59 -3.18 48.77
C ASP B 129 8.54 -4.36 49.74
N VAL B 130 7.63 -5.30 49.52
CA VAL B 130 7.45 -6.45 50.40
C VAL B 130 8.20 -7.67 49.86
N GLY B 131 7.94 -8.04 48.62
CA GLY B 131 8.57 -9.20 48.02
C GLY B 131 7.77 -10.46 48.21
N LEU B 132 8.00 -11.43 47.32
CA LEU B 132 7.23 -12.66 47.35
C LEU B 132 7.56 -13.51 48.57
N ASP B 133 8.78 -13.42 49.09
CA ASP B 133 9.15 -14.24 50.24
C ASP B 133 8.35 -13.86 51.48
N LYS B 134 8.28 -12.56 51.79
CA LYS B 134 7.53 -12.13 52.96
C LYS B 134 6.04 -12.46 52.82
N LEU B 135 5.49 -12.28 51.62
CA LEU B 135 4.10 -12.66 51.40
C LEU B 135 3.90 -14.15 51.61
N SER B 136 4.84 -14.97 51.12
CA SER B 136 4.73 -16.41 51.31
C SER B 136 4.78 -16.77 52.79
N GLU B 137 5.58 -16.04 53.56
CA GLU B 137 5.68 -16.29 55.00
C GLU B 137 4.34 -16.07 55.69
N LEU B 138 3.60 -15.05 55.27
CA LEU B 138 2.35 -14.68 55.93
C LEU B 138 1.19 -15.60 55.56
N VAL B 139 1.38 -16.53 54.64
CA VAL B 139 0.29 -17.43 54.27
C VAL B 139 0.05 -18.44 55.39
N GLU B 140 -1.19 -18.53 55.85
CA GLU B 140 -1.57 -19.50 56.87
C GLU B 140 -2.27 -20.72 56.31
N LYS B 141 -2.85 -20.62 55.12
CA LYS B 141 -3.56 -21.74 54.52
C LYS B 141 -3.45 -21.65 53.00
N PRO B 142 -2.66 -22.51 52.35
CA PRO B 142 -2.62 -22.48 50.89
C PRO B 142 -3.99 -22.75 50.31
N LEU B 143 -4.30 -22.04 49.22
CA LEU B 143 -5.62 -22.09 48.59
C LEU B 143 -5.62 -23.12 47.47
N ASN B 144 -6.67 -23.94 47.42
CA ASN B 144 -6.87 -24.89 46.34
C ASN B 144 -7.87 -24.28 45.36
N LEU B 145 -7.39 -23.33 44.56
CA LEU B 145 -8.24 -22.56 43.67
C LEU B 145 -7.59 -22.43 42.29
N ASN B 146 -8.40 -22.62 41.25
CA ASN B 146 -8.02 -22.29 39.88
C ASN B 146 -8.59 -20.91 39.56
N VAL B 147 -7.74 -19.91 39.41
CA VAL B 147 -8.19 -18.54 39.25
C VAL B 147 -7.80 -18.02 37.88
N ALA B 148 -8.65 -17.15 37.34
CA ALA B 148 -8.36 -16.39 36.13
C ALA B 148 -7.95 -14.99 36.56
N VAL B 149 -6.70 -14.62 36.30
CA VAL B 149 -6.21 -13.30 36.66
C VAL B 149 -6.64 -12.32 35.57
N HIS B 150 -7.36 -11.27 35.96
CA HIS B 150 -7.67 -10.16 35.07
C HIS B 150 -6.76 -9.00 35.44
N TYR B 151 -5.77 -8.75 34.58
CA TYR B 151 -4.86 -7.63 34.84
C TYR B 151 -5.56 -6.29 34.75
N GLY B 152 -6.54 -6.16 33.86
CA GLY B 152 -7.02 -4.87 33.46
C GLY B 152 -6.05 -4.22 32.48
N CYS B 153 -6.40 -3.02 32.04
CA CYS B 153 -5.60 -2.32 31.05
C CYS B 153 -4.69 -1.25 31.64
N HIS B 154 -5.16 -0.52 32.65
CA HIS B 154 -4.43 0.64 33.12
C HIS B 154 -3.47 0.32 34.26
N PHE B 155 -3.35 -0.94 34.64
CA PHE B 155 -2.26 -1.36 35.53
C PHE B 155 -0.91 -1.18 34.85
N LEU B 156 -0.76 -1.70 33.64
CA LEU B 156 0.53 -1.73 32.95
C LEU B 156 0.61 -0.79 31.76
N LYS B 157 -0.50 -0.30 31.23
CA LYS B 157 -0.47 0.48 30.01
C LYS B 157 -0.89 1.92 30.27
N PRO B 158 -0.27 2.90 29.60
CA PRO B 158 0.81 2.77 28.60
C PRO B 158 2.13 2.34 29.24
N SER B 159 2.75 1.29 28.71
CA SER B 159 3.95 0.74 29.33
C SER B 159 5.13 1.68 29.24
N ASP B 160 5.19 2.50 28.19
CA ASP B 160 6.28 3.47 28.08
C ASP B 160 6.38 4.35 29.31
N GLU B 161 5.24 4.78 29.84
CA GLU B 161 5.24 5.66 31.01
C GLU B 161 5.26 4.88 32.31
N ILE B 162 4.53 3.77 32.38
CA ILE B 162 4.34 3.07 33.64
C ILE B 162 5.55 2.18 33.96
N ASN B 163 5.99 1.39 32.99
CA ASN B 163 7.20 0.58 33.11
C ASN B 163 7.16 -0.33 34.34
N ILE B 164 6.10 -1.10 34.47
CA ILE B 164 5.95 -2.06 35.56
C ILE B 164 6.22 -3.48 35.09
N ASP B 165 5.63 -3.88 33.96
CA ASP B 165 5.82 -5.20 33.41
C ASP B 165 5.47 -5.16 31.93
N ASN B 166 5.79 -6.25 31.24
CA ASN B 166 5.49 -6.34 29.82
C ASN B 166 3.99 -6.44 29.62
N PRO B 167 3.36 -5.51 28.90
CA PRO B 167 1.89 -5.57 28.78
C PRO B 167 1.37 -6.79 28.04
N GLU B 168 2.13 -7.33 27.08
CA GLU B 168 1.63 -8.46 26.31
C GLU B 168 1.59 -9.74 27.13
N ARG B 169 2.68 -10.05 27.83
CA ARG B 169 2.79 -11.27 28.62
C ARG B 169 3.39 -10.95 29.99
N PRO B 170 2.62 -10.31 30.86
CA PRO B 170 3.11 -10.03 32.22
C PRO B 170 3.04 -11.26 33.11
N THR B 171 3.78 -11.20 34.22
CA THR B 171 3.78 -12.27 35.20
C THR B 171 3.59 -11.80 36.65
N ILE B 172 3.67 -10.49 36.92
CA ILE B 172 3.74 -10.01 38.29
C ILE B 172 2.51 -10.45 39.08
N LEU B 173 1.31 -10.21 38.54
CA LEU B 173 0.09 -10.60 39.25
C LEU B 173 0.01 -12.11 39.38
N ASP B 174 0.40 -12.84 38.34
CA ASP B 174 0.38 -14.30 38.41
C ASP B 174 1.27 -14.80 39.55
N GLU B 175 2.46 -14.23 39.69
CA GLU B 175 3.37 -14.65 40.74
C GLU B 175 2.81 -14.32 42.12
N ILE B 176 2.28 -13.11 42.29
CA ILE B 176 1.67 -12.76 43.58
C ILE B 176 0.54 -13.73 43.89
N VAL B 177 -0.27 -14.09 42.90
CA VAL B 177 -1.39 -14.98 43.12
C VAL B 177 -0.90 -16.37 43.51
N GLU B 178 0.10 -16.89 42.80
CA GLU B 178 0.59 -18.24 43.10
C GLU B 178 1.33 -18.30 44.43
N VAL B 179 1.79 -17.17 44.95
CA VAL B 179 2.35 -17.17 46.30
C VAL B 179 1.33 -17.68 47.31
N THR B 180 0.04 -17.54 47.01
CA THR B 180 -1.02 -17.96 47.91
C THR B 180 -1.39 -19.43 47.75
N GLY B 181 -0.77 -20.14 46.81
CA GLY B 181 -1.15 -21.51 46.52
C GLY B 181 -2.20 -21.66 45.44
N ALA B 182 -2.91 -20.60 45.10
CA ALA B 182 -3.82 -20.64 43.97
C ALA B 182 -3.03 -20.75 42.67
N LYS B 183 -3.67 -21.34 41.67
CA LYS B 183 -3.06 -21.54 40.35
C LYS B 183 -3.66 -20.53 39.38
N SER B 184 -2.80 -19.76 38.73
CA SER B 184 -3.24 -18.86 37.67
C SER B 184 -3.36 -19.63 36.37
N VAL B 185 -4.58 -19.74 35.86
CA VAL B 185 -4.87 -20.56 34.68
C VAL B 185 -4.84 -19.66 33.45
N GLU B 186 -4.07 -20.06 32.45
CA GLU B 186 -4.05 -19.35 31.19
C GLU B 186 -5.36 -19.56 30.44
N TYR B 187 -5.87 -18.50 29.83
CA TYR B 187 -7.10 -18.57 29.06
C TYR B 187 -6.99 -17.64 27.86
N LYS B 188 -7.84 -17.88 26.87
CA LYS B 188 -7.77 -17.15 25.61
C LYS B 188 -8.02 -15.66 25.82
N ASP B 189 -7.27 -14.84 25.11
CA ASP B 189 -7.41 -13.39 25.16
C ASP B 189 -7.36 -12.89 26.60
N LYS B 190 -6.38 -13.41 27.34
CA LYS B 190 -6.29 -13.13 28.77
C LYS B 190 -6.11 -11.63 29.04
N MET B 191 -5.40 -10.92 28.18
CA MET B 191 -5.10 -9.51 28.40
C MET B 191 -6.19 -8.59 27.87
N MET B 192 -7.30 -9.14 27.40
CA MET B 192 -8.37 -8.34 26.85
C MET B 192 -9.03 -7.46 27.91
N CYS B 193 -9.48 -6.28 27.48
CA CYS B 193 -10.20 -5.36 28.36
C CYS B 193 -11.52 -5.97 28.82
N CYS B 194 -11.96 -5.56 30.01
CA CYS B 194 -13.27 -5.99 30.52
C CYS B 194 -14.43 -5.24 29.89
N GLY B 195 -14.16 -4.17 29.13
CA GLY B 195 -15.19 -3.41 28.46
C GLY B 195 -15.71 -2.21 29.20
N ALA B 196 -15.32 -2.02 30.47
CA ALA B 196 -15.86 -0.93 31.27
C ALA B 196 -15.08 0.37 31.14
N GLY B 197 -13.87 0.35 30.61
CA GLY B 197 -13.06 1.55 30.57
C GLY B 197 -13.54 2.57 29.55
N GLY B 198 -12.98 3.77 29.65
CA GLY B 198 -13.24 4.81 28.68
C GLY B 198 -14.67 5.32 28.68
N GLY B 199 -15.42 5.07 29.73
CA GLY B 199 -16.81 5.45 29.79
C GLY B 199 -17.76 4.53 29.06
N VAL B 200 -17.27 3.41 28.50
CA VAL B 200 -18.11 2.56 27.66
C VAL B 200 -19.20 1.90 28.50
N ARG B 201 -18.90 1.54 29.75
CA ARG B 201 -19.91 0.86 30.56
C ARG B 201 -21.17 1.71 30.69
N SER B 202 -21.01 3.01 30.94
CA SER B 202 -22.16 3.90 31.07
C SER B 202 -22.72 4.34 29.72
N ARG B 203 -21.88 4.48 28.69
CA ARG B 203 -22.37 4.96 27.39
C ARG B 203 -23.16 3.86 26.68
N ASP B 204 -22.59 2.67 26.56
CA ASP B 204 -23.20 1.56 25.83
C ASP B 204 -23.00 0.30 26.66
N LEU B 205 -23.95 0.03 27.54
CA LEU B 205 -23.83 -1.12 28.44
C LEU B 205 -23.75 -2.43 27.67
N ASP B 206 -24.45 -2.53 26.54
CA ASP B 206 -24.44 -3.79 25.79
C ASP B 206 -23.05 -4.11 25.25
N VAL B 207 -22.34 -3.11 24.75
CA VAL B 207 -20.98 -3.34 24.24
C VAL B 207 -20.05 -3.79 25.36
N ALA B 208 -20.08 -3.08 26.49
CA ALA B 208 -19.22 -3.45 27.61
C ALA B 208 -19.55 -4.85 28.11
N LEU B 209 -20.83 -5.17 28.21
CA LEU B 209 -21.23 -6.51 28.60
C LEU B 209 -20.77 -7.54 27.58
N ASP B 210 -20.69 -7.17 26.30
CA ASP B 210 -20.19 -8.12 25.32
C ASP B 210 -18.71 -8.41 25.56
N PHE B 211 -17.93 -7.38 25.89
CA PHE B 211 -16.56 -7.62 26.33
C PHE B 211 -16.54 -8.64 27.46
N THR B 212 -17.33 -8.36 28.49
CA THR B 212 -17.32 -9.20 29.69
C THR B 212 -17.77 -10.62 29.36
N ARG B 213 -18.77 -10.77 28.49
CA ARG B 213 -19.26 -12.08 28.12
C ARG B 213 -18.20 -12.87 27.36
N GLU B 214 -17.47 -12.22 26.44
CA GLU B 214 -16.38 -12.89 25.75
C GLU B 214 -15.34 -13.37 26.75
N LYS B 215 -14.94 -12.49 27.67
CA LYS B 215 -13.94 -12.87 28.68
C LYS B 215 -14.45 -14.00 29.55
N LEU B 216 -15.71 -13.97 29.95
CA LEU B 216 -16.27 -15.00 30.81
C LEU B 216 -16.34 -16.34 30.08
N THR B 217 -16.70 -16.31 28.80
CA THR B 217 -16.68 -17.54 28.01
C THR B 217 -15.28 -18.14 27.97
N ASN B 218 -14.28 -17.30 27.72
CA ASN B 218 -12.90 -17.80 27.66
C ASN B 218 -12.45 -18.33 29.02
N MET B 219 -12.82 -17.66 30.10
CA MET B 219 -12.47 -18.17 31.43
C MET B 219 -13.17 -19.49 31.72
N LYS B 220 -14.45 -19.60 31.35
CA LYS B 220 -15.20 -20.82 31.62
C LYS B 220 -14.61 -22.00 30.88
N GLU B 221 -14.25 -21.82 29.60
CA GLU B 221 -13.64 -22.93 28.87
C GLU B 221 -12.31 -23.34 29.49
N ALA B 222 -11.67 -22.48 30.27
CA ALA B 222 -10.43 -22.80 30.97
C ALA B 222 -10.68 -23.44 32.32
N GLY B 223 -11.92 -23.57 32.76
CA GLY B 223 -12.23 -24.27 33.99
C GLY B 223 -11.68 -23.64 35.24
N VAL B 224 -11.83 -22.34 35.39
CA VAL B 224 -11.33 -21.64 36.57
C VAL B 224 -12.44 -21.58 37.62
N ASP B 225 -12.02 -21.39 38.88
CA ASP B 225 -12.95 -21.27 40.00
C ASP B 225 -13.31 -19.84 40.36
N ALA B 226 -12.47 -18.86 40.02
CA ALA B 226 -12.74 -17.49 40.39
C ALA B 226 -11.92 -16.56 39.51
N ILE B 227 -12.29 -15.28 39.52
CA ILE B 227 -11.57 -14.22 38.84
C ILE B 227 -10.86 -13.38 39.89
N VAL B 228 -9.61 -13.02 39.61
CA VAL B 228 -8.83 -12.16 40.48
C VAL B 228 -8.46 -10.90 39.71
N ASN B 229 -8.71 -9.75 40.31
CA ASN B 229 -8.47 -8.46 39.67
C ASN B 229 -7.79 -7.52 40.64
N VAL B 230 -7.23 -6.44 40.10
CA VAL B 230 -6.63 -5.39 40.91
C VAL B 230 -7.31 -4.07 40.56
N CYS B 231 -8.59 -4.13 40.24
CA CYS B 231 -9.31 -2.93 39.84
C CYS B 231 -10.76 -3.00 40.30
N PRO B 232 -11.18 -2.19 41.26
CA PRO B 232 -12.61 -2.16 41.62
C PRO B 232 -13.50 -1.82 40.44
N PHE B 233 -13.03 -1.06 39.46
CA PHE B 233 -13.81 -0.83 38.26
C PHE B 233 -14.04 -2.14 37.50
N CYS B 234 -12.97 -2.89 37.25
CA CYS B 234 -13.11 -4.20 36.63
C CYS B 234 -13.90 -5.15 37.54
N HIS B 235 -13.66 -5.05 38.85
CA HIS B 235 -14.40 -5.88 39.80
C HIS B 235 -15.90 -5.68 39.66
N LEU B 236 -16.34 -4.43 39.63
CA LEU B 236 -17.74 -4.11 39.46
C LEU B 236 -18.25 -4.59 38.12
N GLN B 237 -17.48 -4.35 37.04
CA GLN B 237 -17.92 -4.83 35.74
C GLN B 237 -18.20 -6.32 35.78
N PHE B 238 -17.24 -7.12 36.26
CA PHE B 238 -17.44 -8.56 36.28
C PHE B 238 -18.60 -8.95 37.19
N ASP B 239 -18.63 -8.41 38.40
CA ASP B 239 -19.64 -8.82 39.38
C ASP B 239 -21.05 -8.46 38.93
N VAL B 240 -21.31 -7.16 38.78
CA VAL B 240 -22.65 -6.73 38.39
C VAL B 240 -22.99 -7.19 36.98
N GLY B 241 -22.01 -7.24 36.08
CA GLY B 241 -22.28 -7.62 34.71
C GLY B 241 -22.59 -9.09 34.55
N GLN B 242 -22.12 -9.94 35.46
CA GLN B 242 -22.57 -11.32 35.42
C GLN B 242 -24.08 -11.40 35.66
N MET B 243 -24.58 -10.63 36.64
CA MET B 243 -26.01 -10.56 36.86
C MET B 243 -26.73 -9.96 35.66
N GLU B 244 -26.17 -8.89 35.09
CA GLU B 244 -26.80 -8.25 33.94
C GLU B 244 -26.85 -9.19 32.73
N ILE B 245 -25.78 -9.94 32.50
CA ILE B 245 -25.75 -10.92 31.42
C ILE B 245 -26.78 -12.02 31.67
N LYS B 246 -26.84 -12.51 32.91
CA LYS B 246 -27.81 -13.55 33.23
C LYS B 246 -29.23 -13.05 33.00
N ASP B 247 -29.51 -11.80 33.37
CA ASP B 247 -30.86 -11.27 33.22
C ASP B 247 -31.18 -10.90 31.77
N LYS B 248 -30.18 -10.56 30.97
CA LYS B 248 -30.42 -10.13 29.60
C LYS B 248 -30.47 -11.30 28.62
N PHE B 249 -29.45 -12.15 28.62
CA PHE B 249 -29.36 -13.26 27.67
C PHE B 249 -29.63 -14.61 28.30
N GLY B 250 -29.89 -14.67 29.60
CA GLY B 250 -30.16 -15.94 30.24
C GLY B 250 -28.95 -16.84 30.34
N GLU B 251 -27.75 -16.28 30.28
CA GLU B 251 -26.51 -17.02 30.44
C GLU B 251 -25.90 -16.65 31.78
N GLU B 252 -25.68 -17.64 32.64
CA GLU B 252 -25.11 -17.41 33.96
C GLU B 252 -23.77 -18.14 34.04
N PHE B 253 -22.71 -17.38 34.34
CA PHE B 253 -21.39 -17.98 34.48
C PHE B 253 -21.09 -18.31 35.93
N ASP B 254 -21.66 -17.54 36.86
CA ASP B 254 -21.53 -17.80 38.30
C ASP B 254 -20.06 -17.98 38.73
N ILE B 255 -19.18 -17.15 38.21
CA ILE B 255 -17.77 -17.17 38.55
C ILE B 255 -17.51 -16.07 39.57
N PRO B 256 -17.11 -16.39 40.80
CA PRO B 256 -16.87 -15.34 41.80
C PRO B 256 -15.77 -14.38 41.37
N VAL B 257 -15.88 -13.14 41.85
CA VAL B 257 -14.94 -12.08 41.51
C VAL B 257 -14.27 -11.63 42.81
N LEU B 258 -12.95 -11.76 42.87
CA LEU B 258 -12.18 -11.40 44.04
C LEU B 258 -11.13 -10.37 43.68
N HIS B 259 -11.03 -9.32 44.47
CA HIS B 259 -9.88 -8.43 44.38
C HIS B 259 -8.65 -9.16 44.94
N LEU B 260 -7.47 -8.76 44.45
CA LEU B 260 -6.25 -9.42 44.88
C LEU B 260 -6.08 -9.35 46.39
N ALA B 261 -6.46 -8.21 46.99
CA ALA B 261 -6.39 -8.07 48.44
C ALA B 261 -7.24 -9.13 49.13
N GLN B 262 -8.45 -9.38 48.62
CA GLN B 262 -9.32 -10.39 49.21
C GLN B 262 -8.72 -11.78 49.09
N LEU B 263 -8.13 -12.10 47.93
CA LEU B 263 -7.46 -13.39 47.78
C LEU B 263 -6.33 -13.54 48.79
N LEU B 264 -5.51 -12.50 48.94
CA LEU B 264 -4.41 -12.57 49.90
C LEU B 264 -4.94 -12.74 51.32
N GLY B 265 -6.01 -12.02 51.66
CA GLY B 265 -6.59 -12.19 52.99
C GLY B 265 -7.12 -13.59 53.21
N LEU B 266 -7.78 -14.17 52.20
CA LEU B 266 -8.24 -15.54 52.31
C LEU B 266 -7.08 -16.49 52.56
N ALA B 267 -5.96 -16.29 51.84
CA ALA B 267 -4.79 -17.13 52.06
C ALA B 267 -4.15 -16.87 53.42
N MET B 268 -4.30 -15.65 53.94
CA MET B 268 -3.66 -15.24 55.19
C MET B 268 -4.54 -15.48 56.39
N GLY B 269 -5.65 -16.20 56.24
CA GLY B 269 -6.52 -16.51 57.36
C GLY B 269 -7.22 -15.31 57.96
N LEU B 270 -7.74 -14.43 57.12
CA LEU B 270 -8.50 -13.30 57.63
C LEU B 270 -9.92 -13.75 58.01
N PRO B 271 -10.56 -13.05 58.94
CA PRO B 271 -11.95 -13.40 59.26
C PRO B 271 -12.85 -13.24 58.04
N LYS B 272 -13.80 -14.17 57.90
CA LYS B 272 -14.72 -14.11 56.78
C LYS B 272 -15.53 -12.82 56.81
N GLU B 273 -15.84 -12.30 58.00
CA GLU B 273 -16.60 -11.05 58.08
C GLU B 273 -15.81 -9.90 57.47
N ASP B 274 -14.49 -9.87 57.69
CA ASP B 274 -13.69 -8.77 57.16
C ASP B 274 -13.78 -8.72 55.64
N LEU B 275 -13.67 -9.86 54.97
CA LEU B 275 -13.98 -9.94 53.55
C LEU B 275 -15.48 -9.76 53.39
N VAL B 276 -15.89 -8.61 52.85
CA VAL B 276 -17.32 -8.29 52.74
C VAL B 276 -17.79 -8.87 51.42
N VAL B 277 -18.10 -10.18 51.46
CA VAL B 277 -18.68 -10.85 50.31
C VAL B 277 -20.17 -10.57 50.16
N ASP B 278 -20.80 -10.03 51.20
CA ASP B 278 -22.19 -9.62 51.09
C ASP B 278 -22.37 -8.51 50.06
N ALA B 279 -21.30 -7.76 49.76
CA ALA B 279 -21.39 -6.74 48.74
C ALA B 279 -21.40 -7.32 47.33
N HIS B 280 -20.79 -8.49 47.15
CA HIS B 280 -20.70 -9.09 45.82
C HIS B 280 -22.06 -9.59 45.37
N GLN B 281 -22.45 -9.22 44.14
CA GLN B 281 -23.68 -9.72 43.56
C GLN B 281 -23.57 -11.19 43.16
N VAL B 282 -22.38 -11.62 42.75
CA VAL B 282 -22.12 -13.02 42.47
C VAL B 282 -21.67 -13.69 43.77
N CYS B 283 -22.39 -14.73 44.18
CA CYS B 283 -22.11 -15.38 45.46
C CYS B 283 -20.68 -15.94 45.50
N MET C 1 -29.64 3.76 21.48
CA MET C 1 -29.58 2.53 20.62
C MET C 1 -28.15 1.99 20.61
N THR C 2 -28.00 0.72 20.99
CA THR C 2 -26.68 0.11 21.10
C THR C 2 -26.02 -0.02 19.73
N LEU C 3 -24.71 0.11 19.72
CA LEU C 3 -23.91 -0.15 18.53
C LEU C 3 -23.45 -1.60 18.43
N LEU C 4 -23.78 -2.43 19.40
CA LEU C 4 -23.30 -3.80 19.41
C LEU C 4 -23.84 -4.56 18.20
N GLN C 5 -22.94 -5.26 17.50
CA GLN C 5 -23.33 -6.11 16.39
C GLN C 5 -22.20 -7.13 16.21
N ARG C 6 -22.45 -8.36 16.64
CA ARG C 6 -21.39 -9.35 16.78
C ARG C 6 -20.95 -9.92 15.43
N GLU C 7 -21.85 -9.98 14.46
CA GLU C 7 -21.58 -10.66 13.19
C GLU C 7 -21.21 -9.72 12.06
N GLU C 8 -21.64 -8.46 12.09
CA GLU C 8 -21.42 -7.55 10.97
C GLU C 8 -20.04 -6.90 10.98
N ASN C 9 -19.29 -7.00 12.08
CA ASN C 9 -18.05 -6.24 12.23
C ASN C 9 -16.82 -7.13 12.29
N ILE C 10 -16.91 -8.36 11.82
CA ILE C 10 -15.78 -9.27 11.79
C ILE C 10 -15.99 -10.26 10.65
N ILE C 11 -14.89 -10.65 10.01
CA ILE C 11 -14.92 -11.63 8.92
C ILE C 11 -14.20 -12.88 9.40
N ARG C 12 -14.90 -14.01 9.34
CA ARG C 12 -14.35 -15.32 9.63
C ARG C 12 -14.66 -16.24 8.45
N LYS C 13 -14.16 -17.47 8.51
CA LYS C 13 -14.40 -18.41 7.41
C LYS C 13 -15.89 -18.64 7.17
N GLY C 14 -16.73 -18.44 8.18
CA GLY C 14 -18.16 -18.65 8.03
C GLY C 14 -18.82 -17.66 7.08
N ASN C 15 -18.19 -16.52 6.82
CA ASN C 15 -18.71 -15.53 5.89
C ASN C 15 -18.22 -15.75 4.46
N ILE C 16 -17.45 -16.80 4.20
CA ILE C 16 -16.72 -16.95 2.95
C ILE C 16 -17.26 -18.17 2.22
N ASP C 17 -17.59 -17.98 0.94
CA ASP C 17 -17.98 -19.06 0.04
C ASP C 17 -16.94 -19.13 -1.08
N LYS C 18 -16.07 -20.14 -1.00
CA LYS C 18 -14.99 -20.25 -1.98
C LYS C 18 -15.52 -20.74 -3.31
N GLU C 19 -16.53 -21.62 -3.26
CA GLU C 19 -17.14 -22.06 -4.51
C GLU C 19 -17.72 -20.90 -5.29
N PHE C 20 -18.20 -19.87 -4.60
CA PHE C 20 -18.73 -18.70 -5.28
C PHE C 20 -17.64 -17.99 -6.08
N SER C 21 -16.48 -17.77 -5.46
CA SER C 21 -15.37 -17.15 -6.17
C SER C 21 -14.94 -18.00 -7.36
N GLU C 22 -14.87 -19.32 -7.17
CA GLU C 22 -14.48 -20.19 -8.27
C GLU C 22 -15.49 -20.13 -9.40
N LYS C 23 -16.78 -20.13 -9.07
CA LYS C 23 -17.82 -20.06 -10.09
C LYS C 23 -17.74 -18.75 -10.85
N ILE C 24 -17.52 -17.64 -10.14
CA ILE C 24 -17.39 -16.35 -10.83
C ILE C 24 -16.20 -16.36 -11.76
N LYS C 25 -15.05 -16.87 -11.29
CA LYS C 25 -13.85 -16.86 -12.11
C LYS C 25 -14.02 -17.74 -13.34
N ALA C 26 -14.61 -18.93 -13.17
CA ALA C 26 -14.77 -19.85 -14.28
C ALA C 26 -15.76 -19.34 -15.33
N ALA C 27 -16.67 -18.44 -14.96
CA ALA C 27 -17.70 -17.95 -15.85
C ALA C 27 -17.25 -16.72 -16.64
N GLY C 28 -15.99 -16.31 -16.51
CA GLY C 28 -15.49 -15.16 -17.23
C GLY C 28 -15.00 -14.02 -16.35
N GLY C 29 -15.01 -14.16 -15.03
CA GLY C 29 -14.49 -13.12 -14.16
C GLY C 29 -13.12 -13.44 -13.59
N ASP C 30 -12.39 -14.36 -14.25
CA ASP C 30 -11.11 -14.81 -13.70
C ASP C 30 -10.14 -13.66 -13.47
N SER C 31 -10.24 -12.59 -14.26
CA SER C 31 -9.33 -11.48 -14.12
C SER C 31 -9.45 -10.80 -12.77
N LEU C 32 -10.58 -10.95 -12.09
CA LEU C 32 -10.70 -10.37 -10.76
C LEU C 32 -9.64 -10.90 -9.82
N GLU C 33 -9.04 -12.05 -10.14
CA GLU C 33 -7.98 -12.59 -9.31
C GLU C 33 -6.84 -11.59 -9.14
N TYR C 34 -6.58 -10.75 -10.14
CA TYR C 34 -5.37 -9.93 -10.06
C TYR C 34 -5.59 -8.42 -10.13
N CYS C 35 -6.54 -7.84 -9.40
CA CYS C 35 -6.40 -6.40 -9.17
C CYS C 35 -5.62 -6.22 -7.88
N PHE C 36 -4.84 -5.15 -7.84
CA PHE C 36 -4.09 -4.76 -6.66
C PHE C 36 -4.72 -3.56 -5.96
N GLN C 37 -6.05 -3.43 -6.06
CA GLN C 37 -6.84 -2.57 -5.20
C GLN C 37 -6.32 -1.13 -5.22
N CYS C 38 -6.02 -0.64 -6.42
CA CYS C 38 -5.52 0.72 -6.55
C CYS C 38 -6.61 1.76 -6.37
N GLY C 39 -7.86 1.40 -6.64
CA GLY C 39 -8.97 2.33 -6.49
C GLY C 39 -9.25 3.20 -7.70
N THR C 40 -8.57 2.97 -8.83
CA THR C 40 -8.89 3.71 -10.04
C THR C 40 -10.35 3.50 -10.44
N CYS C 41 -10.84 2.27 -10.33
CA CYS C 41 -12.23 1.99 -10.69
C CYS C 41 -13.19 2.87 -9.89
N THR C 42 -13.04 2.87 -8.57
CA THR C 42 -13.94 3.68 -7.74
C THR C 42 -13.83 5.16 -8.09
N GLY C 43 -12.61 5.64 -8.33
CA GLY C 43 -12.44 7.04 -8.70
C GLY C 43 -13.15 7.41 -9.98
N SER C 44 -13.21 6.48 -10.94
CA SER C 44 -13.86 6.72 -12.22
C SER C 44 -15.37 6.57 -12.16
N CYS C 45 -15.90 5.99 -11.10
CA CYS C 45 -17.28 5.53 -11.10
C CYS C 45 -18.25 6.69 -10.84
N PRO C 46 -19.13 7.02 -11.79
CA PRO C 46 -20.10 8.09 -11.53
C PRO C 46 -21.13 7.72 -10.47
N SER C 47 -21.50 6.44 -10.36
CA SER C 47 -22.44 6.06 -9.31
C SER C 47 -21.80 6.08 -7.93
N GLY C 48 -20.50 5.79 -7.85
CA GLY C 48 -19.81 5.85 -6.58
C GLY C 48 -19.81 7.22 -5.95
N ARG C 49 -19.95 8.28 -6.76
CA ARG C 49 -19.94 9.64 -6.25
C ARG C 49 -21.24 10.05 -5.57
N ARG C 50 -22.33 9.32 -5.78
CA ARG C 50 -23.64 9.72 -5.28
C ARG C 50 -24.38 8.60 -4.57
N THR C 51 -23.80 7.43 -4.43
CA THR C 51 -24.39 6.32 -3.70
C THR C 51 -23.31 5.65 -2.86
N PRO C 52 -23.68 4.68 -2.02
CA PRO C 52 -22.66 3.89 -1.30
C PRO C 52 -21.97 2.83 -2.14
N TYR C 53 -22.26 2.76 -3.43
CA TYR C 53 -21.66 1.73 -4.29
C TYR C 53 -20.17 1.95 -4.42
N ARG C 54 -19.38 0.92 -4.11
CA ARG C 54 -17.92 0.96 -4.21
C ARG C 54 -17.46 -0.24 -5.04
N VAL C 55 -17.17 -0.01 -6.31
CA VAL C 55 -16.85 -1.11 -7.22
C VAL C 55 -15.57 -1.83 -6.78
N ARG C 56 -14.55 -1.08 -6.37
CA ARG C 56 -13.32 -1.72 -5.89
C ARG C 56 -13.64 -2.73 -4.80
N GLN C 57 -14.52 -2.36 -3.87
CA GLN C 57 -14.87 -3.26 -2.77
C GLN C 57 -15.65 -4.45 -3.25
N ILE C 58 -16.50 -4.28 -4.27
CA ILE C 58 -17.18 -5.42 -4.85
C ILE C 58 -16.16 -6.41 -5.42
N ILE C 59 -15.17 -5.91 -6.14
CA ILE C 59 -14.15 -6.79 -6.70
C ILE C 59 -13.40 -7.50 -5.57
N ARG C 60 -13.04 -6.75 -4.52
CA ARG C 60 -12.35 -7.33 -3.38
C ARG C 60 -13.17 -8.45 -2.74
N LYS C 61 -14.45 -8.18 -2.48
CA LYS C 61 -15.32 -9.19 -1.86
C LYS C 61 -15.46 -10.42 -2.74
N ALA C 62 -15.60 -10.21 -4.05
CA ALA C 62 -15.64 -11.34 -4.97
C ALA C 62 -14.38 -12.19 -4.85
N ASN C 63 -13.22 -11.54 -4.73
CA ASN C 63 -11.99 -12.30 -4.55
C ASN C 63 -11.97 -13.05 -3.22
N VAL C 64 -12.44 -12.41 -2.15
CA VAL C 64 -12.43 -13.04 -0.84
C VAL C 64 -13.47 -14.16 -0.76
N GLY C 65 -14.57 -14.03 -1.49
CA GLY C 65 -15.63 -15.01 -1.46
C GLY C 65 -16.80 -14.65 -0.57
N LEU C 66 -17.07 -13.37 -0.34
CA LEU C 66 -18.18 -12.94 0.52
C LEU C 66 -19.47 -12.89 -0.31
N LYS C 67 -19.95 -14.09 -0.63
CA LYS C 67 -21.11 -14.22 -1.51
C LYS C 67 -22.34 -13.53 -0.92
N ASP C 68 -22.69 -13.85 0.32
CA ASP C 68 -23.91 -13.31 0.90
C ASP C 68 -23.86 -11.80 0.96
N GLU C 69 -22.68 -11.25 1.23
CA GLU C 69 -22.53 -9.80 1.26
C GLU C 69 -22.71 -9.18 -0.12
N ILE C 70 -22.25 -9.86 -1.18
CA ILE C 70 -22.34 -9.28 -2.52
C ILE C 70 -23.77 -9.36 -3.05
N ILE C 71 -24.32 -10.57 -3.10
CA ILE C 71 -25.55 -10.78 -3.86
C ILE C 71 -26.73 -10.07 -3.22
N SER C 72 -26.72 -9.92 -1.90
CA SER C 72 -27.79 -9.24 -1.18
C SER C 72 -27.57 -7.73 -1.13
N ASP C 73 -26.48 -7.23 -1.70
CA ASP C 73 -26.15 -5.82 -1.63
C ASP C 73 -27.02 -5.04 -2.61
N PRO C 74 -27.85 -4.10 -2.16
CA PRO C 74 -28.57 -3.25 -3.12
C PRO C 74 -27.64 -2.43 -3.98
N THR C 75 -26.51 -1.96 -3.45
CA THR C 75 -25.63 -1.11 -4.23
C THR C 75 -25.11 -1.81 -5.47
N LEU C 76 -25.16 -3.14 -5.51
CA LEU C 76 -24.71 -3.87 -6.70
C LEU C 76 -25.47 -3.41 -7.94
N TRP C 77 -26.71 -2.97 -7.77
CA TRP C 77 -27.54 -2.56 -8.89
C TRP C 77 -27.37 -1.09 -9.25
N MET C 78 -26.37 -0.41 -8.67
CA MET C 78 -26.11 0.98 -9.01
C MET C 78 -25.17 1.15 -10.20
N CYS C 79 -24.58 0.07 -10.70
CA CYS C 79 -23.64 0.17 -11.82
C CYS C 79 -24.43 0.30 -13.12
N THR C 80 -24.13 1.35 -13.89
CA THR C 80 -24.76 1.58 -15.19
C THR C 80 -24.04 0.87 -16.32
N THR C 81 -22.94 0.18 -16.04
CA THR C 81 -22.11 -0.46 -17.07
C THR C 81 -21.54 0.58 -18.04
N CYS C 82 -21.14 1.74 -17.51
CA CYS C 82 -20.52 2.78 -18.33
C CYS C 82 -19.12 2.39 -18.83
N TYR C 83 -18.47 1.40 -18.22
CA TYR C 83 -17.17 0.85 -18.61
C TYR C 83 -15.98 1.79 -18.36
N SER C 84 -16.19 2.97 -17.76
CA SER C 84 -15.08 3.89 -17.53
C SER C 84 -13.97 3.24 -16.69
N CYS C 85 -14.37 2.60 -15.58
CA CYS C 85 -13.41 1.88 -14.76
C CYS C 85 -12.62 0.88 -15.59
N GLN C 86 -13.33 0.04 -16.35
CA GLN C 86 -12.69 -1.00 -17.14
C GLN C 86 -11.75 -0.41 -18.18
N GLU C 87 -12.08 0.77 -18.70
CA GLU C 87 -11.18 1.43 -19.64
C GLU C 87 -9.90 1.86 -18.94
N ARG C 88 -9.97 2.19 -17.65
CA ARG C 88 -8.79 2.72 -16.96
C ARG C 88 -8.05 1.73 -16.07
N CYS C 89 -8.59 0.54 -15.82
CA CYS C 89 -7.98 -0.36 -14.85
C CYS C 89 -6.53 -0.69 -15.24
N PRO C 90 -5.54 -0.41 -14.39
CA PRO C 90 -4.14 -0.69 -14.77
C PRO C 90 -3.82 -2.18 -14.86
N ARG C 91 -4.60 -3.04 -14.21
CA ARG C 91 -4.40 -4.49 -14.29
C ARG C 91 -5.29 -5.16 -15.33
N LYS C 92 -6.04 -4.37 -16.11
CA LYS C 92 -6.91 -4.90 -17.17
C LYS C 92 -7.89 -5.94 -16.62
N VAL C 93 -8.51 -5.62 -15.47
CA VAL C 93 -9.59 -6.45 -14.95
C VAL C 93 -10.87 -6.19 -15.73
N LYS C 94 -11.61 -7.25 -16.02
CA LYS C 94 -12.89 -7.14 -16.72
C LYS C 94 -14.00 -6.84 -15.70
N ILE C 95 -13.99 -5.60 -15.20
CA ILE C 95 -14.83 -5.24 -14.06
C ILE C 95 -16.30 -5.45 -14.40
N VAL C 96 -16.73 -4.96 -15.56
CA VAL C 96 -18.16 -5.01 -15.89
C VAL C 96 -18.64 -6.46 -16.00
N ASP C 97 -17.79 -7.34 -16.54
CA ASP C 97 -18.15 -8.76 -16.58
C ASP C 97 -18.34 -9.31 -15.19
N VAL C 98 -17.47 -8.93 -14.24
CA VAL C 98 -17.60 -9.39 -12.86
C VAL C 98 -18.90 -8.89 -12.26
N VAL C 99 -19.22 -7.61 -12.48
CA VAL C 99 -20.46 -7.04 -11.95
C VAL C 99 -21.66 -7.78 -12.51
N LYS C 100 -21.67 -8.07 -13.81
CA LYS C 100 -22.81 -8.75 -14.40
C LYS C 100 -22.94 -10.19 -13.90
N LEU C 101 -21.81 -10.88 -13.70
CA LEU C 101 -21.88 -12.24 -13.16
C LEU C 101 -22.42 -12.24 -11.74
N ALA C 102 -21.94 -11.30 -10.91
CA ALA C 102 -22.48 -11.16 -9.57
C ALA C 102 -23.97 -10.88 -9.62
N ARG C 103 -24.41 -10.05 -10.56
CA ARG C 103 -25.84 -9.75 -10.70
C ARG C 103 -26.63 -11.00 -11.10
N ASN C 104 -26.06 -11.83 -11.98
CA ASN C 104 -26.73 -13.07 -12.34
C ASN C 104 -26.90 -13.97 -11.12
N GLU C 105 -25.87 -14.07 -10.29
CA GLU C 105 -25.98 -14.85 -9.06
C GLU C 105 -27.02 -14.25 -8.11
N ALA C 106 -27.04 -12.92 -8.00
CA ALA C 106 -28.03 -12.27 -7.16
C ALA C 106 -29.44 -12.55 -7.64
N ALA C 107 -29.67 -12.44 -8.96
CA ALA C 107 -30.98 -12.76 -9.50
C ALA C 107 -31.36 -14.19 -9.19
N LYS C 108 -30.42 -15.12 -9.35
CA LYS C 108 -30.69 -16.51 -8.99
C LYS C 108 -31.01 -16.66 -7.52
N ALA C 109 -30.51 -15.76 -6.67
CA ALA C 109 -30.81 -15.78 -5.25
C ALA C 109 -32.11 -15.04 -4.90
N GLY C 110 -32.82 -14.50 -5.89
CA GLY C 110 -34.08 -13.84 -5.66
C GLY C 110 -34.02 -12.34 -5.46
N PHE C 111 -32.86 -11.71 -5.68
CA PHE C 111 -32.73 -10.27 -5.51
C PHE C 111 -32.94 -9.57 -6.85
N MET C 112 -34.20 -9.58 -7.28
CA MET C 112 -34.63 -8.92 -8.51
C MET C 112 -35.65 -7.85 -8.16
N ALA C 113 -35.43 -6.65 -8.69
CA ALA C 113 -36.38 -5.57 -8.47
C ALA C 113 -37.68 -5.83 -9.23
N PRO C 114 -38.82 -5.40 -8.70
CA PRO C 114 -40.08 -5.56 -9.46
C PRO C 114 -40.08 -4.88 -10.82
N ALA C 115 -39.44 -3.72 -10.96
CA ALA C 115 -39.42 -3.04 -12.26
C ALA C 115 -38.66 -3.85 -13.31
N HIS C 116 -37.53 -4.44 -12.92
CA HIS C 116 -36.78 -5.28 -13.85
C HIS C 116 -37.60 -6.50 -14.26
N LYS C 117 -38.32 -7.10 -13.31
CA LYS C 117 -39.25 -8.19 -13.64
C LYS C 117 -40.32 -7.70 -14.61
N ALA C 118 -40.78 -6.47 -14.45
CA ALA C 118 -41.78 -5.92 -15.37
C ALA C 118 -41.22 -5.82 -16.78
N VAL C 119 -39.97 -5.39 -16.91
CA VAL C 119 -39.34 -5.36 -18.23
C VAL C 119 -39.26 -6.77 -18.81
N GLY C 120 -38.87 -7.74 -17.99
CA GLY C 120 -38.84 -9.12 -18.46
C GLY C 120 -40.20 -9.59 -18.93
N SER C 121 -41.24 -9.28 -18.18
CA SER C 121 -42.59 -9.70 -18.55
C SER C 121 -43.07 -9.00 -19.81
N PHE C 122 -42.71 -7.73 -20.00
CA PHE C 122 -43.03 -7.06 -21.25
C PHE C 122 -42.39 -7.76 -22.43
N VAL C 123 -41.13 -8.17 -22.28
CA VAL C 123 -40.47 -8.90 -23.36
C VAL C 123 -41.17 -10.23 -23.60
N ILE C 124 -41.59 -10.90 -22.53
CA ILE C 124 -42.29 -12.19 -22.69
C ILE C 124 -43.59 -11.99 -23.45
N LYS C 125 -44.36 -10.96 -23.11
CA LYS C 125 -45.69 -10.77 -23.69
C LYS C 125 -45.62 -10.26 -25.13
N THR C 126 -44.73 -9.31 -25.41
CA THR C 126 -44.73 -8.61 -26.68
C THR C 126 -43.43 -8.72 -27.46
N GLY C 127 -42.36 -9.25 -26.87
CA GLY C 127 -41.07 -9.28 -27.52
C GLY C 127 -40.31 -7.97 -27.48
N HIS C 128 -40.83 -6.95 -26.80
CA HIS C 128 -40.16 -5.67 -26.66
C HIS C 128 -40.07 -5.29 -25.20
N GLY C 129 -38.89 -4.80 -24.80
CA GLY C 129 -38.76 -4.23 -23.47
C GLY C 129 -39.57 -2.96 -23.31
N VAL C 130 -39.65 -2.17 -24.37
CA VAL C 130 -40.49 -0.97 -24.38
C VAL C 130 -41.53 -1.14 -25.47
N PRO C 131 -42.69 -1.73 -25.17
CA PRO C 131 -43.70 -1.94 -26.22
C PRO C 131 -44.36 -0.65 -26.66
N ILE C 132 -44.86 -0.66 -27.89
CA ILE C 132 -45.50 0.53 -28.45
C ILE C 132 -46.82 0.80 -27.72
N ASN C 133 -47.26 2.05 -27.79
CA ASN C 133 -48.53 2.49 -27.23
C ASN C 133 -49.37 3.14 -28.33
N ASP C 134 -50.59 3.55 -27.96
CA ASP C 134 -51.52 4.07 -28.95
C ASP C 134 -51.00 5.35 -29.59
N ALA C 135 -50.50 6.28 -28.78
CA ALA C 135 -50.04 7.55 -29.31
C ALA C 135 -48.93 7.36 -30.34
N THR C 136 -48.02 6.43 -30.07
CA THR C 136 -46.94 6.19 -31.02
C THR C 136 -47.44 5.48 -32.27
N MET C 137 -48.44 4.61 -32.13
CA MET C 137 -49.09 4.07 -33.33
C MET C 137 -49.62 5.20 -34.20
N GLU C 138 -50.28 6.18 -33.58
CA GLU C 138 -50.80 7.32 -34.33
C GLU C 138 -49.68 8.11 -34.99
N LEU C 139 -48.58 8.37 -34.28
CA LEU C 139 -47.49 9.14 -34.89
C LEU C 139 -46.86 8.38 -36.05
N ARG C 140 -46.62 7.07 -35.86
CA ARG C 140 -46.08 6.26 -36.94
C ARG C 140 -46.99 6.32 -38.17
N LYS C 141 -48.29 6.20 -37.95
CA LYS C 141 -49.23 6.31 -39.06
C LYS C 141 -49.11 7.67 -39.75
N ALA C 142 -49.07 8.75 -38.96
CA ALA C 142 -49.09 10.09 -39.51
C ALA C 142 -47.82 10.43 -40.28
N VAL C 143 -46.68 9.84 -39.91
CA VAL C 143 -45.40 10.21 -40.48
C VAL C 143 -45.02 9.33 -41.67
N GLY C 144 -45.94 8.49 -42.13
CA GLY C 144 -45.72 7.68 -43.30
C GLY C 144 -45.22 6.28 -43.02
N LEU C 145 -44.79 5.98 -41.80
CA LEU C 145 -44.41 4.63 -41.45
C LEU C 145 -45.66 3.78 -41.23
N GLY C 146 -45.46 2.47 -41.18
CA GLY C 146 -46.54 1.57 -40.84
C GLY C 146 -47.00 1.79 -39.41
N GLU C 147 -48.25 1.39 -39.17
CA GLU C 147 -48.80 1.53 -37.82
C GLU C 147 -48.00 0.72 -36.82
N LEU C 148 -47.63 -0.51 -37.17
CA LEU C 148 -46.78 -1.35 -36.35
C LEU C 148 -45.41 -1.51 -37.01
N PRO C 149 -44.33 -1.50 -36.23
CA PRO C 149 -43.02 -1.78 -36.82
C PRO C 149 -42.91 -3.23 -37.24
N PRO C 150 -42.06 -3.54 -38.22
CA PRO C 150 -41.92 -4.94 -38.66
C PRO C 150 -41.16 -5.78 -37.64
N THR C 151 -41.71 -5.87 -36.43
CA THR C 151 -41.05 -6.59 -35.34
C THR C 151 -42.00 -7.63 -34.78
N THR C 152 -41.67 -8.20 -33.62
CA THR C 152 -42.56 -9.14 -32.97
C THR C 152 -43.96 -8.56 -32.77
N HIS C 153 -44.08 -7.23 -32.82
CA HIS C 153 -45.40 -6.60 -32.76
C HIS C 153 -46.25 -7.00 -33.97
N GLN C 154 -45.61 -7.13 -35.13
CA GLN C 154 -46.32 -7.43 -36.38
C GLN C 154 -46.47 -8.94 -36.62
N PHE C 155 -45.47 -9.73 -36.26
CA PHE C 155 -45.43 -11.15 -36.61
C PHE C 155 -45.62 -12.03 -35.38
N PRO C 156 -46.77 -12.66 -35.20
CA PRO C 156 -46.94 -13.54 -34.02
C PRO C 156 -45.92 -14.66 -33.94
N GLU C 157 -45.54 -15.24 -35.08
CA GLU C 157 -44.59 -16.35 -35.07
C GLU C 157 -43.26 -15.93 -34.44
N ALA C 158 -42.82 -14.70 -34.70
CA ALA C 158 -41.60 -14.22 -34.07
C ALA C 158 -41.75 -14.16 -32.55
N LEU C 159 -42.91 -13.71 -32.08
CA LEU C 159 -43.16 -13.69 -30.64
C LEU C 159 -43.13 -15.09 -30.06
N GLU C 160 -43.70 -16.08 -30.77
CA GLU C 160 -43.65 -17.44 -30.27
C GLU C 160 -42.23 -17.98 -30.24
N GLU C 161 -41.41 -17.60 -31.22
CA GLU C 161 -40.00 -18.03 -31.19
C GLU C 161 -39.28 -17.43 -29.98
N VAL C 162 -39.52 -16.15 -29.70
CA VAL C 162 -38.91 -15.51 -28.54
C VAL C 162 -39.38 -16.21 -27.25
N GLN C 163 -40.67 -16.51 -27.16
CA GLN C 163 -41.19 -17.18 -25.98
C GLN C 163 -40.62 -18.59 -25.83
N LYS C 164 -40.39 -19.29 -26.95
CA LYS C 164 -39.75 -20.59 -26.88
C LYS C 164 -38.34 -20.47 -26.33
N ILE C 165 -37.59 -19.46 -26.77
CA ILE C 165 -36.25 -19.25 -26.22
C ILE C 165 -36.33 -19.00 -24.72
N ILE C 166 -37.28 -18.16 -24.31
CA ILE C 166 -37.41 -17.82 -22.90
C ILE C 166 -37.74 -19.05 -22.06
N LYS C 167 -38.66 -19.89 -22.56
CA LYS C 167 -38.96 -21.14 -21.86
C LYS C 167 -37.74 -22.05 -21.79
N ALA C 168 -36.99 -22.16 -22.89
CA ALA C 168 -35.86 -23.08 -22.94
C ALA C 168 -34.74 -22.65 -22.00
N THR C 169 -34.55 -21.35 -21.81
CA THR C 169 -33.53 -20.88 -20.89
C THR C 169 -34.02 -20.77 -19.46
N GLY C 170 -35.31 -21.00 -19.22
CA GLY C 170 -35.87 -20.90 -17.88
C GLY C 170 -36.10 -19.49 -17.40
N PHE C 171 -35.94 -18.50 -18.26
CA PHE C 171 -36.07 -17.11 -17.83
C PHE C 171 -37.47 -16.82 -17.28
N ASP C 172 -38.50 -17.48 -17.81
CA ASP C 172 -39.86 -17.26 -17.29
C ASP C 172 -39.95 -17.67 -15.83
N GLN C 173 -39.27 -18.76 -15.44
CA GLN C 173 -39.29 -19.18 -14.05
C GLN C 173 -38.41 -18.29 -13.18
N LEU C 174 -37.35 -17.70 -13.75
CA LEU C 174 -36.49 -16.83 -12.97
C LEU C 174 -37.26 -15.63 -12.43
N ILE C 175 -38.13 -15.03 -13.25
CA ILE C 175 -38.88 -13.85 -12.85
C ILE C 175 -40.27 -14.21 -12.34
N GLY C 176 -40.58 -15.49 -12.22
CA GLY C 176 -41.89 -15.90 -11.72
C GLY C 176 -43.03 -15.52 -12.65
N TYR C 177 -42.85 -15.73 -13.96
CA TYR C 177 -43.92 -15.49 -14.90
C TYR C 177 -44.82 -16.72 -14.97
N ASN C 178 -46.12 -16.50 -14.83
CA ASN C 178 -47.11 -17.58 -14.93
C ASN C 178 -47.77 -17.50 -16.31
N TRP C 179 -47.58 -18.57 -17.10
CA TRP C 179 -48.05 -18.55 -18.47
C TRP C 179 -49.58 -18.63 -18.54
N GLU C 180 -50.19 -19.42 -17.66
CA GLU C 180 -51.65 -19.56 -17.68
C GLU C 180 -52.32 -18.23 -17.40
N THR C 181 -51.86 -17.50 -16.39
CA THR C 181 -52.46 -16.22 -16.03
C THR C 181 -51.82 -15.05 -16.76
N GLY C 182 -50.58 -15.18 -17.21
CA GLY C 182 -49.89 -14.07 -17.84
C GLY C 182 -49.37 -13.03 -16.87
N GLU C 183 -49.34 -13.34 -15.58
CA GLU C 183 -48.93 -12.41 -14.55
C GLU C 183 -47.58 -12.83 -13.97
N LEU C 184 -47.10 -12.04 -13.02
CA LEU C 184 -45.86 -12.33 -12.30
C LEU C 184 -46.20 -12.80 -10.90
N GLU C 185 -45.58 -13.90 -10.49
CA GLU C 185 -45.85 -14.48 -9.17
C GLU C 185 -44.98 -15.70 -8.93
N MET D 1 -36.36 2.07 -1.37
CA MET D 1 -35.76 3.38 -0.97
C MET D 1 -34.57 3.67 -1.88
N THR D 2 -34.50 4.89 -2.38
CA THR D 2 -33.38 5.26 -3.24
C THR D 2 -32.08 5.21 -2.46
N LEU D 3 -30.99 4.93 -3.18
CA LEU D 3 -29.67 4.99 -2.61
C LEU D 3 -29.00 6.35 -2.82
N LEU D 4 -29.68 7.28 -3.49
CA LEU D 4 -29.07 8.57 -3.81
C LEU D 4 -28.74 9.33 -2.54
N GLN D 5 -27.51 9.84 -2.48
CA GLN D 5 -27.08 10.69 -1.36
C GLN D 5 -25.88 11.48 -1.86
N ARG D 6 -26.08 12.76 -2.10
CA ARG D 6 -25.12 13.56 -2.87
C ARG D 6 -24.00 14.14 -2.03
N GLU D 7 -24.10 14.13 -0.70
CA GLU D 7 -23.06 14.68 0.15
C GLU D 7 -22.31 13.63 0.95
N GLU D 8 -22.93 12.49 1.24
CA GLU D 8 -22.31 11.47 2.08
C GLU D 8 -21.31 10.60 1.35
N ASN D 9 -21.27 10.65 0.03
CA ASN D 9 -20.47 9.72 -0.77
C ASN D 9 -19.35 10.39 -1.53
N ILE D 10 -18.97 11.61 -1.14
CA ILE D 10 -17.86 12.32 -1.78
C ILE D 10 -17.26 13.26 -0.76
N ILE D 11 -15.94 13.43 -0.84
CA ILE D 11 -15.21 14.35 0.04
C ILE D 11 -14.67 15.50 -0.80
N ARG D 12 -15.03 16.72 -0.43
CA ARG D 12 -14.51 17.93 -1.03
C ARG D 12 -13.98 18.82 0.09
N LYS D 13 -13.39 19.96 -0.30
CA LYS D 13 -12.85 20.88 0.69
C LYS D 13 -13.90 21.33 1.70
N GLY D 14 -15.18 21.32 1.32
CA GLY D 14 -16.23 21.75 2.22
C GLY D 14 -16.44 20.85 3.40
N ASN D 15 -15.95 19.61 3.34
CA ASN D 15 -16.03 18.68 4.45
C ASN D 15 -14.82 18.74 5.38
N ILE D 16 -13.87 19.65 5.11
CA ILE D 16 -12.57 19.63 5.75
C ILE D 16 -12.42 20.88 6.62
N ASP D 17 -11.99 20.68 7.86
CA ASP D 17 -11.67 21.76 8.80
C ASP D 17 -10.19 21.63 9.15
N LYS D 18 -9.35 22.44 8.50
CA LYS D 18 -7.91 22.37 8.75
C LYS D 18 -7.58 22.84 10.15
N GLU D 19 -8.28 23.85 10.64
CA GLU D 19 -8.02 24.34 11.98
C GLU D 19 -8.28 23.26 13.02
N PHE D 20 -9.23 22.36 12.75
CA PHE D 20 -9.48 21.25 13.66
C PHE D 20 -8.26 20.34 13.77
N SER D 21 -7.68 19.96 12.64
CA SER D 21 -6.49 19.14 12.66
C SER D 21 -5.34 19.85 13.39
N GLU D 22 -5.17 21.15 13.12
CA GLU D 22 -4.11 21.88 13.79
C GLU D 22 -4.33 21.93 15.30
N LYS D 23 -5.57 22.16 15.72
CA LYS D 23 -5.88 22.19 17.14
C LYS D 23 -5.62 20.85 17.80
N ILE D 24 -5.99 19.76 17.14
CA ILE D 24 -5.75 18.44 17.70
C ILE D 24 -4.25 18.20 17.85
N LYS D 25 -3.50 18.54 16.80
CA LYS D 25 -2.05 18.30 16.83
C LYS D 25 -1.37 19.14 17.91
N ALA D 26 -1.76 20.41 18.04
CA ALA D 26 -1.13 21.28 19.02
C ALA D 26 -1.46 20.89 20.46
N ALA D 27 -2.56 20.18 20.68
CA ALA D 27 -3.00 19.83 22.02
C ALA D 27 -2.42 18.51 22.51
N GLY D 28 -1.52 17.89 21.72
CA GLY D 28 -0.91 16.63 22.12
C GLY D 28 -1.15 15.48 21.16
N GLY D 29 -1.86 15.68 20.05
CA GLY D 29 -2.08 14.62 19.09
C GLY D 29 -1.20 14.74 17.85
N ASP D 30 -0.10 15.49 17.96
CA ASP D 30 0.73 15.76 16.78
C ASP D 30 1.21 14.47 16.12
N SER D 31 1.39 13.39 16.89
CA SER D 31 1.89 12.15 16.33
C SER D 31 0.94 11.57 15.29
N LEU D 32 -0.34 11.94 15.33
CA LEU D 32 -1.26 11.45 14.32
C LEU D 32 -0.80 11.84 12.93
N GLU D 33 0.06 12.87 12.82
CA GLU D 33 0.56 13.26 11.52
C GLU D 33 1.25 12.11 10.81
N TYR D 34 1.87 11.18 11.54
CA TYR D 34 2.68 10.18 10.86
C TYR D 34 2.29 8.72 11.11
N CYS D 35 1.01 8.33 11.04
CA CYS D 35 0.77 6.91 10.85
C CYS D 35 0.68 6.67 9.36
N PHE D 36 1.12 5.49 8.95
CA PHE D 36 1.04 5.04 7.57
C PHE D 36 -0.07 4.00 7.38
N GLN D 37 -1.11 4.09 8.20
CA GLN D 37 -2.38 3.40 7.94
C GLN D 37 -2.19 1.91 7.75
N CYS D 38 -1.37 1.31 8.61
CA CYS D 38 -1.11 -0.12 8.51
C CYS D 38 -2.28 -0.95 9.02
N GLY D 39 -3.09 -0.41 9.91
CA GLY D 39 -4.24 -1.13 10.43
C GLY D 39 -3.96 -2.01 11.63
N THR D 40 -2.75 -1.96 12.20
CA THR D 40 -2.48 -2.69 13.43
C THR D 40 -3.43 -2.26 14.54
N CYS D 41 -3.69 -0.96 14.67
CA CYS D 41 -4.59 -0.47 15.70
C CYS D 41 -5.96 -1.13 15.59
N THR D 42 -6.56 -1.09 14.40
CA THR D 42 -7.88 -1.71 14.23
C THR D 42 -7.84 -3.20 14.54
N GLY D 43 -6.79 -3.89 14.11
CA GLY D 43 -6.68 -5.31 14.40
C GLY D 43 -6.63 -5.61 15.87
N SER D 44 -6.01 -4.74 16.66
CA SER D 44 -5.88 -4.93 18.10
C SER D 44 -7.14 -4.53 18.86
N CYS D 45 -8.06 -3.82 18.23
CA CYS D 45 -9.12 -3.13 18.96
C CYS D 45 -10.24 -4.10 19.33
N PRO D 46 -10.50 -4.34 20.62
CA PRO D 46 -11.63 -5.22 20.97
C PRO D 46 -12.99 -4.63 20.63
N SER D 47 -13.14 -3.31 20.67
CA SER D 47 -14.42 -2.73 20.29
C SER D 47 -14.65 -2.79 18.78
N GLY D 48 -13.57 -2.72 17.99
CA GLY D 48 -13.71 -2.81 16.56
C GLY D 48 -14.28 -4.14 16.10
N ARG D 49 -14.13 -5.18 16.91
CA ARG D 49 -14.62 -6.51 16.54
C ARG D 49 -16.11 -6.67 16.70
N ARG D 50 -16.78 -5.78 17.45
CA ARG D 50 -18.20 -5.95 17.75
C ARG D 50 -19.01 -4.69 17.51
N THR D 51 -18.42 -3.62 17.00
CA THR D 51 -19.12 -2.40 16.66
C THR D 51 -18.57 -1.88 15.34
N PRO D 52 -19.16 -0.84 14.77
CA PRO D 52 -18.56 -0.21 13.57
C PRO D 52 -17.42 0.74 13.87
N TYR D 53 -16.91 0.78 15.10
CA TYR D 53 -15.81 1.66 15.44
C TYR D 53 -14.52 1.20 14.75
N ARG D 54 -13.88 2.11 14.03
CA ARG D 54 -12.64 1.82 13.30
C ARG D 54 -11.61 2.88 13.69
N VAL D 55 -10.71 2.54 14.62
CA VAL D 55 -9.78 3.51 15.15
C VAL D 55 -8.84 4.03 14.06
N ARG D 56 -8.35 3.15 13.18
CA ARG D 56 -7.50 3.60 12.09
C ARG D 56 -8.18 4.70 11.29
N GLN D 57 -9.47 4.52 11.01
CA GLN D 57 -10.20 5.52 10.23
C GLN D 57 -10.39 6.81 11.02
N ILE D 58 -10.55 6.72 12.33
CA ILE D 58 -10.62 7.93 13.14
C ILE D 58 -9.32 8.71 13.00
N ILE D 59 -8.18 8.01 13.09
CA ILE D 59 -6.89 8.69 12.94
C ILE D 59 -6.78 9.31 11.56
N ARG D 60 -7.19 8.56 10.53
CA ARG D 60 -7.16 9.07 9.17
C ARG D 60 -7.99 10.34 9.03
N LYS D 61 -9.22 10.33 9.52
CA LYS D 61 -10.09 11.49 9.42
C LYS D 61 -9.52 12.67 10.18
N ALA D 62 -8.95 12.44 11.37
CA ALA D 62 -8.30 13.50 12.11
C ALA D 62 -7.19 14.14 11.28
N ASN D 63 -6.41 13.31 10.58
CA ASN D 63 -5.36 13.87 9.72
C ASN D 63 -5.95 14.67 8.56
N VAL D 64 -7.01 14.16 7.94
CA VAL D 64 -7.63 14.84 6.81
C VAL D 64 -8.31 16.13 7.26
N GLY D 65 -8.88 16.13 8.47
CA GLY D 65 -9.61 17.28 8.97
C GLY D 65 -11.11 17.17 8.88
N LEU D 66 -11.67 15.97 8.90
CA LEU D 66 -13.12 15.78 8.81
C LEU D 66 -13.74 15.90 10.20
N LYS D 67 -13.76 17.15 10.68
CA LYS D 67 -14.22 17.42 12.04
C LYS D 67 -15.66 16.96 12.24
N ASP D 68 -16.57 17.40 11.37
CA ASP D 68 -17.98 17.10 11.58
C ASP D 68 -18.22 15.60 11.57
N GLU D 69 -17.48 14.87 10.73
CA GLU D 69 -17.61 13.42 10.69
C GLU D 69 -17.12 12.78 11.98
N ILE D 70 -16.06 13.32 12.58
CA ILE D 70 -15.50 12.71 13.78
C ILE D 70 -16.37 12.99 15.00
N ILE D 71 -16.61 14.27 15.29
CA ILE D 71 -17.17 14.64 16.58
C ILE D 71 -18.61 14.17 16.72
N SER D 72 -19.34 14.09 15.61
CA SER D 72 -20.72 13.61 15.63
C SER D 72 -20.82 12.10 15.54
N ASP D 73 -19.69 11.41 15.44
CA ASP D 73 -19.69 9.96 15.28
C ASP D 73 -19.99 9.30 16.62
N PRO D 74 -21.08 8.54 16.74
CA PRO D 74 -21.28 7.77 17.99
C PRO D 74 -20.20 6.75 18.25
N THR D 75 -19.64 6.14 17.20
CA THR D 75 -18.63 5.11 17.41
C THR D 75 -17.41 5.66 18.14
N LEU D 76 -17.21 6.97 18.12
CA LEU D 76 -16.07 7.54 18.84
C LEU D 76 -16.10 7.16 20.31
N TRP D 77 -17.28 6.95 20.88
CA TRP D 77 -17.42 6.63 22.28
C TRP D 77 -17.33 5.13 22.56
N MET D 78 -16.94 4.32 21.58
CA MET D 78 -16.77 2.88 21.79
C MET D 78 -15.38 2.51 22.28
N CYS D 79 -14.44 3.45 22.33
CA CYS D 79 -13.08 3.15 22.75
C CYS D 79 -13.04 3.09 24.27
N THR D 80 -12.55 1.97 24.81
CA THR D 80 -12.40 1.79 26.25
C THR D 80 -11.07 2.31 26.77
N THR D 81 -10.21 2.83 25.91
CA THR D 81 -8.86 3.26 26.29
C THR D 81 -8.03 2.09 26.85
N CYS D 82 -8.19 0.92 26.23
CA CYS D 82 -7.40 -0.25 26.64
C CYS D 82 -5.91 -0.12 26.28
N TYR D 83 -5.55 0.78 25.37
CA TYR D 83 -4.17 1.08 24.96
C TYR D 83 -3.49 -0.02 24.16
N SER D 84 -4.18 -1.13 23.82
CA SER D 84 -3.54 -2.20 23.07
C SER D 84 -2.98 -1.70 21.73
N CYS D 85 -3.80 -0.96 21.00
CA CYS D 85 -3.34 -0.37 19.74
C CYS D 85 -2.07 0.46 19.96
N GLN D 86 -2.11 1.36 20.95
CA GLN D 86 -0.98 2.24 21.21
C GLN D 86 0.26 1.45 21.60
N GLU D 87 0.09 0.32 22.28
CA GLU D 87 1.23 -0.52 22.59
C GLU D 87 1.84 -1.13 21.34
N ARG D 88 1.02 -1.38 20.32
CA ARG D 88 1.51 -2.07 19.13
C ARG D 88 1.81 -1.17 17.93
N CYS D 89 1.43 0.11 17.96
CA CYS D 89 1.56 0.95 16.76
C CYS D 89 3.01 1.01 16.29
N PRO D 90 3.33 0.60 15.05
CA PRO D 90 4.72 0.64 14.60
C PRO D 90 5.28 2.05 14.43
N ARG D 91 4.44 3.06 14.27
CA ARG D 91 4.89 4.45 14.14
C ARG D 91 4.82 5.20 15.46
N LYS D 92 4.50 4.51 16.56
CA LYS D 92 4.44 5.12 17.90
C LYS D 92 3.51 6.33 17.92
N VAL D 93 2.33 6.18 17.32
CA VAL D 93 1.29 7.21 17.42
C VAL D 93 0.62 7.12 18.78
N LYS D 94 0.34 8.28 19.38
CA LYS D 94 -0.36 8.33 20.67
C LYS D 94 -1.87 8.28 20.42
N ILE D 95 -2.34 7.08 20.06
CA ILE D 95 -3.71 6.92 19.58
C ILE D 95 -4.70 7.35 20.65
N VAL D 96 -4.51 6.88 21.88
CA VAL D 96 -5.49 7.15 22.94
C VAL D 96 -5.59 8.65 23.21
N ASP D 97 -4.45 9.35 23.16
CA ASP D 97 -4.48 10.80 23.33
C ASP D 97 -5.32 11.46 22.23
N VAL D 98 -5.17 10.98 20.99
CA VAL D 98 -5.96 11.53 19.88
C VAL D 98 -7.44 11.28 20.11
N VAL D 99 -7.79 10.05 20.52
CA VAL D 99 -9.19 9.72 20.78
C VAL D 99 -9.76 10.63 21.86
N LYS D 100 -9.01 10.84 22.95
CA LYS D 100 -9.52 11.68 24.02
C LYS D 100 -9.65 13.14 23.60
N LEU D 101 -8.72 13.64 22.79
CA LEU D 101 -8.84 15.02 22.30
C LEU D 101 -10.05 15.18 21.40
N ALA D 102 -10.27 14.22 20.50
CA ALA D 102 -11.47 14.23 19.67
C ALA D 102 -12.72 14.20 20.54
N ARG D 103 -12.71 13.41 21.61
CA ARG D 103 -13.85 13.35 22.51
C ARG D 103 -14.07 14.67 23.22
N ASN D 104 -13.00 15.37 23.60
CA ASN D 104 -13.15 16.68 24.20
C ASN D 104 -13.80 17.65 23.22
N GLU D 105 -13.39 17.60 21.95
CA GLU D 105 -14.02 18.45 20.94
C GLU D 105 -15.50 18.08 20.77
N ALA D 106 -15.79 16.78 20.77
CA ALA D 106 -17.18 16.34 20.63
C ALA D 106 -18.03 16.83 21.80
N ALA D 107 -17.51 16.72 23.01
CA ALA D 107 -18.24 17.21 24.18
C ALA D 107 -18.48 18.71 24.05
N LYS D 108 -17.46 19.45 23.63
CA LYS D 108 -17.64 20.88 23.40
C LYS D 108 -18.69 21.16 22.33
N ALA D 109 -18.90 20.24 21.40
CA ALA D 109 -19.91 20.37 20.37
C ALA D 109 -21.28 19.87 20.81
N GLY D 110 -21.42 19.41 22.04
CA GLY D 110 -22.71 18.99 22.56
C GLY D 110 -23.01 17.51 22.45
N PHE D 111 -22.04 16.69 22.04
CA PHE D 111 -22.26 15.26 21.89
C PHE D 111 -21.83 14.53 23.16
N MET D 112 -22.62 14.73 24.22
CA MET D 112 -22.42 14.08 25.50
C MET D 112 -23.62 13.21 25.81
N ALA D 113 -23.36 11.96 26.19
CA ALA D 113 -24.44 11.08 26.57
C ALA D 113 -25.05 11.50 27.91
N PRO D 114 -26.35 11.30 28.11
CA PRO D 114 -26.94 11.64 29.41
C PRO D 114 -26.31 10.90 30.59
N ALA D 115 -25.90 9.65 30.42
CA ALA D 115 -25.30 8.91 31.53
C ALA D 115 -23.97 9.52 31.96
N HIS D 116 -23.15 9.94 31.00
CA HIS D 116 -21.88 10.58 31.33
C HIS D 116 -22.12 11.89 32.06
N LYS D 117 -23.11 12.67 31.63
CA LYS D 117 -23.49 13.87 32.36
C LYS D 117 -23.97 13.55 33.76
N ALA D 118 -24.65 12.41 33.93
CA ALA D 118 -25.07 12.00 35.26
C ALA D 118 -23.88 11.73 36.16
N VAL D 119 -22.84 11.08 35.61
CA VAL D 119 -21.62 10.88 36.39
C VAL D 119 -21.00 12.23 36.76
N GLY D 120 -20.95 13.15 35.82
CA GLY D 120 -20.45 14.48 36.12
C GLY D 120 -21.24 15.16 37.23
N SER D 121 -22.56 15.05 37.19
CA SER D 121 -23.41 15.68 38.20
C SER D 121 -23.22 15.01 39.56
N PHE D 122 -23.03 13.69 39.58
CA PHE D 122 -22.73 13.02 40.83
C PHE D 122 -21.44 13.55 41.44
N VAL D 123 -20.41 13.75 40.61
CA VAL D 123 -19.17 14.30 41.11
C VAL D 123 -19.39 15.72 41.65
N ILE D 124 -20.20 16.50 40.94
CA ILE D 124 -20.49 17.87 41.40
C ILE D 124 -21.16 17.85 42.76
N LYS D 125 -22.16 16.99 42.93
CA LYS D 125 -22.97 17.00 44.14
C LYS D 125 -22.24 16.40 45.34
N THR D 126 -21.49 15.31 45.13
CA THR D 126 -20.92 14.55 46.23
C THR D 126 -19.41 14.40 46.17
N GLY D 127 -18.76 14.78 45.07
CA GLY D 127 -17.34 14.56 44.91
C GLY D 127 -16.95 13.16 44.53
N HIS D 128 -17.92 12.28 44.29
CA HIS D 128 -17.66 10.90 43.88
C HIS D 128 -18.44 10.59 42.62
N GLY D 129 -17.77 9.93 41.66
CA GLY D 129 -18.47 9.41 40.50
C GLY D 129 -19.44 8.31 40.88
N VAL D 130 -19.08 7.50 41.85
CA VAL D 130 -19.95 6.44 42.38
C VAL D 130 -20.21 6.73 43.85
N PRO D 131 -21.23 7.51 44.18
CA PRO D 131 -21.48 7.83 45.59
C PRO D 131 -21.95 6.63 46.39
N ILE D 132 -21.68 6.66 47.69
CA ILE D 132 -22.09 5.57 48.57
C ILE D 132 -23.61 5.56 48.71
N ASN D 133 -24.15 4.41 49.08
CA ASN D 133 -25.56 4.22 49.35
C ASN D 133 -25.74 3.64 50.76
N ASP D 134 -27.01 3.49 51.16
CA ASP D 134 -27.31 3.07 52.53
C ASP D 134 -26.80 1.66 52.81
N ALA D 135 -27.00 0.74 51.88
CA ALA D 135 -26.56 -0.64 52.10
C ALA D 135 -25.06 -0.69 52.34
N THR D 136 -24.28 0.04 51.55
CA THR D 136 -22.84 0.06 51.76
C THR D 136 -22.48 0.79 53.04
N MET D 137 -23.25 1.82 53.43
CA MET D 137 -23.01 2.47 54.71
C MET D 137 -23.08 1.45 55.85
N GLU D 138 -24.17 0.69 55.90
CA GLU D 138 -24.30 -0.30 56.96
C GLU D 138 -23.26 -1.40 56.83
N LEU D 139 -22.91 -1.80 55.60
CA LEU D 139 -21.91 -2.84 55.43
C LEU D 139 -20.54 -2.38 55.92
N ARG D 140 -20.17 -1.12 55.64
CA ARG D 140 -18.96 -0.55 56.19
C ARG D 140 -19.01 -0.54 57.71
N LYS D 141 -20.16 -0.16 58.27
CA LYS D 141 -20.31 -0.16 59.72
C LYS D 141 -20.07 -1.55 60.29
N ALA D 142 -20.54 -2.58 59.60
CA ALA D 142 -20.47 -3.94 60.13
C ALA D 142 -19.03 -4.39 60.36
N VAL D 143 -18.13 -4.04 59.46
CA VAL D 143 -16.76 -4.56 59.50
C VAL D 143 -15.81 -3.61 60.24
N GLY D 144 -16.34 -2.66 61.00
CA GLY D 144 -15.50 -1.81 61.80
C GLY D 144 -14.94 -0.59 61.09
N LEU D 145 -15.19 -0.44 59.80
CA LEU D 145 -14.84 0.80 59.13
C LEU D 145 -15.83 1.89 59.54
N GLY D 146 -15.44 3.14 59.30
CA GLY D 146 -16.35 4.23 59.52
C GLY D 146 -17.57 4.13 58.62
N GLU D 147 -18.68 4.72 59.10
CA GLU D 147 -19.90 4.73 58.30
C GLU D 147 -19.66 5.42 56.97
N LEU D 148 -18.96 6.56 56.99
CA LEU D 148 -18.56 7.27 55.79
C LEU D 148 -17.06 7.16 55.60
N PRO D 149 -16.58 7.02 54.36
CA PRO D 149 -15.14 7.03 54.13
C PRO D 149 -14.58 8.43 54.35
N PRO D 150 -13.29 8.54 54.70
CA PRO D 150 -12.71 9.87 54.92
C PRO D 150 -12.50 10.63 53.61
N THR D 151 -13.59 10.90 52.91
CA THR D 151 -13.53 11.53 51.60
C THR D 151 -14.43 12.76 51.59
N THR D 152 -14.67 13.32 50.41
CA THR D 152 -15.63 14.42 50.30
C THR D 152 -16.98 14.08 50.91
N HIS D 153 -17.28 12.79 51.08
CA HIS D 153 -18.50 12.38 51.77
C HIS D 153 -18.50 12.84 53.22
N GLN D 154 -17.32 12.90 53.85
CA GLN D 154 -17.23 13.26 55.25
C GLN D 154 -16.92 14.74 55.47
N PHE D 155 -16.20 15.38 54.55
CA PHE D 155 -15.71 16.74 54.75
C PHE D 155 -16.38 17.70 53.78
N PRO D 156 -17.34 18.52 54.23
CA PRO D 156 -17.97 19.48 53.30
C PRO D 156 -17.00 20.47 52.68
N GLU D 157 -15.93 20.84 53.38
CA GLU D 157 -14.95 21.75 52.80
C GLU D 157 -14.27 21.14 51.58
N ALA D 158 -13.98 19.84 51.62
CA ALA D 158 -13.39 19.18 50.46
C ALA D 158 -14.34 19.22 49.27
N LEU D 159 -15.64 18.98 49.50
CA LEU D 159 -16.62 19.10 48.43
C LEU D 159 -16.67 20.53 47.90
N GLU D 160 -16.55 21.51 48.78
CA GLU D 160 -16.54 22.90 48.34
C GLU D 160 -15.33 23.17 47.45
N GLU D 161 -14.17 22.63 47.80
CA GLU D 161 -12.99 22.82 46.96
C GLU D 161 -13.17 22.18 45.60
N VAL D 162 -13.73 20.96 45.57
CA VAL D 162 -13.98 20.31 44.29
C VAL D 162 -14.94 21.12 43.45
N GLN D 163 -16.01 21.64 44.06
CA GLN D 163 -16.98 22.44 43.33
C GLN D 163 -16.35 23.74 42.82
N LYS D 164 -15.45 24.32 43.59
CA LYS D 164 -14.73 25.50 43.13
C LYS D 164 -13.91 25.19 41.89
N ILE D 165 -13.21 24.05 41.90
CA ILE D 165 -12.43 23.66 40.72
C ILE D 165 -13.35 23.49 39.52
N ILE D 166 -14.50 22.85 39.74
CA ILE D 166 -15.42 22.59 38.62
C ILE D 166 -15.95 23.90 38.06
N LYS D 167 -16.30 24.85 38.92
CA LYS D 167 -16.73 26.16 38.44
C LYS D 167 -15.61 26.87 37.69
N ALA D 168 -14.38 26.80 38.20
CA ALA D 168 -13.28 27.52 37.59
C ALA D 168 -12.92 26.96 36.21
N THR D 169 -13.08 25.66 36.00
CA THR D 169 -12.81 25.08 34.69
C THR D 169 -14.03 25.13 33.77
N GLY D 170 -15.18 25.57 34.26
CA GLY D 170 -16.37 25.63 33.44
C GLY D 170 -17.06 24.31 33.22
N PHE D 171 -16.63 23.25 33.92
CA PHE D 171 -17.21 21.93 33.70
C PHE D 171 -18.70 21.90 33.99
N ASP D 172 -19.15 22.68 34.99
CA ASP D 172 -20.58 22.72 35.28
C ASP D 172 -21.37 23.24 34.08
N GLN D 173 -20.80 24.19 33.34
CA GLN D 173 -21.49 24.71 32.16
C GLN D 173 -21.43 23.71 31.01
N LEU D 174 -20.36 22.92 30.93
CA LEU D 174 -20.24 21.96 29.85
C LEU D 174 -21.36 20.93 29.87
N ILE D 175 -21.72 20.45 31.07
CA ILE D 175 -22.75 19.42 31.20
C ILE D 175 -24.11 20.04 31.51
N GLY D 176 -24.22 21.36 31.52
CA GLY D 176 -25.51 21.99 31.80
C GLY D 176 -26.00 21.77 33.20
N TYR D 177 -25.11 21.86 34.19
CA TYR D 177 -25.52 21.75 35.58
C TYR D 177 -26.06 23.09 36.07
N ASN D 178 -27.24 23.05 36.70
CA ASN D 178 -27.88 24.24 37.25
C ASN D 178 -27.65 24.25 38.75
N TRP D 179 -26.88 25.25 39.23
CA TRP D 179 -26.51 25.27 40.64
C TRP D 179 -27.71 25.59 41.53
N GLU D 180 -28.59 26.48 41.08
CA GLU D 180 -29.74 26.85 41.90
C GLU D 180 -30.64 25.65 42.17
N THR D 181 -30.93 24.85 41.14
CA THR D 181 -31.80 23.70 41.27
C THR D 181 -31.04 22.40 41.47
N GLY D 182 -29.73 22.38 41.28
CA GLY D 182 -28.96 21.16 41.43
C GLY D 182 -29.34 20.09 40.42
N GLU D 183 -29.85 20.49 39.26
CA GLU D 183 -30.28 19.56 38.23
C GLU D 183 -29.56 19.89 36.93
N LEU D 184 -29.67 18.98 35.98
CA LEU D 184 -29.04 19.13 34.67
C LEU D 184 -30.00 19.81 33.70
N GLU D 185 -29.44 20.64 32.82
CA GLU D 185 -30.24 21.37 31.85
C GLU D 185 -30.25 20.63 30.51
N SER E 149 44.71 -12.25 -28.41
CA SER E 149 45.14 -10.86 -28.30
C SER E 149 43.96 -9.95 -27.94
N VAL E 150 44.10 -9.19 -26.86
CA VAL E 150 43.06 -8.30 -26.38
C VAL E 150 43.63 -6.89 -26.32
N ASP E 151 43.08 -6.00 -27.12
CA ASP E 151 43.44 -4.59 -27.04
C ASP E 151 43.16 -4.08 -25.64
N ASP E 152 44.10 -3.28 -25.11
CA ASP E 152 43.99 -2.77 -23.74
C ASP E 152 43.32 -1.40 -23.69
N LYS E 153 42.43 -1.10 -24.63
CA LYS E 153 41.67 0.14 -24.64
C LYS E 153 40.20 -0.17 -24.47
N ALA E 154 39.46 0.80 -23.93
CA ALA E 154 38.05 0.64 -23.64
C ALA E 154 37.26 1.79 -24.24
N LEU E 155 36.00 1.51 -24.59
CA LEU E 155 35.06 2.52 -25.02
C LEU E 155 33.89 2.56 -24.06
N VAL E 156 33.55 3.75 -23.57
CA VAL E 156 32.40 3.96 -22.68
C VAL E 156 31.41 4.85 -23.43
N ILE E 157 30.19 4.37 -23.59
CA ILE E 157 29.16 5.07 -24.35
C ILE E 157 28.18 5.67 -23.35
N GLY E 158 28.16 7.00 -23.28
CA GLY E 158 27.30 7.70 -22.33
C GLY E 158 28.10 8.47 -21.30
N GLY E 159 27.70 9.71 -21.05
CA GLY E 159 28.43 10.60 -20.16
C GLY E 159 27.65 10.99 -18.91
N GLY E 160 26.79 10.10 -18.45
CA GLY E 160 26.12 10.29 -17.18
C GLY E 160 27.01 9.84 -16.03
N VAL E 161 26.40 9.81 -14.84
CA VAL E 161 27.16 9.41 -13.65
C VAL E 161 27.71 8.00 -13.81
N ALA E 162 26.93 7.10 -14.41
CA ALA E 162 27.40 5.73 -14.61
C ALA E 162 28.59 5.70 -15.57
N GLY E 163 28.46 6.35 -16.73
CA GLY E 163 29.57 6.39 -17.67
C GLY E 163 30.78 7.10 -17.11
N ILE E 164 30.56 8.20 -16.38
CA ILE E 164 31.66 8.93 -15.78
C ILE E 164 32.43 8.06 -14.80
N GLN E 165 31.69 7.35 -13.93
CA GLN E 165 32.34 6.47 -12.96
C GLN E 165 33.10 5.35 -13.66
N ALA E 166 32.47 4.71 -14.65
CA ALA E 166 33.16 3.63 -15.35
C ALA E 166 34.45 4.13 -16.00
N ALA E 167 34.37 5.27 -16.67
CA ALA E 167 35.55 5.80 -17.35
C ALA E 167 36.64 6.16 -16.35
N LEU E 168 36.29 6.79 -15.24
CA LEU E 168 37.30 7.17 -14.26
C LEU E 168 37.93 5.93 -13.61
N ASP E 169 37.13 4.90 -13.35
CA ASP E 169 37.68 3.67 -12.79
C ASP E 169 38.63 2.99 -13.77
N LEU E 170 38.25 2.92 -15.05
CA LEU E 170 39.14 2.33 -16.05
C LEU E 170 40.42 3.15 -16.21
N ALA E 171 40.30 4.47 -16.28
CA ALA E 171 41.48 5.31 -16.46
C ALA E 171 42.41 5.23 -15.26
N ASP E 172 41.85 5.26 -14.04
CA ASP E 172 42.66 5.13 -12.84
C ASP E 172 43.34 3.76 -12.76
N MET E 173 42.74 2.75 -13.40
CA MET E 173 43.40 1.45 -13.50
C MET E 173 44.47 1.43 -14.58
N GLY E 174 44.61 2.49 -15.37
CA GLY E 174 45.68 2.63 -16.32
C GLY E 174 45.29 2.39 -17.77
N PHE E 175 44.07 1.95 -18.05
CA PHE E 175 43.65 1.70 -19.41
C PHE E 175 43.24 2.99 -20.10
N LYS E 176 43.67 3.15 -21.35
CA LYS E 176 43.21 4.26 -22.18
C LYS E 176 41.74 4.05 -22.52
N THR E 177 40.94 5.08 -22.32
CA THR E 177 39.49 4.98 -22.41
C THR E 177 38.93 6.10 -23.28
N TYR E 178 38.15 5.76 -24.28
CA TYR E 178 37.34 6.73 -25.01
C TYR E 178 35.98 6.82 -24.33
N MET E 179 35.41 8.03 -24.32
CA MET E 179 34.04 8.22 -23.86
C MET E 179 33.27 8.98 -24.93
N VAL E 180 32.19 8.40 -25.41
CA VAL E 180 31.36 9.00 -26.46
C VAL E 180 30.05 9.45 -25.81
N GLU E 181 29.72 10.72 -25.98
CA GLU E 181 28.50 11.32 -25.41
C GLU E 181 27.79 12.09 -26.52
N LYS E 182 26.48 11.89 -26.65
CA LYS E 182 25.75 12.50 -27.74
C LYS E 182 25.41 13.97 -27.48
N ARG E 183 25.27 14.36 -26.22
CA ARG E 183 25.01 15.76 -25.90
C ARG E 183 26.31 16.56 -25.93
N PRO E 184 26.21 17.89 -26.05
CA PRO E 184 27.44 18.71 -26.07
C PRO E 184 28.26 18.61 -24.80
N SER E 185 27.67 18.16 -23.70
CA SER E 185 28.38 18.05 -22.43
C SER E 185 27.97 16.76 -21.71
N ILE E 186 28.89 16.25 -20.90
CA ILE E 186 28.57 15.14 -20.02
C ILE E 186 27.83 15.66 -18.80
N SER E 187 27.16 14.73 -18.10
CA SER E 187 26.45 14.94 -16.84
C SER E 187 25.28 13.98 -16.75
N GLY E 188 24.62 13.73 -17.89
CA GLY E 188 23.42 12.93 -17.89
C GLY E 188 22.33 13.57 -17.05
N ARG E 189 21.48 12.71 -16.50
CA ARG E 189 20.33 13.19 -15.74
C ARG E 189 20.73 13.72 -14.36
N MET E 190 21.80 13.19 -13.78
CA MET E 190 22.20 13.64 -12.44
C MET E 190 22.48 15.13 -12.43
N GLY E 191 23.17 15.64 -13.46
CA GLY E 191 23.46 17.06 -13.52
C GLY E 191 22.23 17.93 -13.66
N GLN E 192 21.09 17.36 -14.03
CA GLN E 192 19.85 18.12 -14.11
C GLN E 192 19.16 18.25 -12.76
N LEU E 193 19.41 17.31 -11.84
CA LEU E 193 18.75 17.34 -10.55
C LEU E 193 19.20 18.53 -9.72
N ASP E 194 18.31 19.00 -8.85
CA ASP E 194 18.70 20.02 -7.88
C ASP E 194 19.38 19.39 -6.68
N LYS E 195 18.64 18.56 -5.94
CA LYS E 195 19.16 17.80 -4.81
C LYS E 195 18.94 16.32 -5.08
N THR E 196 19.49 15.48 -4.22
CA THR E 196 19.35 14.04 -4.33
C THR E 196 18.74 13.49 -3.04
N PHE E 197 17.86 12.51 -3.20
CA PHE E 197 17.42 11.76 -2.02
C PHE E 197 18.50 10.74 -1.64
N PRO E 198 18.51 10.28 -0.39
CA PRO E 198 17.66 10.67 0.74
C PRO E 198 18.27 11.79 1.58
N THR E 199 19.43 12.33 1.20
CA THR E 199 20.13 13.31 2.02
C THR E 199 19.75 14.75 1.70
N LEU E 200 19.11 15.00 0.55
CA LEU E 200 18.82 16.35 0.08
C LEU E 200 20.11 17.13 -0.20
N ASP E 201 21.19 16.43 -0.49
CA ASP E 201 22.44 17.09 -0.85
C ASP E 201 22.41 17.52 -2.32
N CYS E 202 23.15 18.59 -2.62
CA CYS E 202 23.15 19.14 -3.97
C CYS E 202 23.85 18.20 -4.94
N SER E 203 23.19 17.92 -6.06
CA SER E 203 23.74 16.97 -7.02
C SER E 203 24.91 17.56 -7.79
N MET E 204 24.78 18.80 -8.25
CA MET E 204 25.86 19.40 -9.04
C MET E 204 27.13 19.55 -8.23
N CYS E 205 27.00 19.88 -6.94
CA CYS E 205 28.18 20.09 -6.10
C CYS E 205 29.08 18.86 -6.09
N ILE E 206 28.48 17.67 -6.11
CA ILE E 206 29.26 16.43 -6.05
C ILE E 206 29.51 15.83 -7.43
N LEU E 207 28.70 16.14 -8.44
CA LEU E 207 28.95 15.61 -9.77
C LEU E 207 30.01 16.41 -10.52
N ALA E 208 30.00 17.74 -10.38
CA ALA E 208 30.90 18.57 -11.17
C ALA E 208 32.36 18.21 -11.00
N PRO E 209 32.89 17.96 -9.80
CA PRO E 209 34.29 17.56 -9.70
C PRO E 209 34.62 16.31 -10.51
N LYS E 210 33.72 15.32 -10.54
CA LYS E 210 33.98 14.13 -11.34
C LYS E 210 33.99 14.48 -12.83
N MET E 211 33.09 15.34 -13.27
CA MET E 211 33.10 15.76 -14.67
C MET E 211 34.41 16.45 -15.03
N VAL E 212 34.90 17.32 -14.14
CA VAL E 212 36.19 17.96 -14.37
C VAL E 212 37.29 16.92 -14.45
N ASP E 213 37.29 15.95 -13.53
CA ASP E 213 38.29 14.88 -13.57
C ASP E 213 38.27 14.16 -14.91
N VAL E 214 37.07 13.86 -15.42
CA VAL E 214 36.96 13.22 -16.73
C VAL E 214 37.57 14.12 -17.80
N GLY E 215 37.26 15.42 -17.76
CA GLY E 215 37.72 16.31 -18.80
C GLY E 215 39.22 16.54 -18.79
N LYS E 216 39.89 16.33 -17.65
CA LYS E 216 41.33 16.54 -17.55
C LYS E 216 42.15 15.26 -17.42
N HIS E 217 41.53 14.08 -17.42
CA HIS E 217 42.29 12.85 -17.20
C HIS E 217 43.18 12.53 -18.40
N ASP E 218 44.42 12.15 -18.11
CA ASP E 218 45.38 11.84 -19.17
C ASP E 218 44.95 10.61 -19.97
N ASN E 219 44.28 9.66 -19.32
CA ASN E 219 43.92 8.39 -19.94
C ASN E 219 42.53 8.38 -20.55
N ILE E 220 41.83 9.51 -20.59
CA ILE E 220 40.47 9.57 -21.12
C ILE E 220 40.46 10.50 -22.32
N GLU E 221 39.90 10.02 -23.41
CA GLU E 221 39.65 10.79 -24.62
C GLU E 221 38.14 11.02 -24.69
N LEU E 222 37.73 12.26 -24.44
CA LEU E 222 36.32 12.61 -24.33
C LEU E 222 35.84 13.16 -25.67
N ILE E 223 34.84 12.51 -26.25
CA ILE E 223 34.28 12.89 -27.53
C ILE E 223 32.81 13.20 -27.27
N THR E 224 32.50 14.46 -27.02
CA THR E 224 31.13 14.88 -26.78
C THR E 224 30.46 15.24 -28.10
N TYR E 225 29.13 15.38 -28.06
CA TYR E 225 28.36 15.73 -29.24
C TYR E 225 28.66 14.74 -30.37
N ALA E 226 28.70 13.46 -30.03
CA ALA E 226 29.12 12.42 -30.96
C ALA E 226 28.31 11.15 -30.70
N GLU E 227 28.28 10.27 -31.68
CA GLU E 227 27.53 9.03 -31.58
C GLU E 227 28.26 7.89 -32.26
N VAL E 228 28.21 6.71 -31.65
CA VAL E 228 28.77 5.51 -32.25
C VAL E 228 27.92 5.13 -33.45
N LYS E 229 28.55 5.06 -34.62
CA LYS E 229 27.85 4.70 -35.86
C LYS E 229 27.98 3.23 -36.21
N GLU E 230 29.16 2.64 -36.03
CA GLU E 230 29.34 1.22 -36.35
C GLU E 230 30.22 0.54 -35.33
N VAL E 231 29.96 -0.75 -35.11
CA VAL E 231 30.78 -1.60 -34.26
C VAL E 231 30.99 -2.92 -34.99
N ASP E 232 32.24 -3.30 -35.19
CA ASP E 232 32.59 -4.55 -35.86
C ASP E 232 33.65 -5.26 -35.05
N GLY E 233 33.73 -6.58 -35.23
CA GLY E 233 34.75 -7.37 -34.57
C GLY E 233 34.22 -8.07 -33.33
N TYR E 234 35.10 -8.29 -32.36
CA TYR E 234 34.74 -9.07 -31.18
C TYR E 234 35.59 -8.59 -30.01
N ILE E 235 35.53 -9.35 -28.91
CA ILE E 235 36.22 -8.95 -27.69
C ILE E 235 37.71 -8.81 -27.94
N GLY E 236 38.30 -7.75 -27.40
CA GLY E 236 39.69 -7.42 -27.64
C GLY E 236 39.98 -6.85 -29.01
N ASN E 237 39.05 -6.96 -29.94
CA ASN E 237 39.25 -6.63 -31.35
C ASN E 237 38.01 -5.93 -31.90
N PHE E 238 37.57 -4.86 -31.23
CA PHE E 238 36.45 -4.06 -31.70
C PHE E 238 36.96 -2.89 -32.53
N LYS E 239 36.46 -2.76 -33.75
CA LYS E 239 36.63 -1.56 -34.57
C LYS E 239 35.35 -0.76 -34.48
N VAL E 240 35.45 0.46 -33.99
CA VAL E 240 34.29 1.31 -33.75
C VAL E 240 34.41 2.57 -34.60
N LYS E 241 33.31 2.94 -35.22
CA LYS E 241 33.20 4.13 -36.07
C LYS E 241 32.25 5.11 -35.42
N ILE E 242 32.77 6.30 -35.09
CA ILE E 242 32.05 7.35 -34.39
C ILE E 242 31.91 8.55 -35.31
N GLU E 243 30.77 9.23 -35.23
CA GLU E 243 30.52 10.44 -36.00
C GLU E 243 30.39 11.60 -35.02
N LYS E 244 31.37 12.50 -35.03
CA LYS E 244 31.31 13.73 -34.26
C LYS E 244 30.49 14.75 -35.02
N LYS E 245 29.33 15.08 -34.48
CA LYS E 245 28.47 16.07 -35.10
C LYS E 245 29.16 17.43 -35.08
N PRO E 246 28.89 18.29 -36.07
CA PRO E 246 29.53 19.61 -36.10
C PRO E 246 28.90 20.54 -35.07
N ARG E 247 29.75 21.06 -34.17
CA ARG E 247 29.34 22.12 -33.27
C ARG E 247 29.23 23.47 -33.97
N TYR E 248 29.95 23.65 -35.08
CA TYR E 248 30.20 24.96 -35.68
C TYR E 248 30.96 25.87 -34.72
N ILE E 249 31.59 25.27 -33.71
CA ILE E 249 32.44 25.97 -32.76
C ILE E 249 33.69 25.14 -32.58
N ASP E 250 34.85 25.80 -32.51
CA ASP E 250 36.13 25.09 -32.38
C ASP E 250 36.35 24.74 -30.91
N GLU E 251 36.30 23.45 -30.59
CA GLU E 251 36.43 23.01 -29.20
C GLU E 251 37.78 23.41 -28.61
N GLU E 252 38.83 23.48 -29.44
CA GLU E 252 40.15 23.83 -28.93
C GLU E 252 40.28 25.32 -28.64
N LEU E 253 39.54 26.16 -29.36
CA LEU E 253 39.63 27.60 -29.19
C LEU E 253 38.58 28.16 -28.24
N CYS E 254 37.39 27.58 -28.20
CA CYS E 254 36.32 28.13 -27.38
C CYS E 254 36.69 28.06 -25.90
N THR E 255 36.55 29.18 -25.21
CA THR E 255 36.74 29.23 -23.77
C THR E 255 35.44 29.13 -22.98
N GLY E 256 34.29 29.15 -23.67
CA GLY E 256 33.02 29.14 -22.97
C GLY E 256 32.69 30.44 -22.28
N CYS E 257 33.26 31.55 -22.74
CA CYS E 257 33.01 32.83 -22.07
C CYS E 257 31.54 33.21 -22.13
N GLY E 258 30.86 32.94 -23.24
CA GLY E 258 29.44 33.19 -23.36
C GLY E 258 29.05 34.46 -24.09
N SER E 259 30.03 35.22 -24.60
CA SER E 259 29.70 36.47 -25.30
C SER E 259 28.83 36.20 -26.51
N CYS E 260 29.15 35.17 -27.29
CA CYS E 260 28.32 34.81 -28.43
C CYS E 260 26.88 34.55 -28.00
N VAL E 261 26.69 33.93 -26.84
CA VAL E 261 25.35 33.70 -26.33
C VAL E 261 24.65 35.03 -26.08
N GLU E 262 25.35 35.97 -25.45
CA GLU E 262 24.73 37.26 -25.15
C GLU E 262 24.31 37.98 -26.42
N VAL E 263 25.11 37.86 -27.48
CA VAL E 263 24.83 38.64 -28.69
C VAL E 263 23.83 37.98 -29.63
N CYS E 264 23.58 36.68 -29.50
CA CYS E 264 22.72 35.99 -30.46
C CYS E 264 21.27 36.49 -30.33
N PRO E 265 20.57 36.70 -31.45
CA PRO E 265 19.20 37.20 -31.37
C PRO E 265 18.13 36.14 -31.43
N ILE E 266 18.50 34.88 -31.71
CA ILE E 266 17.53 33.81 -31.91
C ILE E 266 17.43 32.99 -30.64
N GLU E 267 16.21 32.81 -30.16
CA GLU E 267 15.92 32.00 -28.98
C GLU E 267 15.43 30.61 -29.39
N MET E 268 15.80 29.61 -28.60
CA MET E 268 15.41 28.24 -28.85
C MET E 268 15.40 27.48 -27.53
N PRO E 269 14.69 26.36 -27.46
CA PRO E 269 14.66 25.59 -26.21
C PRO E 269 16.02 25.04 -25.85
N ASN E 270 16.30 24.98 -24.55
CA ASN E 270 17.50 24.34 -24.02
C ASN E 270 17.15 22.91 -23.63
N TYR E 271 17.77 21.93 -24.29
CA TYR E 271 17.47 20.53 -23.97
C TYR E 271 17.69 20.23 -22.49
N PHE E 272 18.65 20.90 -21.87
CA PHE E 272 18.95 20.66 -20.46
C PHE E 272 17.80 21.09 -19.55
N ASP E 273 16.91 21.96 -20.02
CA ASP E 273 15.80 22.45 -19.23
C ASP E 273 14.51 21.69 -19.49
N GLU E 274 14.56 20.65 -20.33
CA GLU E 274 13.45 19.71 -20.48
C GLU E 274 12.16 20.41 -20.90
N GLY E 275 12.28 21.36 -21.83
CA GLY E 275 11.12 21.96 -22.45
C GLY E 275 10.54 23.17 -21.74
N ILE E 276 11.13 23.60 -20.62
CA ILE E 276 10.63 24.75 -19.89
C ILE E 276 11.67 25.85 -19.75
N GLY E 277 12.76 25.78 -20.51
CA GLY E 277 13.80 26.79 -20.45
C GLY E 277 14.28 27.14 -21.84
N MET E 278 14.64 28.41 -22.01
CA MET E 278 15.09 28.94 -23.28
C MET E 278 16.55 29.33 -23.22
N THR E 279 17.20 29.33 -24.38
CA THR E 279 18.56 29.80 -24.56
C THR E 279 18.64 30.37 -25.97
N LYS E 280 19.85 30.57 -26.49
CA LYS E 280 20.04 31.11 -27.83
C LYS E 280 20.43 30.01 -28.80
N ALA E 281 20.38 30.34 -30.09
CA ALA E 281 20.77 29.37 -31.12
C ALA E 281 22.21 28.90 -30.91
N VAL E 282 23.06 29.75 -30.36
CA VAL E 282 24.36 29.38 -29.85
C VAL E 282 24.27 29.36 -28.34
N TYR E 283 24.63 28.24 -27.72
CA TYR E 283 24.33 28.07 -26.31
C TYR E 283 25.40 27.25 -25.62
N ILE E 284 25.41 27.36 -24.29
CA ILE E 284 26.14 26.48 -23.38
C ILE E 284 25.10 25.87 -22.46
N PRO E 285 24.93 24.54 -22.45
CA PRO E 285 23.75 23.97 -21.77
C PRO E 285 23.64 24.33 -20.30
N PHE E 286 24.76 24.36 -19.58
CA PHE E 286 24.75 24.78 -18.18
C PHE E 286 26.15 25.22 -17.80
N PRO E 287 26.29 26.08 -16.79
CA PRO E 287 27.61 26.69 -16.52
C PRO E 287 28.70 25.71 -16.18
N GLN E 288 28.37 24.51 -15.68
CA GLN E 288 29.36 23.51 -15.30
C GLN E 288 29.65 22.53 -16.44
N ALA E 289 29.30 22.87 -17.67
CA ALA E 289 29.41 21.93 -18.78
C ALA E 289 30.85 21.51 -19.01
N VAL E 290 31.03 20.24 -19.36
CA VAL E 290 32.35 19.70 -19.70
C VAL E 290 32.24 18.99 -21.05
N PRO E 291 32.90 19.48 -22.11
CA PRO E 291 33.78 20.66 -22.15
C PRO E 291 32.97 21.94 -22.03
N LEU E 292 33.55 23.00 -21.46
CA LEU E 292 32.88 24.29 -21.37
C LEU E 292 33.05 24.99 -22.71
N CYS E 293 32.20 24.60 -23.66
CA CYS E 293 32.30 25.04 -25.04
C CYS E 293 30.90 25.35 -25.56
N ALA E 294 30.83 26.26 -26.52
CA ALA E 294 29.56 26.63 -27.13
C ALA E 294 29.15 25.61 -28.20
N THR E 295 27.87 25.65 -28.56
CA THR E 295 27.33 24.85 -29.65
C THR E 295 26.30 25.68 -30.40
N ILE E 296 26.33 25.60 -31.72
CA ILE E 296 25.35 26.28 -32.57
C ILE E 296 24.40 25.24 -33.15
N ASP E 297 23.11 25.47 -32.96
CA ASP E 297 22.07 24.63 -33.55
C ASP E 297 21.66 25.26 -34.88
N LYS E 298 21.91 24.56 -35.99
CA LYS E 298 21.68 25.13 -37.31
C LYS E 298 20.20 25.18 -37.67
N ASP E 299 19.35 24.42 -36.98
CA ASP E 299 17.92 24.53 -37.22
C ASP E 299 17.35 25.85 -36.72
N TYR E 300 18.13 26.62 -35.96
CA TYR E 300 17.70 27.91 -35.44
C TYR E 300 18.60 29.06 -35.83
N CYS E 301 19.86 28.81 -36.14
CA CYS E 301 20.77 29.87 -36.57
C CYS E 301 20.25 30.51 -37.85
N ILE E 302 20.34 31.83 -37.92
CA ILE E 302 20.01 32.58 -39.14
C ILE E 302 21.25 33.11 -39.83
N GLU E 303 22.44 32.70 -39.38
CA GLU E 303 23.69 33.09 -40.03
C GLU E 303 23.89 34.61 -40.00
N CYS E 304 23.57 35.23 -38.87
CA CYS E 304 23.74 36.67 -38.72
C CYS E 304 25.19 37.08 -38.52
N MET E 305 26.07 36.15 -38.10
CA MET E 305 27.49 36.39 -37.90
C MET E 305 27.81 37.30 -36.72
N LEU E 306 26.84 37.64 -35.89
CA LEU E 306 27.14 38.44 -34.71
C LEU E 306 28.05 37.67 -33.75
N CYS E 307 27.80 36.38 -33.57
CA CYS E 307 28.67 35.57 -32.72
C CYS E 307 30.09 35.55 -33.27
N ASP E 308 30.23 35.44 -34.59
CA ASP E 308 31.55 35.46 -35.21
C ASP E 308 32.29 36.75 -34.90
N GLU E 309 31.59 37.88 -34.94
CA GLU E 309 32.22 39.17 -34.71
C GLU E 309 32.46 39.46 -33.23
N VAL E 310 31.75 38.79 -32.33
CA VAL E 310 31.92 39.06 -30.92
C VAL E 310 33.00 38.17 -30.29
N CYS E 311 33.23 36.98 -30.82
CA CYS E 311 34.23 36.09 -30.25
C CYS E 311 35.62 36.66 -30.46
N GLU E 312 36.49 36.48 -29.46
CA GLU E 312 37.87 36.93 -29.53
C GLU E 312 38.86 35.80 -29.81
N ARG E 313 38.48 34.55 -29.52
CA ARG E 313 39.35 33.42 -29.79
C ARG E 313 39.22 32.91 -31.23
N GLY E 314 38.33 33.50 -32.03
CA GLY E 314 38.09 32.98 -33.37
C GLY E 314 37.57 31.56 -33.36
N ALA E 315 36.71 31.23 -32.41
CA ALA E 315 36.25 29.86 -32.22
C ALA E 315 35.02 29.50 -33.06
N VAL E 316 34.35 30.49 -33.65
CA VAL E 316 33.13 30.24 -34.41
C VAL E 316 33.51 29.76 -35.81
N LYS E 317 32.95 28.62 -36.22
CA LYS E 317 33.25 28.01 -37.52
C LYS E 317 31.94 27.58 -38.16
N HIS E 318 31.30 28.50 -38.89
CA HIS E 318 30.05 28.18 -39.57
C HIS E 318 30.24 27.18 -40.70
N ASP E 319 31.47 26.93 -41.13
CA ASP E 319 31.76 26.00 -42.21
C ASP E 319 32.22 24.63 -41.71
N GLN E 320 32.08 24.36 -40.41
CA GLN E 320 32.47 23.07 -39.87
C GLN E 320 31.60 21.96 -40.46
N GLU E 321 32.20 20.77 -40.56
CA GLU E 321 31.55 19.60 -41.11
C GLU E 321 31.61 18.44 -40.11
N PRO E 322 30.69 17.49 -40.20
CA PRO E 322 30.77 16.31 -39.32
C PRO E 322 32.08 15.56 -39.55
N GLU E 323 32.64 15.01 -38.48
CA GLU E 323 33.95 14.39 -38.51
C GLU E 323 33.83 12.90 -38.20
N GLU E 324 34.51 12.07 -38.98
CA GLU E 324 34.49 10.64 -38.76
C GLU E 324 35.73 10.20 -38.01
N ILE E 325 35.53 9.55 -36.87
CA ILE E 325 36.60 9.02 -36.04
C ILE E 325 36.50 7.50 -36.08
N GLU E 326 37.65 6.84 -36.18
CA GLU E 326 37.71 5.39 -36.12
C GLU E 326 38.65 5.01 -34.97
N ILE E 327 38.18 4.14 -34.09
CA ILE E 327 38.99 3.71 -32.95
C ILE E 327 38.96 2.20 -32.86
N GLU E 328 39.99 1.67 -32.20
CA GLU E 328 40.10 0.25 -31.92
C GLU E 328 40.14 0.07 -30.40
N VAL E 329 39.27 -0.81 -29.90
CA VAL E 329 39.17 -1.04 -28.46
C VAL E 329 39.03 -2.54 -28.22
N GLY E 330 39.22 -2.92 -26.96
CA GLY E 330 39.08 -4.31 -26.57
C GLY E 330 37.79 -4.60 -25.84
N THR E 331 37.17 -3.57 -25.25
CA THR E 331 35.94 -3.74 -24.51
C THR E 331 35.08 -2.48 -24.65
N ILE E 332 33.80 -2.66 -24.39
CA ILE E 332 32.81 -1.60 -24.48
C ILE E 332 31.91 -1.66 -23.26
N ILE E 333 31.60 -0.49 -22.70
CA ILE E 333 30.69 -0.34 -21.58
C ILE E 333 29.57 0.57 -22.04
N VAL E 334 28.36 0.03 -22.14
CA VAL E 334 27.18 0.78 -22.54
C VAL E 334 26.55 1.39 -21.29
N ALA E 335 26.55 2.71 -21.21
CA ALA E 335 26.02 3.47 -20.09
C ALA E 335 25.11 4.59 -20.60
N THR E 336 24.13 4.23 -21.44
CA THR E 336 23.35 5.20 -22.19
C THR E 336 22.12 5.71 -21.44
N GLY E 337 21.89 5.28 -20.20
CA GLY E 337 20.91 5.96 -19.37
C GLY E 337 19.46 5.77 -19.83
N TYR E 338 18.67 6.83 -19.66
CA TYR E 338 17.21 6.73 -19.84
C TYR E 338 16.63 8.08 -20.26
N ASP E 339 15.33 8.04 -20.57
CA ASP E 339 14.50 9.22 -20.79
C ASP E 339 13.29 9.17 -19.87
N ALA E 340 12.80 10.33 -19.47
CA ALA E 340 11.57 10.38 -18.69
C ALA E 340 10.39 9.98 -19.57
N TYR E 341 9.50 9.17 -19.01
CA TYR E 341 8.28 8.82 -19.73
C TYR E 341 7.51 10.08 -20.09
N ASP E 342 7.00 10.12 -21.31
CA ASP E 342 6.17 11.23 -21.75
C ASP E 342 4.71 10.88 -21.52
N PRO E 343 4.00 11.57 -20.61
CA PRO E 343 2.64 11.17 -20.26
C PRO E 343 1.52 11.75 -21.12
N THR E 344 1.85 12.32 -22.28
CA THR E 344 0.80 12.92 -23.11
C THR E 344 -0.30 11.92 -23.43
N GLU E 345 0.05 10.65 -23.63
CA GLU E 345 -0.96 9.64 -23.96
C GLU E 345 -1.90 9.34 -22.80
N LYS E 346 -1.55 9.73 -21.57
CA LYS E 346 -2.44 9.55 -20.43
C LYS E 346 -3.45 10.68 -20.45
N LEU E 347 -4.45 10.52 -21.32
CA LEU E 347 -5.36 11.62 -21.62
C LEU E 347 -6.13 12.09 -20.39
N GLU E 348 -6.50 11.17 -19.49
CA GLU E 348 -7.27 11.56 -18.32
C GLU E 348 -6.49 12.47 -17.38
N TYR E 349 -5.16 12.42 -17.38
CA TYR E 349 -4.36 13.32 -16.56
C TYR E 349 -4.06 14.65 -17.26
N GLY E 350 -4.20 14.72 -18.58
CA GLY E 350 -4.23 16.00 -19.27
C GLY E 350 -2.91 16.69 -19.50
N TYR E 351 -1.79 15.99 -19.38
CA TYR E 351 -0.50 16.61 -19.69
C TYR E 351 -0.47 17.10 -21.13
N GLY E 352 0.04 18.31 -21.32
CA GLY E 352 0.05 18.94 -22.63
C GLY E 352 -1.23 19.66 -22.98
N ARG E 353 -2.30 19.45 -22.22
CA ARG E 353 -3.55 20.19 -22.36
C ARG E 353 -3.80 21.13 -21.19
N HIS E 354 -3.74 20.60 -19.97
CA HIS E 354 -3.87 21.43 -18.79
C HIS E 354 -2.60 22.24 -18.60
N THR E 355 -2.76 23.54 -18.31
CA THR E 355 -1.60 24.43 -18.23
C THR E 355 -0.71 24.08 -17.05
N ASN E 356 -1.28 23.76 -15.91
CA ASN E 356 -0.53 23.65 -14.66
C ASN E 356 -0.24 22.20 -14.27
N VAL E 357 -0.17 21.30 -15.26
CA VAL E 357 0.26 19.92 -15.05
C VAL E 357 1.66 19.79 -15.62
N ILE E 358 2.60 19.37 -14.78
CA ILE E 358 4.00 19.22 -15.16
C ILE E 358 4.49 17.84 -14.75
N THR E 359 5.66 17.46 -15.29
CA THR E 359 6.30 16.21 -14.90
C THR E 359 7.28 16.43 -13.75
N GLY E 360 7.74 15.32 -13.18
CA GLY E 360 8.73 15.39 -12.11
C GLY E 360 10.05 15.99 -12.56
N LEU E 361 10.51 15.63 -13.76
CA LEU E 361 11.79 16.14 -14.25
C LEU E 361 11.71 17.64 -14.54
N GLU E 362 10.61 18.09 -15.14
CA GLU E 362 10.38 19.52 -15.27
C GLU E 362 10.44 20.19 -13.90
N LEU E 363 9.83 19.57 -12.88
CA LEU E 363 9.89 20.14 -11.54
C LEU E 363 11.32 20.21 -11.05
N GLU E 364 12.13 19.19 -11.34
CA GLU E 364 13.54 19.23 -10.97
C GLU E 364 14.19 20.48 -11.54
N ARG E 365 13.96 20.76 -12.82
CA ARG E 365 14.55 21.95 -13.42
C ARG E 365 14.03 23.23 -12.75
N MET E 366 12.74 23.28 -12.44
CA MET E 366 12.17 24.49 -11.85
C MET E 366 12.69 24.74 -10.43
N ILE E 367 12.86 23.69 -9.65
CA ILE E 367 13.38 23.84 -8.29
C ILE E 367 14.85 24.27 -8.32
N ASN E 368 15.61 23.76 -9.29
CA ASN E 368 17.04 24.01 -9.35
C ASN E 368 17.34 25.51 -9.41
N ALA E 369 18.27 25.95 -8.56
CA ALA E 369 18.57 27.38 -8.47
C ALA E 369 19.13 27.93 -9.78
N SER E 370 19.81 27.10 -10.56
CA SER E 370 20.32 27.51 -11.86
C SER E 370 19.33 27.25 -12.99
N GLY E 371 18.10 26.84 -12.67
CA GLY E 371 17.11 26.56 -13.68
C GLY E 371 16.51 27.82 -14.27
N PRO E 372 15.54 27.62 -15.17
CA PRO E 372 14.95 28.78 -15.88
C PRO E 372 14.04 29.64 -15.03
N THR E 373 13.69 29.22 -13.81
CA THR E 373 12.89 30.02 -12.91
C THR E 373 13.69 30.53 -11.72
N ASP E 374 15.02 30.44 -11.78
CA ASP E 374 15.88 30.80 -10.66
C ASP E 374 15.50 30.03 -9.40
N GLY E 375 15.12 28.77 -9.58
CA GLY E 375 14.81 27.90 -8.46
C GLY E 375 13.44 28.10 -7.85
N LYS E 376 12.60 28.95 -8.42
CA LYS E 376 11.26 29.19 -7.90
C LYS E 376 10.28 28.24 -8.55
N VAL E 377 9.45 27.57 -7.74
CA VAL E 377 8.38 26.74 -8.26
C VAL E 377 7.20 27.66 -8.58
N LEU E 378 6.93 27.85 -9.86
CA LEU E 378 5.92 28.79 -10.32
C LEU E 378 4.91 28.09 -11.21
N LYS E 379 3.64 28.48 -11.07
CA LYS E 379 2.62 27.98 -11.97
C LYS E 379 2.92 28.43 -13.40
N PRO E 380 2.93 27.52 -14.37
CA PRO E 380 3.12 27.98 -15.76
C PRO E 380 2.06 28.97 -16.20
N SER E 381 0.84 28.86 -15.67
CA SER E 381 -0.25 29.70 -16.15
C SER E 381 0.00 31.17 -15.86
N ASP E 382 0.44 31.51 -14.65
CA ASP E 382 0.55 32.91 -14.25
C ASP E 382 1.90 33.30 -13.65
N GLY E 383 2.82 32.37 -13.47
CA GLY E 383 4.11 32.71 -12.91
C GLY E 383 4.10 33.03 -11.43
N GLU E 384 3.13 32.52 -10.69
CA GLU E 384 3.05 32.70 -9.25
C GLU E 384 3.19 31.34 -8.57
N LYS E 385 3.54 31.39 -7.29
CA LYS E 385 3.77 30.15 -6.55
C LYS E 385 2.45 29.40 -6.36
N PRO E 386 2.48 28.07 -6.41
CA PRO E 386 1.24 27.30 -6.17
C PRO E 386 1.03 27.09 -4.69
N LYS E 387 -0.16 27.44 -4.21
CA LYS E 387 -0.48 27.23 -2.81
C LYS E 387 -0.76 25.76 -2.52
N ARG E 388 -1.20 25.01 -3.51
CA ARG E 388 -1.54 23.60 -3.34
C ARG E 388 -0.95 22.79 -4.50
N VAL E 389 -0.23 21.73 -4.16
CA VAL E 389 0.44 20.89 -5.13
C VAL E 389 0.06 19.44 -4.86
N ALA E 390 -0.29 18.72 -5.91
CA ALA E 390 -0.50 17.29 -5.85
C ALA E 390 0.60 16.60 -6.64
N PHE E 391 1.05 15.45 -6.15
CA PHE E 391 1.93 14.55 -6.88
C PHE E 391 1.19 13.26 -7.16
N ILE E 392 1.34 12.73 -8.37
CA ILE E 392 0.71 11.47 -8.75
C ILE E 392 1.80 10.46 -9.03
N HIS E 393 1.75 9.32 -8.34
CA HIS E 393 2.74 8.26 -8.48
C HIS E 393 2.44 7.40 -9.70
N CYS E 394 3.44 6.60 -10.08
CA CYS E 394 3.29 5.51 -11.05
C CYS E 394 2.72 5.98 -12.39
N VAL E 395 3.06 7.18 -12.83
CA VAL E 395 2.62 7.65 -14.14
C VAL E 395 3.58 7.09 -15.20
N GLY E 396 3.04 6.30 -16.13
CA GLY E 396 3.87 5.61 -17.09
C GLY E 396 4.46 4.31 -16.59
N SER E 397 4.09 3.86 -15.40
CA SER E 397 4.63 2.64 -14.83
C SER E 397 3.52 1.84 -14.19
N ARG E 398 3.76 0.54 -14.01
CA ARG E 398 2.80 -0.36 -13.37
C ARG E 398 1.41 -0.19 -14.00
N ASP E 399 1.35 -0.24 -15.33
CA ASP E 399 0.14 0.12 -16.05
C ASP E 399 0.09 -0.65 -17.36
N GLU E 400 -0.78 -1.66 -17.43
CA GLU E 400 -0.93 -2.45 -18.65
C GLU E 400 -1.73 -1.73 -19.72
N GLN E 401 -2.52 -0.71 -19.36
CA GLN E 401 -3.24 0.04 -20.38
C GLN E 401 -2.31 0.75 -21.35
N ILE E 402 -1.04 0.94 -20.97
CA ILE E 402 -0.04 1.55 -21.82
C ILE E 402 1.15 0.62 -22.06
N GLY E 403 1.02 -0.66 -21.71
CA GLY E 403 2.09 -1.60 -21.93
C GLY E 403 3.35 -1.32 -21.14
N LYS E 404 3.21 -0.86 -19.91
CA LYS E 404 4.34 -0.54 -19.03
C LYS E 404 4.15 -1.27 -17.71
N PRO E 405 4.33 -2.59 -17.69
CA PRO E 405 4.02 -3.38 -16.50
C PRO E 405 5.08 -3.36 -15.41
N TYR E 406 6.13 -2.55 -15.52
CA TYR E 406 7.23 -2.57 -14.57
C TYR E 406 7.18 -1.34 -13.65
N CYS E 407 7.87 -1.46 -12.52
CA CYS E 407 8.05 -0.34 -11.60
C CYS E 407 9.32 0.42 -11.97
N SER E 408 9.21 1.74 -12.06
CA SER E 408 10.35 2.56 -12.43
C SER E 408 11.31 2.81 -11.27
N ARG E 409 10.96 2.39 -10.06
CA ARG E 409 11.88 2.13 -8.95
C ARG E 409 12.48 3.36 -8.27
N VAL E 410 12.41 4.53 -8.90
CA VAL E 410 12.94 5.75 -8.28
C VAL E 410 11.87 6.80 -8.09
N CYS E 411 10.66 6.59 -8.63
CA CYS E 411 9.68 7.67 -8.69
C CYS E 411 9.19 8.02 -7.30
N CYS E 412 8.91 7.01 -6.47
CA CYS E 412 8.42 7.28 -5.11
C CYS E 412 9.39 8.19 -4.37
N MET E 413 10.68 7.88 -4.45
CA MET E 413 11.69 8.64 -3.70
C MET E 413 11.82 10.05 -4.24
N TYR E 414 11.93 10.22 -5.57
CA TYR E 414 12.11 11.59 -6.06
C TYR E 414 10.83 12.40 -5.89
N ILE E 415 9.67 11.75 -5.90
CA ILE E 415 8.43 12.45 -5.56
C ILE E 415 8.50 12.99 -4.14
N MET E 416 8.85 12.14 -3.18
CA MET E 416 8.93 12.61 -1.80
C MET E 416 9.98 13.69 -1.63
N LYS E 417 11.12 13.54 -2.32
CA LYS E 417 12.17 14.54 -2.25
C LYS E 417 11.69 15.89 -2.77
N ASN E 418 11.05 15.90 -3.94
CA ASN E 418 10.56 17.16 -4.48
C ASN E 418 9.51 17.79 -3.58
N ALA E 419 8.66 16.95 -2.96
CA ALA E 419 7.68 17.48 -2.01
C ALA E 419 8.37 18.13 -0.83
N GLN E 420 9.40 17.47 -0.28
CA GLN E 420 10.14 18.05 0.84
C GLN E 420 10.82 19.36 0.43
N LEU E 421 11.40 19.39 -0.77
CA LEU E 421 12.06 20.62 -1.22
C LEU E 421 11.07 21.75 -1.41
N ILE E 422 9.88 21.46 -1.94
CA ILE E 422 8.84 22.47 -2.05
C ILE E 422 8.48 23.01 -0.68
N LYS E 423 8.27 22.11 0.28
CA LYS E 423 7.93 22.55 1.63
C LYS E 423 9.04 23.41 2.22
N ASP E 424 10.29 23.01 1.99
CA ASP E 424 11.42 23.79 2.48
C ASP E 424 11.43 25.19 1.91
N LYS E 425 11.24 25.32 0.59
CA LYS E 425 11.23 26.64 -0.03
C LYS E 425 10.00 27.45 0.40
N MET E 426 8.84 26.79 0.46
CA MET E 426 7.56 27.45 0.74
C MET E 426 6.84 26.67 1.83
N PRO E 427 7.15 26.95 3.10
CA PRO E 427 6.55 26.16 4.19
C PRO E 427 5.02 26.19 4.22
N ASP E 428 4.39 27.23 3.68
CA ASP E 428 2.94 27.31 3.69
C ASP E 428 2.27 26.46 2.60
N THR E 429 3.04 25.93 1.66
CA THR E 429 2.45 25.16 0.56
C THR E 429 1.90 23.83 1.09
N GLU E 430 0.70 23.47 0.64
CA GLU E 430 0.11 22.18 0.96
C GLU E 430 0.46 21.19 -0.15
N VAL E 431 0.98 20.02 0.23
CA VAL E 431 1.48 19.04 -0.72
C VAL E 431 0.87 17.67 -0.40
N THR E 432 0.32 17.03 -1.43
CA THR E 432 -0.39 15.77 -1.30
C THR E 432 0.09 14.77 -2.36
N LEU E 433 0.30 13.53 -1.95
CA LEU E 433 0.78 12.48 -2.84
C LEU E 433 -0.29 11.40 -3.00
N TYR E 434 -0.60 11.05 -4.24
CA TYR E 434 -1.48 9.95 -4.57
C TYR E 434 -0.61 8.76 -4.99
N TYR E 435 -0.60 7.71 -4.16
CA TYR E 435 0.28 6.59 -4.37
C TYR E 435 -0.50 5.28 -4.29
N MET E 436 0.18 4.20 -4.67
CA MET E 436 -0.35 2.84 -4.54
C MET E 436 0.44 2.06 -3.50
N ASP E 437 1.75 1.97 -3.69
CA ASP E 437 2.70 1.52 -2.68
C ASP E 437 3.77 2.59 -2.56
N ILE E 438 4.17 2.90 -1.32
CA ILE E 438 5.39 3.67 -1.08
C ILE E 438 6.52 2.67 -1.07
N ARG E 439 7.41 2.76 -2.07
CA ARG E 439 8.53 1.83 -2.20
C ARG E 439 9.81 2.56 -1.73
N ALA E 440 9.95 2.67 -0.42
CA ALA E 440 11.10 3.30 0.22
C ALA E 440 12.06 2.23 0.71
N PHE E 441 12.62 1.50 -0.25
CA PHE E 441 13.33 0.25 0.03
C PHE E 441 14.81 0.44 0.33
N GLY E 442 15.38 1.59 0.01
CA GLY E 442 16.81 1.80 0.08
C GLY E 442 17.29 2.18 1.46
N LYS E 443 18.61 2.31 1.59
CA LYS E 443 19.21 2.68 2.86
C LYS E 443 18.79 4.10 3.24
N GLY E 444 18.11 4.23 4.37
CA GLY E 444 17.59 5.51 4.81
C GLY E 444 16.28 5.92 4.16
N PHE E 445 15.78 5.13 3.20
CA PHE E 445 14.60 5.55 2.44
C PHE E 445 13.35 5.54 3.32
N GLU E 446 13.15 4.48 4.10
CA GLU E 446 11.99 4.41 4.97
C GLU E 446 12.00 5.57 5.96
N GLU E 447 13.19 5.89 6.48
CA GLU E 447 13.34 7.05 7.36
C GLU E 447 13.00 8.34 6.61
N PHE E 448 13.42 8.44 5.34
CA PHE E 448 13.06 9.59 4.51
C PHE E 448 11.54 9.73 4.41
N TYR E 449 10.85 8.61 4.21
CA TYR E 449 9.38 8.60 4.13
C TYR E 449 8.75 9.09 5.44
N LYS E 450 9.17 8.50 6.56
CA LYS E 450 8.66 8.96 7.85
C LYS E 450 8.89 10.45 7.99
N ARG E 451 10.08 10.93 7.63
CA ARG E 451 10.40 12.36 7.76
C ARG E 451 9.50 13.20 6.86
N SER E 452 9.20 12.71 5.66
CA SER E 452 8.26 13.42 4.79
C SER E 452 6.97 13.69 5.53
N GLN E 453 6.53 12.74 6.36
CA GLN E 453 5.30 12.97 7.11
C GLN E 453 5.53 13.80 8.37
N GLU E 454 6.43 13.34 9.24
CA GLU E 454 6.58 13.92 10.57
C GLU E 454 7.12 15.34 10.50
N LYS E 455 8.17 15.57 9.70
CA LYS E 455 8.84 16.85 9.71
C LYS E 455 8.13 17.88 8.82
N TYR E 456 7.77 17.49 7.60
CA TYR E 456 7.25 18.42 6.61
C TYR E 456 5.74 18.42 6.48
N GLY E 457 5.05 17.48 7.12
CA GLY E 457 3.59 17.46 7.05
C GLY E 457 3.05 17.19 5.66
N ILE E 458 3.73 16.36 4.89
CA ILE E 458 3.23 15.98 3.56
C ILE E 458 2.12 14.96 3.72
N LYS E 459 1.03 15.17 2.99
CA LYS E 459 -0.13 14.29 3.08
C LYS E 459 -0.02 13.16 2.07
N PHE E 460 -0.38 11.96 2.51
CA PHE E 460 -0.32 10.76 1.68
C PHE E 460 -1.73 10.21 1.52
N ILE E 461 -2.18 10.08 0.27
CA ILE E 461 -3.47 9.48 -0.05
C ILE E 461 -3.19 8.20 -0.85
N ARG E 462 -3.63 7.06 -0.32
CA ARG E 462 -3.51 5.81 -1.06
C ARG E 462 -4.66 5.72 -2.05
N GLY E 463 -4.40 6.11 -3.29
CA GLY E 463 -5.37 5.96 -4.35
C GLY E 463 -4.78 6.38 -5.66
N ARG E 464 -4.96 5.55 -6.68
CA ARG E 464 -4.50 5.89 -8.02
C ARG E 464 -5.55 6.80 -8.65
N PRO E 465 -5.23 8.07 -8.90
CA PRO E 465 -6.27 8.99 -9.37
C PRO E 465 -6.91 8.54 -10.67
N ALA E 466 -8.23 8.69 -10.72
CA ALA E 466 -8.97 8.41 -11.95
C ALA E 466 -8.81 9.53 -12.96
N GLU E 467 -8.80 10.79 -12.52
CA GLU E 467 -8.81 11.85 -13.51
C GLU E 467 -8.30 13.16 -12.92
N VAL E 468 -7.78 14.02 -13.80
CA VAL E 468 -7.43 15.38 -13.47
C VAL E 468 -8.25 16.30 -14.36
N ILE E 469 -9.08 17.14 -13.75
CA ILE E 469 -9.99 18.05 -14.45
C ILE E 469 -9.44 19.45 -14.31
N GLU E 470 -9.35 20.19 -15.42
CA GLU E 470 -8.96 21.59 -15.36
C GLU E 470 -10.20 22.44 -15.17
N ASN E 471 -10.20 23.27 -14.14
CA ASN E 471 -11.29 24.19 -13.88
C ASN E 471 -11.14 25.44 -14.74
N PRO E 472 -12.21 26.24 -14.86
CA PRO E 472 -12.10 27.47 -15.66
C PRO E 472 -10.99 28.40 -15.18
N ASP E 473 -10.80 28.52 -13.87
CA ASP E 473 -9.73 29.36 -13.34
C ASP E 473 -8.35 28.71 -13.49
N LEU E 474 -8.26 27.55 -14.12
CA LEU E 474 -7.03 26.82 -14.40
C LEU E 474 -6.47 26.09 -13.19
N THR E 475 -7.17 26.11 -12.06
CA THR E 475 -6.89 25.15 -11.00
C THR E 475 -7.30 23.75 -11.46
N LEU E 476 -6.83 22.75 -10.74
CA LEU E 476 -7.01 21.36 -11.15
C LEU E 476 -7.71 20.60 -10.04
N THR E 477 -8.73 19.84 -10.39
CA THR E 477 -9.40 18.94 -9.47
C THR E 477 -8.91 17.52 -9.75
N VAL E 478 -8.34 16.88 -8.75
CA VAL E 478 -7.96 15.49 -8.83
C VAL E 478 -9.11 14.67 -8.28
N ARG E 479 -9.66 13.80 -9.13
CA ARG E 479 -10.71 12.87 -8.76
C ARG E 479 -10.07 11.50 -8.56
N SER E 480 -10.17 10.99 -7.34
CA SER E 480 -9.47 9.79 -6.92
C SER E 480 -10.18 9.20 -5.70
N GLU E 481 -10.21 7.87 -5.62
CA GLU E 481 -10.65 7.25 -4.38
C GLU E 481 -9.53 7.33 -3.35
N ASP E 482 -9.88 7.64 -2.12
CA ASP E 482 -9.05 7.36 -0.96
C ASP E 482 -9.47 5.96 -0.50
N THR E 483 -8.63 4.97 -0.81
CA THR E 483 -8.99 3.59 -0.54
C THR E 483 -8.97 3.27 0.95
N LEU E 484 -8.31 4.08 1.76
CA LEU E 484 -8.25 3.84 3.19
C LEU E 484 -9.40 4.51 3.94
N LEU E 485 -9.91 5.62 3.43
CA LEU E 485 -11.24 6.09 3.83
C LEU E 485 -12.34 5.36 3.07
N GLY E 486 -12.00 4.71 1.97
CA GLY E 486 -12.99 4.04 1.15
C GLY E 486 -14.00 4.97 0.53
N LYS E 487 -13.57 6.16 0.07
CA LYS E 487 -14.50 7.15 -0.45
C LYS E 487 -13.86 7.90 -1.61
N VAL E 488 -14.68 8.37 -2.52
CA VAL E 488 -14.20 9.19 -3.63
C VAL E 488 -13.94 10.61 -3.11
N THR E 489 -12.82 11.18 -3.53
CA THR E 489 -12.44 12.55 -3.23
C THR E 489 -12.23 13.33 -4.52
N GLU E 490 -12.60 14.61 -4.46
CA GLU E 490 -12.34 15.57 -5.53
C GLU E 490 -11.66 16.77 -4.87
N TYR E 491 -10.33 16.77 -4.88
CA TYR E 491 -9.58 17.83 -4.21
C TYR E 491 -9.00 18.79 -5.22
N ASP E 492 -8.94 20.07 -4.85
CA ASP E 492 -8.45 21.12 -5.75
C ASP E 492 -6.99 21.43 -5.45
N TYR E 493 -6.25 21.75 -6.51
CA TYR E 493 -4.83 22.03 -6.43
C TYR E 493 -4.47 23.12 -7.43
N ASP E 494 -3.41 23.86 -7.13
CA ASP E 494 -2.90 24.86 -8.02
C ASP E 494 -1.88 24.31 -8.99
N MET E 495 -1.25 23.18 -8.67
CA MET E 495 -0.34 22.52 -9.59
C MET E 495 -0.39 21.02 -9.36
N VAL E 496 -0.23 20.25 -10.43
CA VAL E 496 -0.20 18.80 -10.39
C VAL E 496 1.07 18.33 -11.06
N VAL E 497 1.82 17.47 -10.37
CA VAL E 497 3.10 16.96 -10.84
C VAL E 497 2.92 15.47 -11.08
N LEU E 498 3.19 15.03 -12.30
CA LEU E 498 3.09 13.63 -12.67
C LEU E 498 4.42 12.95 -12.38
N GLY E 499 4.39 11.89 -11.58
CA GLY E 499 5.57 11.11 -11.29
C GLY E 499 5.91 10.16 -12.41
N VAL E 500 6.39 10.73 -13.53
CA VAL E 500 6.67 9.93 -14.71
C VAL E 500 7.76 8.90 -14.42
N GLY E 501 7.67 7.76 -15.10
CA GLY E 501 8.64 6.70 -14.95
C GLY E 501 9.84 6.88 -15.86
N LEU E 502 10.63 5.82 -15.97
CA LEU E 502 11.86 5.80 -16.74
C LEU E 502 11.70 4.87 -17.94
N VAL E 503 12.18 5.29 -19.10
CA VAL E 503 12.09 4.48 -20.32
C VAL E 503 13.45 4.50 -21.01
N PRO E 504 13.67 3.56 -21.93
CA PRO E 504 14.92 3.59 -22.70
C PRO E 504 15.03 4.88 -23.49
N PRO E 505 16.25 5.39 -23.68
CA PRO E 505 16.42 6.69 -24.34
C PRO E 505 16.08 6.64 -25.82
N GLU E 506 15.88 7.81 -26.41
CA GLU E 506 15.65 7.88 -27.85
C GLU E 506 16.90 7.39 -28.58
N GLY E 507 16.68 6.52 -29.56
CA GLY E 507 17.79 5.92 -30.28
C GLY E 507 18.40 4.70 -29.63
N ALA E 508 17.77 4.17 -28.58
CA ALA E 508 18.31 2.98 -27.93
C ALA E 508 18.31 1.78 -28.88
N GLU E 509 17.26 1.64 -29.68
CA GLU E 509 17.20 0.48 -30.58
C GLU E 509 18.32 0.50 -31.60
N THR E 510 18.63 1.68 -32.15
CA THR E 510 19.66 1.77 -33.17
C THR E 510 21.02 1.35 -32.63
N LEU E 511 21.39 1.85 -31.44
CA LEU E 511 22.67 1.46 -30.85
C LEU E 511 22.67 0.00 -30.44
N ARG E 512 21.55 -0.50 -29.92
CA ARG E 512 21.45 -1.91 -29.58
C ARG E 512 21.71 -2.79 -30.79
N GLN E 513 21.15 -2.41 -31.95
CA GLN E 513 21.36 -3.21 -33.15
C GLN E 513 22.77 -3.03 -33.69
N THR E 514 23.33 -1.82 -33.58
CA THR E 514 24.71 -1.60 -34.00
C THR E 514 25.67 -2.51 -33.24
N ILE E 515 25.56 -2.53 -31.91
CA ILE E 515 26.41 -3.40 -31.11
C ILE E 515 25.99 -4.85 -31.30
N GLY E 516 24.70 -5.13 -31.33
CA GLY E 516 24.19 -6.47 -31.39
C GLY E 516 23.75 -7.06 -30.08
N LEU E 517 23.27 -6.24 -29.14
CA LEU E 517 22.85 -6.70 -27.83
C LEU E 517 21.37 -7.06 -27.82
N SER E 518 20.97 -7.83 -26.81
CA SER E 518 19.58 -8.21 -26.61
C SER E 518 18.95 -7.31 -25.56
N LYS E 519 17.63 -7.17 -25.63
CA LYS E 519 16.88 -6.33 -24.71
C LYS E 519 15.96 -7.18 -23.85
N SER E 520 15.73 -6.70 -22.64
CA SER E 520 14.86 -7.39 -21.69
C SER E 520 13.40 -7.07 -22.00
N ALA E 521 12.49 -7.70 -21.26
CA ALA E 521 11.06 -7.52 -21.52
C ALA E 521 10.60 -6.09 -21.30
N ASP E 522 11.30 -5.32 -20.47
CA ASP E 522 10.94 -3.94 -20.19
C ASP E 522 11.57 -2.95 -21.15
N GLY E 523 12.28 -3.41 -22.16
CA GLY E 523 12.86 -2.54 -23.17
C GLY E 523 14.28 -2.10 -22.92
N PHE E 524 14.81 -2.33 -21.73
CA PHE E 524 16.19 -2.01 -21.42
C PHE E 524 17.10 -3.18 -21.80
N LEU E 525 18.41 -2.95 -21.70
CA LEU E 525 19.37 -3.96 -22.16
C LEU E 525 19.43 -5.15 -21.21
N MET E 526 19.59 -6.34 -21.77
CA MET E 526 19.56 -7.58 -21.01
C MET E 526 20.97 -7.99 -20.60
N GLU E 527 21.13 -8.27 -19.31
CA GLU E 527 22.40 -8.75 -18.78
C GLU E 527 22.57 -10.24 -19.03
N ALA E 528 23.81 -10.71 -18.92
CA ALA E 528 24.10 -12.11 -19.22
C ALA E 528 23.38 -13.05 -18.25
N HIS E 529 23.34 -12.70 -16.96
CA HIS E 529 22.63 -13.51 -15.98
C HIS E 529 22.07 -12.62 -14.89
N PRO E 530 20.76 -12.66 -14.63
CA PRO E 530 20.15 -11.65 -13.75
C PRO E 530 20.62 -11.71 -12.30
N LYS E 531 21.12 -12.86 -11.84
CA LYS E 531 21.60 -13.00 -10.47
C LYS E 531 23.10 -12.75 -10.35
N LEU E 532 23.92 -13.42 -11.16
CA LEU E 532 25.36 -13.46 -10.93
C LEU E 532 26.19 -12.69 -11.95
N ARG E 533 25.61 -12.21 -13.04
CA ARG E 533 26.33 -11.40 -14.03
C ARG E 533 25.47 -10.19 -14.40
N PRO E 534 25.21 -9.31 -13.43
CA PRO E 534 24.32 -8.17 -13.72
C PRO E 534 24.89 -7.16 -14.70
N VAL E 535 26.21 -7.05 -14.83
CA VAL E 535 26.82 -6.05 -15.71
C VAL E 535 27.43 -6.65 -16.96
N ASP E 536 27.40 -7.97 -17.10
CA ASP E 536 27.86 -8.61 -18.32
C ASP E 536 26.71 -8.73 -19.32
N THR E 537 27.07 -8.95 -20.58
CA THR E 537 26.14 -9.34 -21.63
C THR E 537 26.64 -10.62 -22.26
N LEU E 538 25.73 -11.33 -22.94
CA LEU E 538 26.12 -12.54 -23.63
C LEU E 538 27.06 -12.26 -24.80
N THR E 539 27.15 -11.00 -25.23
CA THR E 539 28.16 -10.58 -26.18
C THR E 539 29.46 -10.35 -25.43
N ASP E 540 30.42 -11.25 -25.60
CA ASP E 540 31.68 -11.13 -24.87
C ASP E 540 32.34 -9.79 -25.17
N GLY E 541 32.89 -9.17 -24.14
CA GLY E 541 33.56 -7.90 -24.28
C GLY E 541 32.68 -6.68 -24.21
N VAL E 542 31.38 -6.85 -24.00
CA VAL E 542 30.45 -5.72 -23.87
C VAL E 542 29.73 -5.84 -22.54
N TYR E 543 29.71 -4.74 -21.79
CA TYR E 543 29.18 -4.71 -20.43
C TYR E 543 28.19 -3.56 -20.30
N LEU E 544 27.37 -3.64 -19.25
CA LEU E 544 26.31 -2.67 -19.00
C LEU E 544 26.56 -1.96 -17.68
N ALA E 545 26.16 -0.69 -17.61
CA ALA E 545 26.34 0.09 -16.39
C ALA E 545 25.28 1.17 -16.29
N GLY E 546 24.62 1.26 -15.13
CA GLY E 546 23.63 2.28 -14.89
C GLY E 546 22.26 1.89 -15.41
N VAL E 547 21.42 2.91 -15.57
CA VAL E 547 20.03 2.69 -15.95
C VAL E 547 19.91 2.07 -17.34
N ALA E 548 21.00 2.03 -18.11
CA ALA E 548 20.98 1.27 -19.35
C ALA E 548 20.50 -0.16 -19.10
N GLN E 549 20.91 -0.76 -17.98
CA GLN E 549 20.48 -2.10 -17.64
C GLN E 549 19.10 -2.15 -16.98
N GLY E 550 18.55 -1.01 -16.59
CA GLY E 550 17.23 -0.96 -15.99
C GLY E 550 17.12 0.18 -14.99
N PRO E 551 15.89 0.60 -14.68
CA PRO E 551 15.75 1.74 -13.75
C PRO E 551 16.41 1.47 -12.41
N LYS E 552 17.07 2.50 -11.86
CA LYS E 552 17.73 2.41 -10.57
C LYS E 552 18.27 3.78 -10.18
N ASP E 553 18.62 3.92 -8.91
CA ASP E 553 19.09 5.20 -8.38
C ASP E 553 20.60 5.35 -8.59
N ILE E 554 21.14 6.47 -8.11
CA ILE E 554 22.52 6.85 -8.37
C ILE E 554 23.52 5.88 -7.73
N PRO E 555 23.43 5.58 -6.44
CA PRO E 555 24.43 4.66 -5.85
C PRO E 555 24.43 3.28 -6.50
N ASP E 556 23.26 2.75 -6.86
CA ASP E 556 23.21 1.47 -7.55
C ASP E 556 23.88 1.56 -8.92
N ALA E 557 23.62 2.65 -9.65
CA ALA E 557 24.25 2.84 -10.95
C ALA E 557 25.76 2.98 -10.80
N VAL E 558 26.22 3.71 -9.78
CA VAL E 558 27.65 3.90 -9.57
C VAL E 558 28.32 2.57 -9.25
N ALA E 559 27.69 1.76 -8.40
CA ALA E 559 28.22 0.43 -8.11
C ALA E 559 28.30 -0.40 -9.39
N GLN E 560 27.26 -0.34 -10.23
CA GLN E 560 27.29 -1.08 -11.48
C GLN E 560 28.43 -0.60 -12.38
N ALA E 561 28.65 0.72 -12.45
CA ALA E 561 29.72 1.25 -13.29
C ALA E 561 31.09 0.78 -12.81
N SER E 562 31.32 0.83 -11.50
CA SER E 562 32.57 0.30 -10.96
C SER E 562 32.73 -1.18 -11.27
N GLY E 563 31.64 -1.94 -11.10
CA GLY E 563 31.70 -3.36 -11.39
C GLY E 563 32.01 -3.65 -12.85
N ALA E 564 31.37 -2.90 -13.76
CA ALA E 564 31.64 -3.09 -15.17
C ALA E 564 33.08 -2.74 -15.50
N ALA E 565 33.62 -1.71 -14.86
CA ALA E 565 35.04 -1.41 -15.04
C ALA E 565 35.89 -2.62 -14.65
N ALA E 566 35.60 -3.23 -13.50
CA ALA E 566 36.36 -4.41 -13.09
C ALA E 566 36.25 -5.54 -14.11
N ARG E 567 35.01 -5.84 -14.52
CA ARG E 567 34.79 -6.98 -15.41
C ARG E 567 35.44 -6.76 -16.77
N ALA E 568 35.44 -5.52 -17.27
CA ALA E 568 36.11 -5.22 -18.53
C ALA E 568 37.62 -5.23 -18.36
N ALA E 569 38.13 -4.79 -17.21
CA ALA E 569 39.57 -4.79 -17.00
C ALA E 569 40.14 -6.19 -16.97
N ILE E 570 39.36 -7.17 -16.50
CA ILE E 570 39.88 -8.54 -16.38
C ILE E 570 40.38 -9.06 -17.73
N PRO E 571 39.56 -9.10 -18.78
CA PRO E 571 40.10 -9.55 -20.08
C PRO E 571 41.26 -8.73 -20.59
N MET E 572 41.24 -7.41 -20.35
CA MET E 572 42.31 -6.57 -20.84
C MET E 572 43.61 -6.80 -20.08
N VAL E 573 43.51 -7.07 -18.77
CA VAL E 573 44.69 -7.45 -18.00
C VAL E 573 45.24 -8.78 -18.50
N LYS E 574 44.35 -9.74 -18.76
CA LYS E 574 44.82 -11.05 -19.23
C LYS E 574 45.56 -10.93 -20.55
N GLY E 575 45.06 -10.11 -21.47
CA GLY E 575 45.72 -9.86 -22.72
C GLY E 575 45.31 -10.77 -23.85
N GLU E 576 44.53 -11.81 -23.58
CA GLU E 576 44.10 -12.74 -24.63
C GLU E 576 42.90 -13.56 -24.18
N SER F 149 54.27 3.28 -0.93
CA SER F 149 54.30 1.89 -1.36
C SER F 149 53.01 1.17 -0.95
N VAL F 150 52.41 0.47 -1.91
CA VAL F 150 51.14 -0.22 -1.71
C VAL F 150 51.35 -1.71 -1.98
N ASP F 151 51.19 -2.52 -0.96
CA ASP F 151 51.21 -3.97 -1.14
C ASP F 151 50.13 -4.37 -2.14
N ASP F 152 50.49 -5.27 -3.05
CA ASP F 152 49.58 -5.70 -4.11
C ASP F 152 48.77 -6.94 -3.73
N LYS F 153 48.49 -7.13 -2.44
CA LYS F 153 47.68 -8.24 -1.96
C LYS F 153 46.41 -7.68 -1.32
N ALA F 154 45.35 -8.49 -1.34
CA ALA F 154 44.06 -8.08 -0.81
C ALA F 154 43.54 -9.11 0.17
N LEU F 155 42.74 -8.65 1.13
CA LEU F 155 42.04 -9.52 2.06
C LEU F 155 40.54 -9.31 1.89
N VAL F 156 39.80 -10.39 1.72
CA VAL F 156 38.35 -10.37 1.61
C VAL F 156 37.79 -11.12 2.81
N ILE F 157 36.95 -10.45 3.59
CA ILE F 157 36.40 -11.01 4.82
C ILE F 157 34.94 -11.39 4.56
N GLY F 158 34.68 -12.68 4.55
CA GLY F 158 33.34 -13.20 4.26
C GLY F 158 33.30 -14.03 3.01
N GLY F 159 32.64 -15.18 3.07
CA GLY F 159 32.61 -16.12 1.98
C GLY F 159 31.23 -16.32 1.38
N GLY F 160 30.41 -15.28 1.41
CA GLY F 160 29.14 -15.29 0.73
C GLY F 160 29.31 -14.94 -0.73
N VAL F 161 28.18 -14.74 -1.41
CA VAL F 161 28.23 -14.43 -2.84
C VAL F 161 28.99 -13.13 -3.07
N ALA F 162 28.82 -12.14 -2.20
CA ALA F 162 29.55 -10.88 -2.34
C ALA F 162 31.05 -11.09 -2.19
N GLY F 163 31.47 -11.77 -1.12
CA GLY F 163 32.88 -12.04 -0.93
C GLY F 163 33.46 -12.91 -2.03
N ILE F 164 32.70 -13.92 -2.46
CA ILE F 164 33.16 -14.81 -3.52
C ILE F 164 33.41 -14.01 -4.80
N GLN F 165 32.44 -13.16 -5.17
CA GLN F 165 32.60 -12.35 -6.37
C GLN F 165 33.78 -11.40 -6.25
N ALA F 166 33.91 -10.72 -5.12
CA ALA F 166 35.04 -9.80 -4.96
C ALA F 166 36.37 -10.53 -5.10
N ALA F 167 36.48 -11.69 -4.43
CA ALA F 167 37.73 -12.44 -4.47
C ALA F 167 38.03 -12.91 -5.89
N LEU F 168 37.03 -13.43 -6.60
CA LEU F 168 37.28 -13.92 -7.96
C LEU F 168 37.64 -12.77 -8.89
N ASP F 169 37.00 -11.61 -8.73
CA ASP F 169 37.35 -10.45 -9.55
C ASP F 169 38.78 -10.00 -9.28
N LEU F 170 39.19 -9.93 -8.01
CA LEU F 170 40.55 -9.55 -7.69
C LEU F 170 41.56 -10.56 -8.22
N ALA F 171 41.28 -11.85 -8.02
CA ALA F 171 42.21 -12.89 -8.47
C ALA F 171 42.33 -12.89 -9.99
N ASP F 172 41.21 -12.80 -10.70
CA ASP F 172 41.25 -12.74 -12.16
C ASP F 172 41.99 -11.49 -12.65
N MET F 173 42.01 -10.43 -11.85
CA MET F 173 42.80 -9.26 -12.19
C MET F 173 44.28 -9.45 -11.86
N GLY F 174 44.64 -10.57 -11.23
CA GLY F 174 46.03 -10.92 -11.01
C GLY F 174 46.54 -10.69 -9.60
N PHE F 175 45.76 -10.07 -8.72
CA PHE F 175 46.20 -9.83 -7.36
C PHE F 175 46.02 -11.07 -6.50
N LYS F 176 47.03 -11.36 -5.69
CA LYS F 176 46.90 -12.42 -4.69
C LYS F 176 45.92 -11.99 -3.62
N THR F 177 44.99 -12.88 -3.28
CA THR F 177 43.87 -12.56 -2.42
C THR F 177 43.75 -13.61 -1.33
N TYR F 178 43.63 -13.17 -0.08
CA TYR F 178 43.24 -14.02 1.02
C TYR F 178 41.73 -13.88 1.21
N MET F 179 41.06 -14.98 1.54
CA MET F 179 39.67 -14.94 1.94
C MET F 179 39.55 -15.57 3.31
N VAL F 180 38.87 -14.88 4.23
CA VAL F 180 38.65 -15.36 5.58
C VAL F 180 37.16 -15.54 5.80
N GLU F 181 36.76 -16.73 6.24
CA GLU F 181 35.37 -17.10 6.45
C GLU F 181 35.26 -17.81 7.78
N LYS F 182 34.30 -17.39 8.62
CA LYS F 182 34.20 -17.96 9.96
C LYS F 182 33.55 -19.35 9.95
N ARG F 183 32.67 -19.62 8.99
CA ARG F 183 32.05 -20.94 8.91
C ARG F 183 33.00 -21.94 8.27
N PRO F 184 32.78 -23.24 8.48
CA PRO F 184 33.67 -24.24 7.87
C PRO F 184 33.67 -24.21 6.36
N SER F 185 32.66 -23.61 5.72
CA SER F 185 32.56 -23.56 4.27
C SER F 185 32.05 -22.19 3.84
N ILE F 186 32.46 -21.79 2.63
CA ILE F 186 31.90 -20.60 2.01
C ILE F 186 30.53 -20.94 1.43
N SER F 187 29.75 -19.88 1.16
CA SER F 187 28.44 -19.91 0.52
C SER F 187 27.59 -18.76 1.01
N GLY F 188 27.68 -18.47 2.32
CA GLY F 188 26.81 -17.48 2.91
C GLY F 188 25.36 -17.90 2.84
N ARG F 189 24.48 -16.90 2.83
CA ARG F 189 23.05 -17.18 2.83
C ARG F 189 22.56 -17.68 1.47
N MET F 190 23.24 -17.29 0.38
CA MET F 190 22.78 -17.71 -0.94
C MET F 190 22.75 -19.23 -1.04
N GLY F 191 23.80 -19.89 -0.54
CA GLY F 191 23.84 -21.34 -0.57
C GLY F 191 22.76 -22.01 0.26
N GLN F 192 22.11 -21.26 1.16
CA GLN F 192 21.02 -21.81 1.94
C GLN F 192 19.70 -21.76 1.19
N LEU F 193 19.55 -20.84 0.24
CA LEU F 193 18.30 -20.69 -0.49
C LEU F 193 18.04 -21.91 -1.37
N ASP F 194 16.75 -22.18 -1.59
CA ASP F 194 16.39 -23.20 -2.56
C ASP F 194 16.39 -22.62 -3.98
N LYS F 195 15.51 -21.65 -4.23
CA LYS F 195 15.45 -20.93 -5.49
C LYS F 195 15.67 -19.44 -5.21
N THR F 196 15.79 -18.66 -6.28
CA THR F 196 15.97 -17.23 -6.18
C THR F 196 14.88 -16.52 -6.97
N PHE F 197 14.37 -15.42 -6.41
CA PHE F 197 13.50 -14.56 -7.18
C PHE F 197 14.35 -13.72 -8.13
N PRO F 198 13.75 -13.20 -9.21
CA PRO F 198 12.38 -13.39 -9.68
C PRO F 198 12.23 -14.56 -10.67
N THR F 199 13.31 -15.29 -10.96
CA THR F 199 13.28 -16.33 -11.97
C THR F 199 12.90 -17.70 -11.42
N LEU F 200 12.98 -17.90 -10.11
CA LEU F 200 12.77 -19.21 -9.48
C LEU F 200 13.84 -20.21 -9.92
N ASP F 201 15.02 -19.73 -10.30
CA ASP F 201 16.12 -20.60 -10.66
C ASP F 201 16.83 -21.10 -9.40
N CYS F 202 17.41 -22.29 -9.50
CA CYS F 202 18.06 -22.91 -8.34
C CYS F 202 19.29 -22.12 -7.92
N SER F 203 19.37 -21.81 -6.63
CA SER F 203 20.47 -21.01 -6.11
C SER F 203 21.78 -21.80 -6.10
N MET F 204 21.75 -23.03 -5.59
CA MET F 204 22.97 -23.82 -5.49
C MET F 204 23.54 -24.14 -6.86
N CYS F 205 22.66 -24.37 -7.84
CA CYS F 205 23.13 -24.73 -9.18
C CYS F 205 24.07 -23.68 -9.75
N ILE F 206 23.84 -22.40 -9.43
CA ILE F 206 24.64 -21.33 -10.00
C ILE F 206 25.71 -20.85 -9.02
N LEU F 207 25.49 -21.05 -7.72
CA LEU F 207 26.51 -20.65 -6.76
C LEU F 207 27.66 -21.63 -6.69
N ALA F 208 27.37 -22.94 -6.76
CA ALA F 208 28.41 -23.94 -6.52
C ALA F 208 29.60 -23.80 -7.47
N PRO F 209 29.43 -23.60 -8.77
CA PRO F 209 30.60 -23.43 -9.64
C PRO F 209 31.52 -22.31 -9.19
N LYS F 210 30.96 -21.19 -8.73
CA LYS F 210 31.80 -20.09 -8.24
C LYS F 210 32.57 -20.50 -6.99
N MET F 211 31.92 -21.22 -6.08
CA MET F 211 32.61 -21.70 -4.89
C MET F 211 33.76 -22.62 -5.28
N VAL F 212 33.54 -23.51 -6.25
CA VAL F 212 34.62 -24.37 -6.73
C VAL F 212 35.76 -23.53 -7.30
N ASP F 213 35.41 -22.53 -8.12
CA ASP F 213 36.43 -21.66 -8.68
C ASP F 213 37.26 -21.00 -7.58
N VAL F 214 36.60 -20.53 -6.52
CA VAL F 214 37.33 -19.95 -5.40
C VAL F 214 38.26 -20.98 -4.79
N GLY F 215 37.78 -22.21 -4.59
CA GLY F 215 38.58 -23.22 -3.94
C GLY F 215 39.77 -23.70 -4.75
N LYS F 216 39.74 -23.54 -6.08
CA LYS F 216 40.84 -23.98 -6.92
C LYS F 216 41.66 -22.85 -7.54
N HIS F 217 41.33 -21.59 -7.26
CA HIS F 217 42.04 -20.49 -7.92
C HIS F 217 43.47 -20.37 -7.40
N ASP F 218 44.41 -20.18 -8.33
CA ASP F 218 45.82 -20.08 -7.96
C ASP F 218 46.11 -18.83 -7.14
N ASN F 219 45.35 -17.76 -7.35
CA ASN F 219 45.60 -16.47 -6.71
C ASN F 219 44.80 -16.26 -5.43
N ILE F 220 44.07 -17.26 -4.95
CA ILE F 220 43.25 -17.13 -3.76
C ILE F 220 43.72 -18.14 -2.73
N GLU F 221 43.99 -17.67 -1.52
CA GLU F 221 44.22 -18.54 -0.37
C GLU F 221 42.97 -18.46 0.51
N LEU F 222 42.26 -19.57 0.59
CA LEU F 222 41.00 -19.64 1.29
C LEU F 222 41.24 -20.16 2.70
N ILE F 223 40.84 -19.40 3.70
CA ILE F 223 41.01 -19.74 5.11
C ILE F 223 39.61 -19.78 5.70
N THR F 224 39.01 -20.95 5.71
CA THR F 224 37.68 -21.11 6.29
C THR F 224 37.79 -21.42 7.78
N TYR F 225 36.66 -21.33 8.47
CA TYR F 225 36.63 -21.61 9.91
C TYR F 225 37.65 -20.74 10.64
N ALA F 226 37.73 -19.48 10.24
CA ALA F 226 38.75 -18.56 10.74
C ALA F 226 38.15 -17.17 10.91
N GLU F 227 38.81 -16.35 11.73
CA GLU F 227 38.33 -15.01 12.01
C GLU F 227 39.51 -14.04 12.09
N VAL F 228 39.30 -12.84 11.56
CA VAL F 228 40.28 -11.77 11.68
C VAL F 228 40.30 -11.31 13.13
N LYS F 229 41.48 -11.39 13.76
CA LYS F 229 41.63 -10.99 15.15
C LYS F 229 42.19 -9.58 15.29
N GLU F 230 43.16 -9.19 14.48
CA GLU F 230 43.73 -7.85 14.59
C GLU F 230 44.00 -7.26 13.21
N VAL F 231 43.87 -5.94 13.12
CA VAL F 231 44.22 -5.19 11.92
C VAL F 231 45.01 -3.97 12.36
N ASP F 232 46.21 -3.80 11.81
CA ASP F 232 47.06 -2.65 12.11
C ASP F 232 47.61 -2.08 10.82
N GLY F 233 47.96 -0.80 10.85
CA GLY F 233 48.54 -0.15 9.70
C GLY F 233 47.56 0.69 8.92
N TYR F 234 47.79 0.84 7.63
CA TYR F 234 47.01 1.73 6.79
C TYR F 234 47.03 1.19 5.36
N ILE F 235 46.42 1.95 4.45
CA ILE F 235 46.28 1.52 3.07
C ILE F 235 47.63 1.12 2.50
N GLY F 236 47.67 -0.03 1.85
CA GLY F 236 48.88 -0.55 1.26
C GLY F 236 49.83 -1.21 2.24
N ASN F 237 49.55 -1.13 3.54
CA ASN F 237 50.49 -1.57 4.57
C ASN F 237 49.76 -2.22 5.74
N PHE F 238 48.66 -2.90 5.48
CA PHE F 238 47.90 -3.56 6.53
C PHE F 238 48.59 -4.83 7.00
N LYS F 239 48.78 -4.96 8.30
CA LYS F 239 49.20 -6.19 8.95
C LYS F 239 47.98 -6.78 9.64
N VAL F 240 47.59 -7.99 9.26
CA VAL F 240 46.36 -8.62 9.74
C VAL F 240 46.72 -9.92 10.44
N LYS F 241 46.07 -10.15 11.58
CA LYS F 241 46.26 -11.33 12.40
C LYS F 241 44.96 -12.11 12.41
N ILE F 242 45.01 -13.35 11.92
CA ILE F 242 43.86 -14.23 11.77
C ILE F 242 44.05 -15.43 12.68
N GLU F 243 42.96 -15.90 13.27
CA GLU F 243 42.95 -17.09 14.11
C GLU F 243 42.11 -18.16 13.42
N LYS F 244 42.79 -19.20 12.95
CA LYS F 244 42.12 -20.37 12.38
C LYS F 244 41.70 -21.28 13.53
N LYS F 245 40.38 -21.39 13.72
CA LYS F 245 39.85 -22.25 14.76
C LYS F 245 40.18 -23.71 14.43
N PRO F 246 40.35 -24.55 15.46
CA PRO F 246 40.68 -25.96 15.20
C PRO F 246 39.46 -26.73 14.71
N ARG F 247 39.58 -27.33 13.54
CA ARG F 247 38.58 -28.27 13.04
C ARG F 247 38.64 -29.61 13.75
N TYR F 248 39.81 -29.96 14.30
CA TYR F 248 40.12 -31.32 14.73
C TYR F 248 40.07 -32.31 13.55
N ILE F 249 40.14 -31.78 12.34
CA ILE F 249 40.22 -32.55 11.11
C ILE F 249 41.29 -31.92 10.24
N ASP F 250 42.09 -32.76 9.59
CA ASP F 250 43.18 -32.26 8.75
C ASP F 250 42.63 -31.89 7.37
N GLU F 251 42.62 -30.59 7.06
CA GLU F 251 42.05 -30.13 5.80
C GLU F 251 42.77 -30.73 4.60
N GLU F 252 44.07 -31.00 4.72
CA GLU F 252 44.83 -31.53 3.60
C GLU F 252 44.53 -33.01 3.36
N LEU F 253 44.17 -33.75 4.40
CA LEU F 253 43.91 -35.18 4.28
C LEU F 253 42.44 -35.51 4.10
N CYS F 254 41.54 -34.72 4.68
CA CYS F 254 40.12 -35.05 4.61
C CYS F 254 39.64 -34.97 3.16
N THR F 255 38.96 -36.02 2.71
CA THR F 255 38.33 -36.04 1.41
C THR F 255 36.85 -35.69 1.45
N GLY F 256 36.27 -35.55 2.64
CA GLY F 256 34.85 -35.29 2.75
C GLY F 256 33.98 -36.48 2.41
N CYS F 257 34.52 -37.70 2.55
CA CYS F 257 33.74 -38.88 2.19
C CYS F 257 32.50 -39.02 3.05
N GLY F 258 32.60 -38.70 4.34
CA GLY F 258 31.47 -38.71 5.24
C GLY F 258 31.32 -39.94 6.11
N SER F 259 32.28 -40.87 6.05
CA SER F 259 32.19 -42.07 6.88
C SER F 259 32.16 -41.73 8.37
N CYS F 260 33.02 -40.80 8.78
CA CYS F 260 33.01 -40.35 10.17
C CYS F 260 31.64 -39.85 10.58
N VAL F 261 30.95 -39.15 9.68
CA VAL F 261 29.60 -38.68 9.97
C VAL F 261 28.67 -39.85 10.19
N GLU F 262 28.76 -40.87 9.33
CA GLU F 262 27.87 -42.02 9.47
C GLU F 262 28.09 -42.72 10.81
N VAL F 263 29.35 -42.79 11.27
CA VAL F 263 29.64 -43.57 12.47
C VAL F 263 29.45 -42.80 13.77
N CYS F 264 29.37 -41.47 13.73
CA CYS F 264 29.30 -40.69 14.97
C CYS F 264 27.97 -40.93 15.67
N PRO F 265 27.96 -41.09 17.00
CA PRO F 265 26.69 -41.35 17.71
C PRO F 265 26.02 -40.12 18.29
N ILE F 266 26.69 -38.97 18.25
CA ILE F 266 26.19 -37.76 18.90
C ILE F 266 25.54 -36.86 17.85
N GLU F 267 24.30 -36.46 18.10
CA GLU F 267 23.56 -35.57 17.21
C GLU F 267 23.61 -34.15 17.75
N MET F 268 23.65 -33.19 16.83
CA MET F 268 23.67 -31.77 17.19
C MET F 268 23.08 -30.98 16.04
N PRO F 269 22.58 -29.77 16.30
CA PRO F 269 22.00 -28.96 15.22
C PRO F 269 23.04 -28.58 14.18
N ASN F 270 22.60 -28.51 12.93
CA ASN F 270 23.42 -28.05 11.82
C ASN F 270 23.15 -26.56 11.61
N TYR F 271 24.19 -25.74 11.79
CA TYR F 271 24.00 -24.29 11.63
C TYR F 271 23.44 -23.96 10.25
N PHE F 272 23.78 -24.74 9.22
CA PHE F 272 23.30 -24.49 7.88
C PHE F 272 21.79 -24.67 7.76
N ASP F 273 21.17 -25.41 8.68
CA ASP F 273 19.75 -25.67 8.65
C ASP F 273 18.95 -24.71 9.53
N GLU F 274 19.61 -23.74 10.15
CA GLU F 274 18.95 -22.63 10.84
C GLU F 274 18.00 -23.15 11.92
N GLY F 275 18.44 -24.12 12.69
CA GLY F 275 17.73 -24.56 13.87
C GLY F 275 16.64 -25.59 13.64
N ILE F 276 16.49 -26.11 12.42
CA ILE F 276 15.48 -27.11 12.13
C ILE F 276 16.08 -28.37 11.51
N GLY F 277 17.39 -28.50 11.53
CA GLY F 277 18.03 -29.68 10.97
C GLY F 277 19.14 -30.18 11.88
N MET F 278 19.32 -31.50 11.89
CA MET F 278 20.29 -32.16 12.74
C MET F 278 21.40 -32.77 11.89
N THR F 279 22.56 -32.93 12.52
CA THR F 279 23.71 -33.63 11.96
C THR F 279 24.44 -34.27 13.13
N LYS F 280 25.68 -34.68 12.93
CA LYS F 280 26.47 -35.31 13.98
C LYS F 280 27.52 -34.34 14.52
N ALA F 281 28.12 -34.72 15.65
CA ALA F 281 29.15 -33.89 16.25
C ALA F 281 30.30 -33.65 15.28
N VAL F 282 30.56 -34.61 14.40
CA VAL F 282 31.43 -34.43 13.23
C VAL F 282 30.52 -34.33 12.01
N TYR F 283 30.66 -33.25 11.25
CA TYR F 283 29.68 -32.95 10.22
C TYR F 283 30.33 -32.29 9.01
N ILE F 284 29.59 -32.34 7.90
CA ILE F 284 29.84 -31.56 6.72
C ILE F 284 28.59 -30.72 6.48
N PRO F 285 28.67 -29.39 6.50
CA PRO F 285 27.42 -28.59 6.53
C PRO F 285 26.47 -28.86 5.37
N PHE F 286 26.99 -29.06 4.16
CA PHE F 286 26.16 -29.39 3.01
C PHE F 286 27.04 -30.04 1.96
N PRO F 287 26.46 -30.86 1.08
CA PRO F 287 27.30 -31.67 0.18
C PRO F 287 28.17 -30.85 -0.77
N GLN F 288 27.82 -29.60 -1.05
CA GLN F 288 28.60 -28.76 -1.96
C GLN F 288 29.61 -27.89 -1.22
N ALA F 289 29.94 -28.23 0.02
CA ALA F 289 30.79 -27.38 0.84
C ALA F 289 32.17 -27.22 0.23
N VAL F 290 32.72 -26.02 0.37
CA VAL F 290 34.08 -25.71 -0.08
C VAL F 290 34.84 -25.06 1.07
N PRO F 291 35.87 -25.70 1.62
CA PRO F 291 36.43 -27.01 1.23
C PRO F 291 35.48 -28.15 1.64
N LEU F 292 35.48 -29.25 0.90
CA LEU F 292 34.67 -30.40 1.24
C LEU F 292 35.42 -31.18 2.32
N CYS F 293 35.29 -30.71 3.55
CA CYS F 293 36.05 -31.24 4.68
C CYS F 293 35.14 -31.33 5.89
N ALA F 294 35.46 -32.26 6.79
CA ALA F 294 34.68 -32.44 8.00
C ALA F 294 35.09 -31.43 9.06
N THR F 295 34.23 -31.28 10.06
CA THR F 295 34.49 -30.45 11.23
C THR F 295 33.92 -31.13 12.46
N ILE F 296 34.67 -31.12 13.56
CA ILE F 296 34.22 -31.68 14.82
C ILE F 296 33.91 -30.53 15.78
N ASP F 297 32.70 -30.53 16.32
CA ASP F 297 32.31 -29.56 17.33
C ASP F 297 32.57 -30.18 18.71
N LYS F 298 33.48 -29.59 19.47
CA LYS F 298 33.89 -30.19 20.74
C LYS F 298 32.88 -29.97 21.85
N ASP F 299 31.92 -29.08 21.67
CA ASP F 299 30.85 -28.97 22.66
C ASP F 299 29.93 -30.18 22.65
N TYR F 300 30.01 -31.02 21.61
CA TYR F 300 29.18 -32.21 21.50
C TYR F 300 29.97 -33.50 21.39
N CYS F 301 31.22 -33.46 20.91
CA CYS F 301 32.03 -34.66 20.84
C CYS F 301 32.21 -35.26 22.22
N ILE F 302 32.08 -36.58 22.32
CA ILE F 302 32.36 -37.32 23.55
C ILE F 302 33.66 -38.07 23.45
N GLU F 303 34.47 -37.82 22.42
CA GLU F 303 35.79 -38.43 22.29
C GLU F 303 35.69 -39.96 22.26
N CYS F 304 34.72 -40.47 21.51
CA CYS F 304 34.54 -41.92 21.38
C CYS F 304 35.55 -42.56 20.43
N MET F 305 36.19 -41.78 19.56
CA MET F 305 37.24 -42.25 18.65
C MET F 305 36.71 -43.15 17.54
N LEU F 306 35.40 -43.27 17.37
CA LEU F 306 34.88 -44.05 16.24
C LEU F 306 35.25 -43.38 14.92
N CYS F 307 35.22 -42.05 14.87
CA CYS F 307 35.61 -41.35 13.64
C CYS F 307 37.05 -41.65 13.27
N ASP F 308 37.95 -41.70 14.26
CA ASP F 308 39.33 -42.06 13.97
C ASP F 308 39.41 -43.46 13.37
N GLU F 309 38.67 -44.41 13.95
CA GLU F 309 38.75 -45.78 13.48
C GLU F 309 38.16 -45.95 12.08
N VAL F 310 37.17 -45.15 11.73
CA VAL F 310 36.51 -45.34 10.44
C VAL F 310 37.24 -44.60 9.32
N CYS F 311 37.93 -43.50 9.63
CA CYS F 311 38.61 -42.74 8.60
C CYS F 311 39.78 -43.52 8.03
N GLU F 312 40.00 -43.40 6.72
CA GLU F 312 41.10 -44.07 6.05
C GLU F 312 42.24 -43.14 5.66
N ARG F 313 42.00 -41.84 5.56
CA ARG F 313 43.04 -40.88 5.25
C ARG F 313 43.80 -40.43 6.49
N GLY F 314 43.42 -40.89 7.67
CA GLY F 314 44.04 -40.41 8.90
C GLY F 314 43.85 -38.92 9.10
N ALA F 315 42.67 -38.41 8.77
CA ALA F 315 42.41 -36.98 8.81
C ALA F 315 41.92 -36.48 10.15
N VAL F 316 41.52 -37.35 11.07
CA VAL F 316 40.97 -36.94 12.35
C VAL F 316 42.12 -36.60 13.30
N LYS F 317 42.05 -35.41 13.89
CA LYS F 317 43.12 -34.92 14.78
C LYS F 317 42.45 -34.31 16.02
N HIS F 318 42.18 -35.14 17.01
CA HIS F 318 41.57 -34.66 18.25
C HIS F 318 42.50 -33.75 19.04
N ASP F 319 43.80 -33.74 18.72
CA ASP F 319 44.78 -32.93 19.42
C ASP F 319 45.11 -31.63 18.68
N GLN F 320 44.33 -31.27 17.66
CA GLN F 320 44.57 -30.04 16.93
C GLN F 320 44.38 -28.82 17.84
N GLU F 321 45.11 -27.77 17.54
CA GLU F 321 45.08 -26.53 18.29
C GLU F 321 44.76 -25.36 17.37
N PRO F 322 44.21 -24.27 17.89
CA PRO F 322 43.99 -23.08 17.05
C PRO F 322 45.32 -22.57 16.50
N GLU F 323 45.28 -22.06 15.28
CA GLU F 323 46.48 -21.66 14.56
C GLU F 323 46.46 -20.17 14.29
N GLU F 324 47.59 -19.52 14.51
CA GLU F 324 47.69 -18.08 14.27
C GLU F 324 48.39 -17.83 12.93
N ILE F 325 47.72 -17.06 12.07
CA ILE F 325 48.22 -16.69 10.76
C ILE F 325 48.44 -15.18 10.75
N GLU F 326 49.55 -14.76 10.19
CA GLU F 326 49.85 -13.33 10.01
C GLU F 326 50.01 -13.07 8.53
N ILE F 327 49.28 -12.08 8.03
CA ILE F 327 49.36 -11.72 6.61
C ILE F 327 49.56 -10.22 6.47
N GLU F 328 50.13 -9.84 5.34
CA GLU F 328 50.31 -8.45 4.97
C GLU F 328 49.55 -8.19 3.67
N VAL F 329 48.69 -7.19 3.67
CA VAL F 329 47.87 -6.87 2.51
C VAL F 329 47.84 -5.37 2.31
N GLY F 330 47.47 -4.95 1.11
CA GLY F 330 47.34 -3.53 0.81
C GLY F 330 45.92 -3.01 0.91
N THR F 331 44.93 -3.89 0.80
CA THR F 331 43.53 -3.48 0.85
C THR F 331 42.69 -4.57 1.50
N ILE F 332 41.52 -4.16 1.96
CA ILE F 332 40.58 -5.05 2.63
C ILE F 332 39.18 -4.78 2.08
N ILE F 333 38.44 -5.86 1.84
CA ILE F 333 37.05 -5.79 1.41
C ILE F 333 36.22 -6.53 2.45
N VAL F 334 35.37 -5.79 3.16
CA VAL F 334 34.49 -6.37 4.17
C VAL F 334 33.19 -6.79 3.49
N ALA F 335 32.93 -8.10 3.50
CA ALA F 335 31.75 -8.71 2.89
C ALA F 335 31.10 -9.68 3.87
N THR F 336 30.81 -9.20 5.08
CA THR F 336 30.40 -10.07 6.18
C THR F 336 28.91 -10.33 6.24
N GLY F 337 28.12 -9.80 5.31
CA GLY F 337 26.75 -10.28 5.18
C GLY F 337 25.84 -9.87 6.34
N TYR F 338 24.92 -10.77 6.69
CA TYR F 338 23.83 -10.45 7.62
C TYR F 338 23.35 -11.69 8.35
N ASP F 339 22.47 -11.47 9.31
CA ASP F 339 21.71 -12.49 10.01
C ASP F 339 20.22 -12.19 9.90
N ALA F 340 19.40 -13.25 9.87
CA ALA F 340 17.96 -13.05 9.90
C ALA F 340 17.53 -12.50 11.25
N TYR F 341 16.63 -11.53 11.23
CA TYR F 341 16.07 -11.02 12.47
C TYR F 341 15.43 -12.15 13.26
N ASP F 342 15.66 -12.17 14.56
CA ASP F 342 15.05 -13.16 15.44
C ASP F 342 13.76 -12.56 16.01
N PRO F 343 12.58 -13.08 15.68
CA PRO F 343 11.33 -12.44 16.10
C PRO F 343 10.79 -12.87 17.45
N THR F 344 11.58 -13.55 18.27
CA THR F 344 11.08 -14.00 19.58
C THR F 344 10.50 -12.85 20.38
N GLU F 345 11.11 -11.67 20.30
CA GLU F 345 10.63 -10.53 21.08
C GLU F 345 9.27 -10.01 20.60
N LYS F 346 8.83 -10.40 19.40
CA LYS F 346 7.51 -10.01 18.91
C LYS F 346 6.49 -10.97 19.54
N LEU F 347 6.18 -10.68 20.81
CA LEU F 347 5.41 -11.63 21.60
C LEU F 347 4.03 -11.90 21.01
N GLU F 348 3.40 -10.90 20.41
CA GLU F 348 2.05 -11.09 19.87
C GLU F 348 2.03 -12.07 18.70
N TYR F 349 3.14 -12.23 17.99
CA TYR F 349 3.20 -13.21 16.90
C TYR F 349 3.60 -14.61 17.37
N GLY F 350 4.20 -14.73 18.56
CA GLY F 350 4.31 -16.03 19.20
C GLY F 350 5.43 -16.93 18.73
N TYR F 351 6.41 -16.42 17.99
CA TYR F 351 7.53 -17.26 17.58
C TYR F 351 8.25 -17.80 18.80
N GLY F 352 8.58 -19.09 18.76
CA GLY F 352 9.19 -19.76 19.88
C GLY F 352 8.22 -20.31 20.90
N ARG F 353 6.96 -19.90 20.86
CA ARG F 353 5.91 -20.46 21.69
C ARG F 353 4.90 -21.25 20.87
N HIS F 354 4.37 -20.65 19.80
CA HIS F 354 3.48 -21.38 18.91
C HIS F 354 4.29 -22.39 18.09
N THR F 355 3.79 -23.62 18.01
CA THR F 355 4.55 -24.69 17.36
C THR F 355 4.71 -24.44 15.87
N ASN F 356 3.65 -23.98 15.20
CA ASN F 356 3.62 -23.93 13.74
C ASN F 356 3.89 -22.53 13.19
N VAL F 357 4.63 -21.71 13.92
CA VAL F 357 5.09 -20.41 13.45
C VAL F 357 6.58 -20.53 13.17
N ILE F 358 6.97 -20.23 11.92
CA ILE F 358 8.36 -20.34 11.48
C ILE F 358 8.77 -19.04 10.81
N THR F 359 10.08 -18.88 10.59
CA THR F 359 10.61 -17.74 9.87
C THR F 359 10.75 -18.06 8.38
N GLY F 360 11.00 -17.01 7.60
CA GLY F 360 11.22 -17.19 6.17
C GLY F 360 12.45 -18.03 5.86
N LEU F 361 13.54 -17.80 6.60
CA LEU F 361 14.78 -18.54 6.34
C LEU F 361 14.63 -20.02 6.71
N GLU F 362 13.98 -20.30 7.83
CA GLU F 362 13.62 -21.67 8.14
C GLU F 362 12.83 -22.29 6.98
N LEU F 363 11.86 -21.55 6.44
CA LEU F 363 11.09 -22.05 5.31
C LEU F 363 11.98 -22.32 4.12
N GLU F 364 12.97 -21.46 3.87
CA GLU F 364 13.92 -21.72 2.80
C GLU F 364 14.56 -23.09 2.98
N ARG F 365 15.01 -23.38 4.19
CA ARG F 365 15.63 -24.68 4.43
C ARG F 365 14.63 -25.83 4.22
N MET F 366 13.38 -25.66 4.69
CA MET F 366 12.41 -26.76 4.54
C MET F 366 12.05 -26.99 3.08
N ILE F 367 11.97 -25.92 2.30
CA ILE F 367 11.63 -26.04 0.88
C ILE F 367 12.75 -26.72 0.12
N ASN F 368 14.00 -26.43 0.49
CA ASN F 368 15.16 -26.93 -0.23
C ASN F 368 15.18 -28.46 -0.28
N ALA F 369 15.40 -29.01 -1.47
CA ALA F 369 15.36 -30.46 -1.64
C ALA F 369 16.44 -31.16 -0.83
N SER F 370 17.56 -30.49 -0.58
CA SER F 370 18.62 -31.03 0.25
C SER F 370 18.48 -30.67 1.72
N GLY F 371 17.35 -30.05 2.10
CA GLY F 371 17.13 -29.66 3.48
C GLY F 371 16.75 -30.83 4.35
N PRO F 372 16.48 -30.53 5.63
CA PRO F 372 16.19 -31.59 6.60
C PRO F 372 14.83 -32.26 6.43
N THR F 373 13.95 -31.72 5.58
CA THR F 373 12.66 -32.33 5.31
C THR F 373 12.60 -32.91 3.90
N ASP F 374 13.74 -33.04 3.22
CA ASP F 374 13.78 -33.48 1.82
C ASP F 374 12.91 -32.59 0.94
N GLY F 375 12.89 -31.29 1.24
CA GLY F 375 12.18 -30.32 0.43
C GLY F 375 10.69 -30.27 0.64
N LYS F 376 10.17 -30.99 1.63
CA LYS F 376 8.74 -30.97 1.93
C LYS F 376 8.45 -29.92 2.99
N VAL F 377 7.44 -29.09 2.73
CA VAL F 377 6.97 -28.13 3.71
C VAL F 377 6.02 -28.86 4.65
N LEU F 378 6.47 -29.08 5.89
CA LEU F 378 5.72 -29.87 6.87
C LEU F 378 5.49 -29.05 8.12
N LYS F 379 4.31 -29.20 8.70
CA LYS F 379 4.03 -28.58 9.99
C LYS F 379 4.99 -29.14 11.03
N PRO F 380 5.67 -28.31 11.80
CA PRO F 380 6.51 -28.85 12.89
C PRO F 380 5.72 -29.67 13.89
N SER F 381 4.44 -29.33 14.10
CA SER F 381 3.65 -30.00 15.13
C SER F 381 3.46 -31.48 14.84
N ASP F 382 3.13 -31.83 13.59
CA ASP F 382 2.77 -33.20 13.25
C ASP F 382 3.49 -33.79 12.04
N GLY F 383 4.30 -33.01 11.34
CA GLY F 383 5.00 -33.54 10.19
C GLY F 383 4.13 -33.78 8.98
N GLU F 384 3.01 -33.08 8.87
CA GLU F 384 2.12 -33.17 7.71
C GLU F 384 2.10 -31.82 6.99
N LYS F 385 1.70 -31.86 5.73
CA LYS F 385 1.69 -30.65 4.92
C LYS F 385 0.62 -29.68 5.43
N PRO F 386 0.89 -28.37 5.40
CA PRO F 386 -0.12 -27.41 5.84
C PRO F 386 -1.08 -27.08 4.70
N LYS F 387 -2.37 -27.21 4.97
CA LYS F 387 -3.37 -26.88 3.96
C LYS F 387 -3.51 -25.37 3.78
N ARG F 388 -3.20 -24.60 4.83
CA ARG F 388 -3.35 -23.15 4.79
C ARG F 388 -2.11 -22.51 5.41
N VAL F 389 -1.52 -21.57 4.67
CA VAL F 389 -0.30 -20.90 5.08
C VAL F 389 -0.53 -19.40 5.00
N ALA F 390 -0.12 -18.69 6.04
CA ALA F 390 -0.09 -17.23 6.01
C ALA F 390 1.36 -16.77 6.06
N PHE F 391 1.65 -15.69 5.34
CA PHE F 391 2.92 -15.00 5.43
C PHE F 391 2.68 -13.60 6.00
N ILE F 392 3.54 -13.17 6.91
CA ILE F 392 3.44 -11.84 7.51
C ILE F 392 4.66 -11.04 7.10
N HIS F 393 4.43 -9.88 6.49
CA HIS F 393 5.50 -9.02 6.02
C HIS F 393 6.06 -8.17 7.17
N CYS F 394 7.22 -7.57 6.91
CA CYS F 394 7.80 -6.51 7.75
C CYS F 394 7.98 -6.95 9.21
N VAL F 395 8.31 -8.22 9.45
CA VAL F 395 8.57 -8.67 10.80
C VAL F 395 10.03 -8.33 11.15
N GLY F 396 10.22 -7.51 12.17
CA GLY F 396 11.53 -7.00 12.49
C GLY F 396 11.97 -5.80 11.70
N SER F 397 11.09 -5.24 10.87
CA SER F 397 11.43 -4.09 10.04
C SER F 397 10.30 -3.08 10.07
N ARG F 398 10.61 -1.84 9.72
CA ARG F 398 9.63 -0.76 9.68
C ARG F 398 8.80 -0.73 10.96
N ASP F 399 9.48 -0.73 12.11
CA ASP F 399 8.82 -0.94 13.39
C ASP F 399 9.61 -0.23 14.48
N GLU F 400 9.10 0.90 14.95
CA GLU F 400 9.76 1.65 16.01
C GLU F 400 9.57 1.02 17.39
N GLN F 401 8.57 0.16 17.56
CA GLN F 401 8.39 -0.50 18.84
C GLN F 401 9.57 -1.41 19.19
N ILE F 402 10.37 -1.78 18.19
CA ILE F 402 11.56 -2.59 18.39
C ILE F 402 12.82 -1.89 17.90
N GLY F 403 12.73 -0.60 17.58
CA GLY F 403 13.89 0.16 17.16
C GLY F 403 14.45 -0.29 15.82
N LYS F 404 13.58 -0.66 14.89
CA LYS F 404 13.99 -1.10 13.55
C LYS F 404 13.23 -0.27 12.52
N PRO F 405 13.60 1.00 12.34
CA PRO F 405 12.83 1.90 11.47
C PRO F 405 13.10 1.74 9.98
N TYR F 406 13.88 0.76 9.54
CA TYR F 406 14.28 0.62 8.15
C TYR F 406 13.55 -0.53 7.48
N CYS F 407 13.52 -0.47 6.14
CA CYS F 407 12.98 -1.57 5.34
C CYS F 407 14.10 -2.54 4.99
N SER F 408 13.84 -3.83 5.20
CA SER F 408 14.84 -4.86 4.93
C SER F 408 14.97 -5.20 3.44
N ARG F 409 14.08 -4.65 2.60
CA ARG F 409 14.29 -4.50 1.16
C ARG F 409 14.19 -5.79 0.33
N VAL F 410 14.27 -6.96 0.95
CA VAL F 410 14.19 -8.22 0.22
C VAL F 410 13.03 -9.08 0.68
N CYS F 411 12.39 -8.75 1.80
CA CYS F 411 11.44 -9.69 2.39
C CYS F 411 10.17 -9.81 1.56
N CYS F 412 9.70 -8.71 0.97
CA CYS F 412 8.53 -8.79 0.10
C CYS F 412 8.76 -9.83 -1.01
N MET F 413 9.92 -9.73 -1.67
CA MET F 413 10.20 -10.61 -2.80
C MET F 413 10.38 -12.05 -2.36
N TYR F 414 11.16 -12.32 -1.30
CA TYR F 414 11.34 -13.72 -0.93
C TYR F 414 10.05 -14.30 -0.34
N ILE F 415 9.22 -13.46 0.28
CA ILE F 415 7.90 -13.93 0.69
C ILE F 415 7.11 -14.41 -0.50
N MET F 416 7.01 -13.57 -1.55
CA MET F 416 6.24 -13.97 -2.72
C MET F 416 6.85 -15.20 -3.38
N LYS F 417 8.18 -15.27 -3.43
CA LYS F 417 8.84 -16.42 -4.04
C LYS F 417 8.50 -17.70 -3.30
N ASN F 418 8.60 -17.69 -1.97
CA ASN F 418 8.32 -18.91 -1.24
C ASN F 418 6.84 -19.28 -1.31
N ALA F 419 5.95 -18.28 -1.40
CA ALA F 419 4.54 -18.58 -1.62
C ALA F 419 4.35 -19.28 -2.96
N GLN F 420 5.01 -18.78 -4.01
CA GLN F 420 4.91 -19.42 -5.32
C GLN F 420 5.47 -20.83 -5.28
N LEU F 421 6.60 -21.03 -4.60
CA LEU F 421 7.19 -22.36 -4.52
C LEU F 421 6.29 -23.33 -3.75
N ILE F 422 5.65 -22.86 -2.69
CA ILE F 422 4.69 -23.69 -1.98
C ILE F 422 3.56 -24.09 -2.90
N LYS F 423 3.01 -23.13 -3.64
CA LYS F 423 1.92 -23.43 -4.56
C LYS F 423 2.37 -24.44 -5.62
N ASP F 424 3.60 -24.28 -6.12
CA ASP F 424 4.13 -25.21 -7.11
C ASP F 424 4.21 -26.62 -6.55
N LYS F 425 4.76 -26.77 -5.33
CA LYS F 425 4.87 -28.09 -4.74
C LYS F 425 3.49 -28.67 -4.43
N MET F 426 2.58 -27.85 -3.90
CA MET F 426 1.26 -28.30 -3.45
C MET F 426 0.22 -27.33 -3.98
N PRO F 427 -0.28 -27.56 -5.19
CA PRO F 427 -1.22 -26.59 -5.78
C PRO F 427 -2.49 -26.39 -4.97
N ASP F 428 -2.89 -27.35 -4.14
CA ASP F 428 -4.10 -27.20 -3.34
C ASP F 428 -3.92 -26.32 -2.11
N THR F 429 -2.68 -25.95 -1.75
CA THR F 429 -2.45 -25.15 -0.56
C THR F 429 -2.96 -23.74 -0.76
N GLU F 430 -3.66 -23.20 0.23
CA GLU F 430 -4.09 -21.81 0.22
C GLU F 430 -3.04 -20.95 0.91
N VAL F 431 -2.62 -19.87 0.25
CA VAL F 431 -1.53 -19.03 0.73
C VAL F 431 -1.98 -17.58 0.74
N THR F 432 -1.77 -16.89 1.87
CA THR F 432 -2.22 -15.52 2.08
C THR F 432 -1.08 -14.69 2.65
N LEU F 433 -0.92 -13.47 2.14
CA LEU F 433 0.13 -12.55 2.58
C LEU F 433 -0.49 -11.33 3.22
N TYR F 434 -0.02 -11.00 4.43
CA TYR F 434 -0.38 -9.78 5.12
C TYR F 434 0.75 -8.77 4.94
N TYR F 435 0.49 -7.71 4.20
CA TYR F 435 1.52 -6.74 3.83
C TYR F 435 1.04 -5.33 4.13
N MET F 436 1.99 -4.39 4.02
CA MET F 436 1.71 -2.97 4.13
C MET F 436 1.92 -2.27 2.79
N ASP F 437 3.12 -2.41 2.23
CA ASP F 437 3.42 -2.09 0.85
C ASP F 437 4.06 -3.30 0.22
N ILE F 438 3.67 -3.61 -1.01
CA ILE F 438 4.41 -4.56 -1.85
C ILE F 438 5.51 -3.76 -2.52
N ARG F 439 6.77 -4.04 -2.16
CA ARG F 439 7.91 -3.33 -2.70
C ARG F 439 8.59 -4.22 -3.74
N ALA F 440 7.97 -4.29 -4.93
CA ALA F 440 8.48 -5.07 -6.05
C ALA F 440 9.18 -4.15 -7.04
N PHE F 441 10.28 -3.57 -6.58
CA PHE F 441 10.92 -2.45 -7.25
C PHE F 441 11.95 -2.86 -8.30
N GLY F 442 12.39 -4.11 -8.28
CA GLY F 442 13.50 -4.54 -9.11
C GLY F 442 13.08 -4.94 -10.51
N LYS F 443 14.08 -5.26 -11.32
CA LYS F 443 13.82 -5.68 -12.70
C LYS F 443 13.03 -6.98 -12.71
N GLY F 444 11.84 -6.94 -13.29
CA GLY F 444 10.96 -8.09 -13.32
C GLY F 444 10.17 -8.31 -12.05
N PHE F 445 10.41 -7.51 -11.00
CA PHE F 445 9.78 -7.76 -9.70
C PHE F 445 8.27 -7.50 -9.76
N GLU F 446 7.86 -6.38 -10.36
CA GLU F 446 6.44 -6.09 -10.46
C GLU F 446 5.72 -7.17 -11.25
N GLU F 447 6.37 -7.66 -12.31
CA GLU F 447 5.82 -8.79 -13.06
C GLU F 447 5.75 -10.05 -12.19
N PHE F 448 6.75 -10.27 -11.35
CA PHE F 448 6.71 -11.39 -10.40
C PHE F 448 5.50 -11.28 -9.48
N TYR F 449 5.22 -10.07 -9.00
CA TYR F 449 4.06 -9.81 -8.14
C TYR F 449 2.75 -10.14 -8.86
N LYS F 450 2.59 -9.55 -10.06
CA LYS F 450 1.40 -9.87 -10.85
C LYS F 450 1.25 -11.37 -11.02
N ARG F 451 2.35 -12.06 -11.33
CA ARG F 451 2.30 -13.50 -11.55
C ARG F 451 1.91 -14.23 -10.26
N SER F 452 2.40 -13.76 -9.12
CA SER F 452 1.98 -14.34 -7.85
C SER F 452 0.47 -14.36 -7.75
N GLN F 453 -0.17 -13.32 -8.26
CA GLN F 453 -1.64 -13.29 -8.20
C GLN F 453 -2.28 -14.09 -9.35
N GLU F 454 -1.92 -13.75 -10.59
CA GLU F 454 -2.61 -14.29 -11.76
C GLU F 454 -2.38 -15.78 -11.92
N LYS F 455 -1.12 -16.21 -11.81
CA LYS F 455 -0.79 -17.59 -12.11
C LYS F 455 -1.05 -18.53 -10.93
N TYR F 456 -0.62 -18.14 -9.73
CA TYR F 456 -0.66 -19.02 -8.58
C TYR F 456 -1.84 -18.78 -7.64
N GLY F 457 -2.61 -17.71 -7.85
CA GLY F 457 -3.76 -17.45 -7.00
C GLY F 457 -3.40 -17.17 -5.56
N ILE F 458 -2.29 -16.48 -5.32
CA ILE F 458 -1.90 -16.10 -3.97
C ILE F 458 -2.74 -14.90 -3.54
N LYS F 459 -3.28 -14.96 -2.33
CA LYS F 459 -4.14 -13.90 -1.81
C LYS F 459 -3.31 -12.86 -1.08
N PHE F 460 -3.65 -11.59 -1.32
CA PHE F 460 -2.95 -10.47 -0.70
C PHE F 460 -3.93 -9.71 0.17
N ILE F 461 -3.60 -9.55 1.44
CA ILE F 461 -4.39 -8.77 2.40
C ILE F 461 -3.52 -7.60 2.84
N ARG F 462 -3.98 -6.37 2.59
CA ARG F 462 -3.28 -5.20 3.08
C ARG F 462 -3.68 -4.97 4.53
N GLY F 463 -2.85 -5.45 5.44
CA GLY F 463 -3.05 -5.20 6.85
C GLY F 463 -1.91 -5.77 7.66
N ARG F 464 -1.38 -4.98 8.57
CA ARG F 464 -0.33 -5.45 9.46
C ARG F 464 -1.00 -6.21 10.59
N PRO F 465 -0.80 -7.53 10.69
CA PRO F 465 -1.55 -8.29 11.70
C PRO F 465 -1.30 -7.80 13.11
N ALA F 466 -2.38 -7.73 13.88
CA ALA F 466 -2.29 -7.38 15.29
C ALA F 466 -1.79 -8.57 16.11
N GLU F 467 -2.24 -9.78 15.81
CA GLU F 467 -1.89 -10.89 16.69
C GLU F 467 -1.99 -12.22 15.98
N VAL F 468 -1.23 -13.20 16.48
CA VAL F 468 -1.35 -14.59 16.08
C VAL F 468 -1.69 -15.40 17.32
N ILE F 469 -2.85 -16.06 17.29
CA ILE F 469 -3.36 -16.85 18.41
C ILE F 469 -3.21 -18.32 18.08
N GLU F 470 -2.66 -19.10 18.99
CA GLU F 470 -2.60 -20.54 18.80
C GLU F 470 -3.86 -21.16 19.37
N ASN F 471 -4.56 -21.94 18.54
CA ASN F 471 -5.75 -22.65 18.96
C ASN F 471 -5.37 -23.95 19.65
N PRO F 472 -6.31 -24.56 20.38
CA PRO F 472 -6.00 -25.83 21.05
C PRO F 472 -5.50 -26.91 20.09
N ASP F 473 -6.07 -27.00 18.89
CA ASP F 473 -5.62 -27.97 17.90
C ASP F 473 -4.29 -27.58 17.25
N LEU F 474 -3.68 -26.46 17.68
CA LEU F 474 -2.39 -25.97 17.21
C LEU F 474 -2.47 -25.28 15.86
N THR F 475 -3.68 -25.13 15.29
CA THR F 475 -3.86 -24.18 14.21
C THR F 475 -3.71 -22.76 14.75
N LEU F 476 -3.55 -21.80 13.84
CA LEU F 476 -3.24 -20.44 14.20
C LEU F 476 -4.30 -19.51 13.61
N THR F 477 -4.82 -18.61 14.43
CA THR F 477 -5.72 -17.57 13.97
C THR F 477 -4.93 -16.28 13.88
N VAL F 478 -4.91 -15.69 12.69
CA VAL F 478 -4.31 -14.38 12.48
C VAL F 478 -5.43 -13.35 12.61
N ARG F 479 -5.27 -12.44 13.58
CA ARG F 479 -6.18 -11.33 13.79
C ARG F 479 -5.54 -10.08 13.21
N SER F 480 -6.21 -9.50 12.21
CA SER F 480 -5.66 -8.42 11.42
C SER F 480 -6.80 -7.66 10.77
N GLU F 481 -6.66 -6.34 10.65
CA GLU F 481 -7.59 -5.60 9.80
C GLU F 481 -7.23 -5.81 8.34
N ASP F 482 -8.25 -6.01 7.51
CA ASP F 482 -8.15 -5.80 6.08
C ASP F 482 -8.51 -4.34 5.85
N THR F 483 -7.49 -3.52 5.60
CA THR F 483 -7.70 -2.08 5.51
C THR F 483 -8.44 -1.69 4.24
N LEU F 484 -8.47 -2.56 3.24
CA LEU F 484 -9.16 -2.27 1.99
C LEU F 484 -10.62 -2.69 2.03
N LEU F 485 -10.95 -3.74 2.78
CA LEU F 485 -12.34 -3.95 3.19
C LEU F 485 -12.71 -3.10 4.38
N GLY F 486 -11.73 -2.57 5.10
CA GLY F 486 -11.99 -1.79 6.29
C GLY F 486 -12.63 -2.58 7.41
N LYS F 487 -12.24 -3.83 7.59
CA LYS F 487 -12.88 -4.68 8.59
C LYS F 487 -11.84 -5.58 9.25
N VAL F 488 -12.10 -5.94 10.50
CA VAL F 488 -11.25 -6.90 11.20
C VAL F 488 -11.54 -8.30 10.70
N THR F 489 -10.48 -9.08 10.48
CA THR F 489 -10.56 -10.46 10.07
C THR F 489 -9.82 -11.33 11.08
N GLU F 490 -10.36 -12.52 11.30
CA GLU F 490 -9.73 -13.57 12.10
C GLU F 490 -9.72 -14.83 11.24
N TYR F 491 -8.63 -15.06 10.52
CA TYR F 491 -8.55 -16.18 9.60
C TYR F 491 -7.68 -17.29 10.19
N ASP F 492 -8.03 -18.53 9.91
CA ASP F 492 -7.32 -19.69 10.43
C ASP F 492 -6.34 -20.23 9.41
N TYR F 493 -5.20 -20.72 9.91
CA TYR F 493 -4.12 -21.23 9.09
C TYR F 493 -3.46 -22.41 9.79
N ASP F 494 -2.88 -23.28 8.99
CA ASP F 494 -2.13 -24.40 9.52
C ASP F 494 -0.68 -24.07 9.74
N MET F 495 -0.15 -23.05 9.08
CA MET F 495 1.21 -22.60 9.34
C MET F 495 1.29 -21.10 9.08
N VAL F 496 2.13 -20.43 9.86
CA VAL F 496 2.37 -19.00 9.74
C VAL F 496 3.86 -18.78 9.59
N VAL F 497 4.24 -18.02 8.57
CA VAL F 497 5.64 -17.74 8.24
C VAL F 497 5.87 -16.26 8.45
N LEU F 498 6.82 -15.93 9.32
CA LEU F 498 7.17 -14.56 9.61
C LEU F 498 8.23 -14.10 8.61
N GLY F 499 7.94 -13.01 7.90
CA GLY F 499 8.88 -12.43 6.98
C GLY F 499 9.93 -11.59 7.70
N VAL F 500 10.84 -12.28 8.39
CA VAL F 500 11.84 -11.61 9.19
C VAL F 500 12.75 -10.76 8.31
N GLY F 501 13.23 -9.65 8.87
CA GLY F 501 14.12 -8.75 8.18
C GLY F 501 15.58 -9.18 8.28
N LEU F 502 16.46 -8.26 7.89
CA LEU F 502 17.89 -8.49 7.89
C LEU F 502 18.57 -7.60 8.92
N VAL F 503 19.53 -8.16 9.65
CA VAL F 503 20.25 -7.41 10.69
C VAL F 503 21.74 -7.68 10.54
N PRO F 504 22.58 -6.84 11.14
CA PRO F 504 24.02 -7.12 11.11
C PRO F 504 24.33 -8.45 11.77
N PRO F 505 25.35 -9.15 11.30
CA PRO F 505 25.63 -10.49 11.81
C PRO F 505 26.18 -10.46 13.24
N GLU F 506 26.11 -11.61 13.90
CA GLU F 506 26.70 -11.72 15.23
C GLU F 506 28.20 -11.46 15.14
N GLY F 507 28.70 -10.63 16.04
CA GLY F 507 30.10 -10.26 16.02
C GLY F 507 30.45 -9.12 15.09
N ALA F 508 29.45 -8.45 14.51
CA ALA F 508 29.75 -7.33 13.63
C ALA F 508 30.47 -6.20 14.36
N GLU F 509 30.06 -5.92 15.59
CA GLU F 509 30.68 -4.81 16.32
C GLU F 509 32.16 -5.07 16.58
N THR F 510 32.52 -6.31 16.91
CA THR F 510 33.91 -6.63 17.22
C THR F 510 34.80 -6.40 16.00
N LEU F 511 34.39 -6.89 14.83
CA LEU F 511 35.18 -6.70 13.63
C LEU F 511 35.20 -5.23 13.20
N ARG F 512 34.07 -4.54 13.36
CA ARG F 512 34.03 -3.12 13.05
C ARG F 512 35.05 -2.36 13.89
N GLN F 513 35.15 -2.69 15.17
CA GLN F 513 36.11 -2.00 16.03
C GLN F 513 37.54 -2.44 15.72
N THR F 514 37.75 -3.71 15.39
CA THR F 514 39.08 -4.18 15.01
C THR F 514 39.59 -3.41 13.81
N ILE F 515 38.79 -3.30 12.75
CA ILE F 515 39.20 -2.54 11.58
C ILE F 515 39.19 -1.04 11.88
N GLY F 516 38.19 -0.57 12.60
CA GLY F 516 38.02 0.84 12.87
C GLY F 516 37.06 1.55 11.96
N LEU F 517 36.01 0.89 11.50
CA LEU F 517 35.03 1.46 10.59
C LEU F 517 33.86 2.06 11.37
N SER F 518 33.13 2.94 10.71
CA SER F 518 31.94 3.55 11.26
C SER F 518 30.70 2.82 10.77
N LYS F 519 29.63 2.90 11.55
CA LYS F 519 28.37 2.24 11.23
C LYS F 519 27.29 3.27 10.96
N SER F 520 26.35 2.89 10.10
CA SER F 520 25.22 3.75 9.76
C SER F 520 24.16 3.65 10.85
N ALA F 521 23.08 4.43 10.68
CA ALA F 521 22.03 4.43 11.69
C ALA F 521 21.39 3.05 11.85
N ASP F 522 21.21 2.34 10.74
CA ASP F 522 20.56 1.03 10.77
C ASP F 522 21.48 -0.07 11.30
N GLY F 523 22.70 0.25 11.73
CA GLY F 523 23.59 -0.74 12.32
C GLY F 523 24.54 -1.40 11.35
N PHE F 524 24.37 -1.20 10.05
CA PHE F 524 25.29 -1.74 9.07
C PHE F 524 26.44 -0.76 8.83
N LEU F 525 27.43 -1.19 8.04
CA LEU F 525 28.63 -0.39 7.86
C LEU F 525 28.36 0.82 6.97
N MET F 526 29.00 1.94 7.31
CA MET F 526 28.76 3.20 6.63
C MET F 526 29.76 3.40 5.48
N GLU F 527 29.25 3.71 4.30
CA GLU F 527 30.08 3.99 3.14
C GLU F 527 30.60 5.43 3.19
N ALA F 528 31.64 5.70 2.40
CA ALA F 528 32.27 7.01 2.42
C ALA F 528 31.30 8.10 1.96
N HIS F 529 30.51 7.82 0.92
CA HIS F 529 29.52 8.79 0.44
C HIS F 529 28.32 8.06 -0.14
N PRO F 530 27.11 8.33 0.35
CA PRO F 530 25.95 7.49 0.00
C PRO F 530 25.56 7.55 -1.47
N LYS F 531 25.92 8.62 -2.19
CA LYS F 531 25.58 8.72 -3.61
C LYS F 531 26.71 8.23 -4.50
N LEU F 532 27.93 8.71 -4.29
CA LEU F 532 29.01 8.53 -5.26
C LEU F 532 30.12 7.58 -4.82
N ARG F 533 30.16 7.16 -3.57
CA ARG F 533 31.16 6.20 -3.09
C ARG F 533 30.47 5.13 -2.26
N PRO F 534 29.59 4.34 -2.88
CA PRO F 534 28.82 3.35 -2.10
C PRO F 534 29.65 2.21 -1.54
N VAL F 535 30.80 1.89 -2.14
CA VAL F 535 31.61 0.75 -1.69
C VAL F 535 32.88 1.19 -1.01
N ASP F 536 33.16 2.49 -0.94
CA ASP F 536 34.31 2.98 -0.19
C ASP F 536 33.93 3.23 1.27
N THR F 537 34.94 3.33 2.11
CA THR F 537 34.80 3.81 3.47
C THR F 537 35.77 4.97 3.67
N LEU F 538 35.50 5.79 4.69
CA LEU F 538 36.41 6.89 5.00
C LEU F 538 37.76 6.40 5.49
N THR F 539 37.86 5.12 5.88
CA THR F 539 39.15 4.49 6.14
C THR F 539 39.76 4.08 4.81
N ASP F 540 40.80 4.80 4.39
CA ASP F 540 41.41 4.51 3.10
C ASP F 540 41.90 3.07 3.06
N GLY F 541 41.70 2.41 1.92
CA GLY F 541 42.12 1.05 1.73
C GLY F 541 41.15 0.00 2.22
N VAL F 542 39.99 0.38 2.74
CA VAL F 542 38.98 -0.56 3.20
C VAL F 542 37.68 -0.27 2.46
N TYR F 543 37.08 -1.31 1.90
CA TYR F 543 35.90 -1.18 1.05
C TYR F 543 34.82 -2.14 1.54
N LEU F 544 33.59 -1.89 1.09
CA LEU F 544 32.42 -2.66 1.50
C LEU F 544 31.79 -3.33 0.30
N ALA F 545 31.21 -4.51 0.52
CA ALA F 545 30.57 -5.24 -0.57
C ALA F 545 29.46 -6.13 -0.01
N GLY F 546 28.28 -6.04 -0.62
CA GLY F 546 27.17 -6.89 -0.23
C GLY F 546 26.38 -6.30 0.92
N VAL F 547 25.60 -7.17 1.56
CA VAL F 547 24.71 -6.74 2.62
C VAL F 547 25.47 -6.18 3.82
N ALA F 548 26.79 -6.35 3.88
CA ALA F 548 27.57 -5.66 4.90
C ALA F 548 27.28 -4.17 4.87
N GLN F 549 27.10 -3.59 3.68
CA GLN F 549 26.79 -2.17 3.57
C GLN F 549 25.30 -1.87 3.76
N GLY F 550 24.45 -2.88 3.78
CA GLY F 550 23.03 -2.68 3.99
C GLY F 550 22.20 -3.73 3.27
N PRO F 551 20.96 -3.95 3.70
CA PRO F 551 20.14 -5.00 3.06
C PRO F 551 20.02 -4.78 1.55
N LYS F 552 20.09 -5.87 0.79
CA LYS F 552 19.93 -5.82 -0.66
C LYS F 552 19.94 -7.24 -1.21
N ASP F 553 19.50 -7.39 -2.46
CA ASP F 553 19.40 -8.69 -3.09
C ASP F 553 20.73 -9.09 -3.74
N ILE F 554 20.73 -10.25 -4.40
CA ILE F 554 21.96 -10.87 -4.89
C ILE F 554 22.57 -10.05 -6.02
N PRO F 555 21.84 -9.67 -7.08
CA PRO F 555 22.48 -8.89 -8.15
C PRO F 555 23.10 -7.58 -7.65
N ASP F 556 22.42 -6.88 -6.74
CA ASP F 556 22.98 -5.64 -6.20
C ASP F 556 24.25 -5.92 -5.42
N ALA F 557 24.25 -6.98 -4.60
CA ALA F 557 25.44 -7.34 -3.85
C ALA F 557 26.59 -7.73 -4.78
N VAL F 558 26.29 -8.47 -5.85
CA VAL F 558 27.32 -8.88 -6.80
C VAL F 558 27.92 -7.65 -7.49
N ALA F 559 27.07 -6.71 -7.92
CA ALA F 559 27.57 -5.47 -8.50
C ALA F 559 28.46 -4.74 -7.51
N GLN F 560 28.05 -4.68 -6.24
CA GLN F 560 28.88 -4.01 -5.25
C GLN F 560 30.23 -4.71 -5.08
N ALA F 561 30.23 -6.05 -5.09
CA ALA F 561 31.48 -6.79 -4.93
C ALA F 561 32.43 -6.52 -6.10
N SER F 562 31.90 -6.55 -7.32
CA SER F 562 32.72 -6.22 -8.49
C SER F 562 33.26 -4.79 -8.38
N GLY F 563 32.40 -3.86 -7.97
CA GLY F 563 32.84 -2.48 -7.83
C GLY F 563 33.93 -2.32 -6.80
N ALA F 564 33.79 -2.99 -5.65
CA ALA F 564 34.80 -2.93 -4.61
C ALA F 564 36.11 -3.52 -5.10
N ALA F 565 36.03 -4.60 -5.88
CA ALA F 565 37.25 -5.13 -6.49
C ALA F 565 37.94 -4.07 -7.33
N ALA F 566 37.18 -3.37 -8.18
CA ALA F 566 37.77 -2.30 -9.00
C ALA F 566 38.42 -1.22 -8.13
N ARG F 567 37.67 -0.74 -7.13
CA ARG F 567 38.16 0.37 -6.31
C ARG F 567 39.40 -0.02 -5.52
N ALA F 568 39.47 -1.26 -5.04
CA ALA F 568 40.65 -1.73 -4.34
C ALA F 568 41.81 -1.95 -5.30
N ALA F 569 41.53 -2.42 -6.52
CA ALA F 569 42.60 -2.65 -7.48
C ALA F 569 43.28 -1.35 -7.87
N ILE F 570 42.55 -0.24 -7.89
CA ILE F 570 43.14 1.02 -8.35
C ILE F 570 44.37 1.39 -7.52
N PRO F 571 44.28 1.51 -6.18
CA PRO F 571 45.50 1.81 -5.41
C PRO F 571 46.59 0.77 -5.58
N MET F 572 46.23 -0.50 -5.71
CA MET F 572 47.23 -1.55 -5.84
C MET F 572 47.91 -1.49 -7.20
N VAL F 573 47.17 -1.15 -8.24
CA VAL F 573 47.79 -0.93 -9.55
C VAL F 573 48.74 0.26 -9.50
N LYS F 574 48.32 1.35 -8.85
CA LYS F 574 49.17 2.52 -8.76
C LYS F 574 50.47 2.19 -8.02
N GLY F 575 50.39 1.41 -6.95
CA GLY F 575 51.55 0.95 -6.23
C GLY F 575 52.09 1.91 -5.19
N GLU F 576 51.51 3.10 -5.06
CA GLU F 576 52.00 4.10 -4.12
C GLU F 576 50.85 4.90 -3.53
S1 9S8 G . -24.87 6.92 -21.60
FE2 9S8 G . -24.22 5.25 -19.94
S3 9S8 G . -24.78 3.25 -20.40
FE4 9S8 G . -25.84 4.60 -21.99
S5 9S8 G . -25.03 4.21 -24.30
FE6 9S8 G . -27.40 5.15 -24.27
S7 9S8 G . -28.37 4.64 -22.06
FE9 9S8 G . -27.43 6.77 -21.79
S1 9S8 H . -33.94 -3.02 -28.22
FE2 9S8 H . -35.69 -3.39 -26.44
S3 9S8 H . -35.28 -1.53 -24.90
FE4 9S8 H . -33.83 -1.01 -26.60
S5 9S8 H . -33.96 0.92 -27.76
FE6 9S8 H . -31.74 0.24 -28.11
S7 9S8 H . -31.20 -1.06 -25.91
FE9 9S8 H . -31.85 -2.90 -27.70
S1 9S8 I . -12.15 -0.97 34.12
FE2 9S8 I . -10.23 -1.73 35.48
S3 9S8 I . -8.10 -1.20 34.20
FE4 9S8 I . -10.09 -1.34 32.70
S5 9S8 I . -9.86 -0.11 30.71
FE6 9S8 I . -9.99 -2.15 30.12
S7 9S8 I . -9.90 -3.77 31.94
FE9 9S8 I . -11.92 -3.08 33.39
S1 9S8 J . -11.45 4.92 38.61
FE2 9S8 J . -10.93 3.56 40.78
S3 9S8 J . -13.07 3.32 41.76
FE4 9S8 J . -13.24 5.28 40.62
S5 9S8 J . -15.28 6.11 39.95
FE6 9S8 J . -14.43 7.94 41.32
S7 9S8 J . -12.12 7.18 41.94
FE9 9S8 J . -10.83 6.53 40.37
FE1 SF4 K . -10.22 -1.46 -9.73
FE2 SF4 K . -7.51 -1.06 -9.52
FE3 SF4 K . -8.54 -2.52 -11.61
FE4 SF4 K . -8.58 -3.58 -9.08
S1 SF4 K . -6.73 -3.04 -10.33
S2 SF4 K . -10.28 -3.59 -10.59
S3 SF4 K . -8.95 -1.68 -7.84
S4 SF4 K . -8.90 -0.30 -11.17
FE1 SF4 L . -19.34 2.48 -14.80
FE2 SF4 L . -18.90 2.47 -12.09
FE3 SF4 L . -17.52 0.75 -13.70
FE4 SF4 L . -20.20 0.37 -13.28
S1 SF4 L . -18.54 0.25 -11.72
S2 SF4 L . -19.10 0.27 -15.27
S3 SF4 L . -20.92 2.53 -13.15
S4 SF4 L . -17.41 3.03 -13.71
FE1 SF4 M . -9.48 2.32 22.13
FE2 SF4 M . -8.30 0.02 23.03
FE3 SF4 M . -7.11 1.49 21.02
FE4 SF4 M . -9.41 0.10 20.51
S1 SF4 M . -7.39 -0.78 21.09
S2 SF4 M . -8.94 2.24 19.90
S3 SF4 M . -10.50 0.32 22.52
S4 SF4 M . -7.47 2.14 23.19
FE1 SF4 N . -1.56 4.50 12.10
FE2 SF4 N . -0.31 3.32 14.25
FE3 SF4 N . -0.85 1.82 12.00
FE4 SF4 N . -2.89 2.65 13.64
S1 SF4 N . -1.21 1.22 14.18
S2 SF4 N . -2.84 2.77 11.35
S3 SF4 N . -2.12 4.70 14.29
S4 SF4 N . 0.57 3.60 12.16
FE1 SF4 O . 23.58 32.01 -35.61
FE2 SF4 O . 23.11 33.27 -33.23
FE3 SF4 O . 23.62 34.75 -35.47
FE4 SF4 O . 25.63 33.28 -34.33
S1 SF4 O . 24.52 35.05 -33.41
S2 SF4 O . 25.12 33.41 -36.55
S3 SF4 O . 24.47 31.47 -33.59
S4 SF4 O . 21.83 33.38 -35.11
FE1 SF4 P . 31.34 31.97 -27.64
FE2 SF4 P . 33.37 32.58 -25.90
FE3 SF4 P . 33.84 32.52 -28.60
FE4 SF4 P . 33.39 30.20 -27.24
S1 SF4 P . 35.15 31.62 -26.96
S2 SF4 P . 32.48 30.82 -29.24
S3 SF4 P . 31.86 30.89 -25.69
S4 SF4 P . 32.46 33.95 -27.48
FE1 SF4 Q . 5.10 3.71 -8.79
FE2 SF4 Q . 6.88 4.17 -6.77
FE3 SF4 Q . 7.58 4.75 -9.38
FE4 SF4 Q . 7.34 2.14 -8.57
S1 SF4 Q . 8.86 3.67 -7.82
S2 SF4 Q . 6.50 3.07 -10.48
S3 SF4 Q . 5.61 2.30 -7.06
S4 SF4 Q . 5.90 5.73 -8.13
PA FAD R . 21.87 8.99 -17.44
O1A FAD R . 21.90 9.88 -16.25
O2A FAD R . 20.62 8.95 -18.26
O5B FAD R . 23.10 9.35 -18.40
C5B FAD R . 23.25 8.68 -19.68
C4B FAD R . 24.14 9.50 -20.58
O4B FAD R . 24.31 8.81 -21.85
C3B FAD R . 23.62 10.90 -20.95
O3B FAD R . 24.69 11.84 -20.98
C2B FAD R . 23.04 10.68 -22.34
O2B FAD R . 22.94 11.87 -23.12
C1B FAD R . 24.07 9.71 -22.90
N9A FAD R . 23.62 8.94 -24.06
C8A FAD R . 22.38 8.38 -24.26
N7A FAD R . 22.31 7.74 -25.39
C5A FAD R . 23.56 7.88 -25.97
C6A FAD R . 24.12 7.41 -27.18
N6A FAD R . 23.44 6.68 -28.07
N1A FAD R . 25.41 7.73 -27.44
C2A FAD R . 26.08 8.46 -26.54
N3A FAD R . 25.66 8.95 -25.37
C4A FAD R . 24.38 8.62 -25.14
N1 FAD R . 18.68 9.02 -8.21
C2 FAD R . 19.18 9.23 -6.99
O2 FAD R . 20.06 8.49 -6.53
N3 FAD R . 18.78 10.27 -6.21
C4 FAD R . 17.82 11.16 -6.63
O4 FAD R . 17.47 12.06 -5.89
C4X FAD R . 17.24 10.95 -7.90
N5 FAD R . 16.32 11.77 -8.31
C5X FAD R . 15.77 11.54 -9.54
C6 FAD R . 14.76 12.41 -9.99
C7 FAD R . 14.16 12.25 -11.22
C7M FAD R . 13.07 13.20 -11.65
C8 FAD R . 14.56 11.17 -12.04
C8M FAD R . 13.92 10.96 -13.40
C9 FAD R . 15.56 10.32 -11.63
C9A FAD R . 16.18 10.47 -10.37
N10 FAD R . 17.19 9.62 -9.90
C10 FAD R . 17.74 9.83 -8.65
C1' FAD R . 17.69 8.49 -10.70
C2' FAD R . 18.94 8.91 -11.45
O2' FAD R . 18.61 9.95 -12.35
C3' FAD R . 19.61 7.76 -12.22
O3' FAD R . 19.85 6.69 -11.31
C4' FAD R . 20.91 8.15 -12.91
O4' FAD R . 20.76 9.40 -13.58
C5' FAD R . 21.38 7.13 -13.92
O5' FAD R . 22.61 7.61 -14.54
P FAD R . 23.18 6.90 -15.86
O1P FAD R . 24.55 7.44 -16.07
O2P FAD R . 22.95 5.43 -15.77
O3P FAD R . 22.20 7.50 -16.97
H51A FAD R . 23.64 7.78 -19.56
H52A FAD R . 22.36 8.58 -20.11
H4B FAD R . 25.02 9.59 -20.15
H3B FAD R . 22.92 11.20 -20.31
HO3A FAD R . 24.38 12.58 -21.21
H2B FAD R . 22.16 10.25 -22.28
HO2A FAD R . 22.45 12.41 -22.73
H1B FAD R . 24.89 10.21 -23.13
H8A FAD R . 21.63 8.46 -23.64
H61A FAD R . 23.85 6.42 -28.82
H62A FAD R . 22.59 6.47 -27.90
H2A FAD R . 27.00 8.67 -26.77
HN3 FAD R . 19.16 10.37 -5.40
H6 FAD R . 14.49 13.14 -9.41
HM71 FAD R . 12.19 12.80 -11.47
HM72 FAD R . 13.16 14.05 -11.16
HM73 FAD R . 13.15 13.38 -12.62
HM81 FAD R . 14.00 10.01 -13.66
HM82 FAD R . 12.97 11.22 -13.36
HM83 FAD R . 14.38 11.52 -14.07
H9 FAD R . 15.82 9.58 -12.21
H1'1 FAD R . 16.99 8.20 -11.35
H1'2 FAD R . 17.90 7.73 -10.11
H2' FAD R . 19.60 9.26 -10.80
HO2' FAD R . 18.02 9.68 -12.87
H3' FAD R . 18.97 7.44 -12.91
HO3' FAD R . 20.22 6.06 -11.73
H4' FAD R . 21.61 8.25 -12.22
HO4' FAD R . 21.49 9.64 -13.92
H5'1 FAD R . 20.69 7.01 -14.62
H5'2 FAD R . 21.55 6.25 -13.47
PA FAD S . 25.99 -13.32 3.18
O1A FAD S . 25.21 -14.15 2.22
O2A FAD S . 25.41 -13.12 4.54
O5B FAD S . 27.47 -13.93 3.33
C5B FAD S . 28.39 -13.35 4.30
C4B FAD S . 29.47 -14.35 4.60
O4B FAD S . 30.42 -13.76 5.53
C3B FAD S . 29.02 -15.67 5.27
O3B FAD S . 29.77 -16.76 4.77
C2B FAD S . 29.34 -15.42 6.75
O2B FAD S . 29.49 -16.60 7.51
C1B FAD S . 30.65 -14.66 6.60
N9A FAD S . 31.04 -13.88 7.77
C8A FAD S . 30.22 -13.14 8.59
N7A FAD S . 30.88 -12.55 9.55
C5A FAD S . 32.20 -12.92 9.35
C6A FAD S . 33.39 -12.61 10.05
N6A FAD S . 33.43 -11.83 11.12
N1A FAD S . 34.54 -13.15 9.58
C2A FAD S . 34.48 -13.95 8.50
N3A FAD S . 33.43 -14.30 7.76
C4A FAD S . 32.30 -13.74 8.25
N1 FAD S . 18.35 -12.36 -2.81
C2 FAD S . 18.06 -12.60 -4.10
O2 FAD S . 18.65 -12.00 -4.98
N3 FAD S . 17.13 -13.52 -4.48
C4 FAD S . 16.43 -14.26 -3.57
O4 FAD S . 15.60 -15.06 -3.96
C4X FAD S . 16.68 -14.02 -2.20
N5 FAD S . 16.00 -14.70 -1.31
C5X FAD S . 16.26 -14.44 0.01
C6 FAD S . 15.53 -15.17 0.98
C7 FAD S . 15.72 -14.97 2.33
C7M FAD S . 14.91 -15.76 3.32
C8 FAD S . 16.68 -14.02 2.75
C8M FAD S . 16.91 -13.77 4.22
C9 FAD S . 17.42 -13.32 1.81
C9A FAD S . 17.22 -13.51 0.43
N10 FAD S . 17.92 -12.80 -0.55
C10 FAD S . 17.68 -13.04 -1.89
C1' FAD S . 18.96 -11.82 -0.21
C2' FAD S . 20.34 -12.46 -0.27
O2' FAD S . 20.38 -13.49 0.70
C3' FAD S . 21.49 -11.48 -0.01
O3' FAD S . 21.38 -10.40 -0.94
C4' FAD S . 22.87 -12.11 -0.13
O4' FAD S . 22.91 -13.34 0.58
C5' FAD S . 23.98 -11.23 0.39
O5' FAD S . 25.24 -11.94 0.27
P FAD S . 26.54 -11.40 1.03
O1P FAD S . 27.71 -12.16 0.50
O2P FAD S . 26.56 -9.91 1.02
O3P FAD S . 26.25 -11.88 2.53
H51A FAD S . 28.80 -12.53 3.93
H52A FAD S . 27.91 -13.12 5.13
H4B FAD S . 29.96 -14.56 3.77
H3B FAD S . 28.05 -15.81 5.14
HO3A FAD S . 29.52 -17.46 5.16
H2B FAD S . 28.65 -14.84 7.15
HO2A FAD S . 28.78 -17.04 7.47
H1B FAD S . 31.37 -15.30 6.37
H8A FAD S . 29.26 -13.06 8.48
H61A FAD S . 34.23 -11.67 11.51
H62A FAD S . 32.68 -11.47 11.43
H2A FAD S . 35.34 -14.31 8.21
HN3 FAD S . 17.00 -13.65 -5.36
H6 FAD S . 14.87 -15.82 0.68
HM71 FAD S . 15.51 -16.13 4.01
HM72 FAD S . 14.43 -16.49 2.86
HM73 FAD S . 14.25 -15.16 3.75
HM81 FAD S . 17.80 -13.36 4.35
HM82 FAD S . 16.87 -14.63 4.71
HM83 FAD S . 16.22 -13.16 4.57
H9 FAD S . 18.06 -12.66 2.13
H1'1 FAD S . 18.80 -11.45 0.70
H1'2 FAD S . 18.92 -11.06 -0.84
H2' FAD S . 20.46 -12.87 -1.16
HO2' FAD S . 20.22 -13.16 1.45
H3' FAD S . 21.40 -11.10 0.91
H4' FAD S . 23.05 -12.30 -1.09
HO4' FAD S . 23.65 -13.73 0.48
H5'1 FAD S . 23.81 -11.01 1.34
H5'2 FAD S . 24.01 -10.39 -0.12
FE1 SF4 T . 35.54 -38.03 7.72
FE2 SF4 T . 38.03 -39.03 7.20
FE3 SF4 T . 37.30 -36.59 6.20
FE4 SF4 T . 36.17 -38.88 5.20
S1 SF4 T . 38.36 -38.27 5.08
S2 SF4 T . 35.08 -36.95 5.76
S3 SF4 T . 36.04 -40.15 7.08
S4 SF4 T . 37.54 -37.15 8.39
FE1 SF4 U . 10.58 -6.34 3.94
FE2 SF4 U . 8.34 -4.97 4.75
FE3 SF4 U . 8.66 -5.59 2.11
FE4 SF4 U . 10.28 -3.70 3.28
S1 SF4 U . 8.01 -3.58 2.99
S2 SF4 U . 10.93 -5.38 1.90
S3 SF4 U . 10.51 -4.57 5.39
S4 SF4 U . 8.41 -7.06 3.84
FE1 SF4 V . 31.59 -38.22 16.94
FE2 SF4 V . 33.47 -37.18 18.63
FE3 SF4 V . 34.24 -38.70 16.49
FE4 SF4 V . 32.97 -39.87 18.63
S1 SF4 V . 35.02 -38.86 18.63
S2 SF4 V . 32.53 -40.22 16.41
S3 SF4 V . 31.53 -38.22 19.23
S4 SF4 V . 33.18 -36.68 16.43
#